data_8R4F
#
_entry.id   8R4F
#
_cell.length_a   90.530
_cell.length_b   167.277
_cell.length_c   229.621
_cell.angle_alpha   90.00
_cell.angle_beta   90.00
_cell.angle_gamma   90.00
#
_symmetry.space_group_name_H-M   'P 21 21 21'
#
loop_
_entity.id
_entity.type
_entity.pdbx_description
1 polymer 'Copper efflux oxidase'
2 non-polymer 'COPPER (II) ION'
3 non-polymer 1,2-ETHANEDIOL
4 water water
#
_entity_poly.entity_id   1
_entity_poly.type   'polypeptide(L)'
_entity_poly.pdbx_seq_one_letter_code
;AEHPTLPIPALLTPDAAGKIALNVQTGSMKWKAGMQTPTWGINGPLLGPAMRLQRGKDVAINVTNALPEATTMHWHGMEI
PGTSDGGPQAVIEPGKMWTAEIKVDQPATTAWFHPHTHGLTGRQVAMGLGGLIIIDDEESTKLPLPKEWGVDDVPVILQD
KRLDAKGHIDYQLDIITAAVGWFGDMMLTNGTVYPQHLAPRGWLRLRFLNGCNARSLNLATSDGRPLYVVGSDGGLLGEP
VKLTELPILMGERFEVLVDTRDGKAFDIITLPVKQMGMTLPPFDRALPVLHIQPTLKSNEAKLPDALVNMPAVPAADNVK
TRWLQLMMDPQLDMMGMQMMMQRYGMASMAGMDMKGHGNMAGMDHGQMQGQMTHGQMGHGKMHHGGMEQDNQMSAGYDFM
HGNKINGIAFDMAKPMFDVKRGTYEKWTISGEGDMMLHPFHIHGTQFRILSENGKPPAAHRSGWKDTVRVEGWRSEVLVK
FDHEAPKERAYMAHCHLLEHEDTGMMMSFTVSSAWSHPQFEK
;
_entity_poly.pdbx_strand_id   A,B,C,D,E
#
loop_
_chem_comp.id
_chem_comp.type
_chem_comp.name
_chem_comp.formula
CU non-polymer 'COPPER (II) ION' 'Cu 2'
EDO non-polymer 1,2-ETHANEDIOL 'C2 H6 O2'
#
# COMPACT_ATOMS: atom_id res chain seq x y z
N ALA A 1 -22.34 14.24 -2.92
CA ALA A 1 -21.58 15.38 -3.44
C ALA A 1 -22.43 16.64 -3.49
N GLU A 2 -23.70 16.51 -4.02
CA GLU A 2 -24.72 17.56 -4.19
C GLU A 2 -24.24 18.74 -5.08
N HIS A 3 -23.24 19.53 -4.62
CA HIS A 3 -22.69 20.61 -5.40
C HIS A 3 -21.87 20.00 -6.52
N PRO A 4 -22.28 20.24 -7.76
CA PRO A 4 -21.52 19.69 -8.89
C PRO A 4 -20.14 20.30 -9.03
N THR A 5 -19.21 19.57 -9.66
CA THR A 5 -17.84 20.06 -9.85
C THR A 5 -17.83 21.26 -10.79
N LEU A 6 -17.10 22.32 -10.43
CA LEU A 6 -16.97 23.52 -11.24
C LEU A 6 -16.28 23.16 -12.55
N PRO A 7 -16.96 23.32 -13.69
CA PRO A 7 -16.33 22.97 -14.97
C PRO A 7 -15.19 23.90 -15.31
N ILE A 8 -14.11 23.35 -15.84
CA ILE A 8 -12.98 24.17 -16.25
C ILE A 8 -12.88 24.21 -17.76
N PRO A 9 -12.94 25.41 -18.35
CA PRO A 9 -12.83 25.52 -19.81
C PRO A 9 -11.52 24.94 -20.32
N ALA A 10 -11.60 24.16 -21.39
CA ALA A 10 -10.42 23.55 -21.97
C ALA A 10 -9.48 24.60 -22.54
N LEU A 11 -8.21 24.55 -22.14
CA LEU A 11 -7.21 25.48 -22.63
C LEU A 11 -6.98 25.21 -24.11
N LEU A 12 -6.86 26.27 -24.90
CA LEU A 12 -6.69 26.12 -26.33
C LEU A 12 -5.58 27.00 -26.86
N THR A 13 -4.41 26.39 -27.07
CA THR A 13 -3.23 27.10 -27.60
C THR A 13 -3.18 27.00 -29.12
N PRO A 14 -2.47 27.92 -29.80
CA PRO A 14 -2.39 27.83 -31.26
C PRO A 14 -1.64 26.57 -31.71
N ASP A 15 -2.10 25.92 -32.79
CA ASP A 15 -1.46 24.72 -33.30
C ASP A 15 -0.09 25.04 -33.99
N ALA A 16 0.53 24.04 -34.65
CA ALA A 16 1.81 24.23 -35.33
C ALA A 16 1.71 25.29 -36.44
N ALA A 17 0.57 25.33 -37.15
CA ALA A 17 0.35 26.33 -38.19
C ALA A 17 0.06 27.75 -37.66
N GLY A 18 -0.03 27.91 -36.33
CA GLY A 18 -0.33 29.17 -35.68
C GLY A 18 -1.79 29.56 -35.83
N LYS A 19 -2.68 28.59 -35.65
CA LYS A 19 -4.12 28.80 -35.79
C LYS A 19 -4.89 28.22 -34.60
N ILE A 20 -6.12 28.75 -34.38
CA ILE A 20 -7.01 28.25 -33.33
C ILE A 20 -8.37 28.05 -33.99
N ALA A 21 -8.93 26.84 -33.90
CA ALA A 21 -10.23 26.57 -34.52
C ALA A 21 -11.38 26.67 -33.52
N LEU A 22 -12.33 27.59 -33.78
CA LEU A 22 -13.48 27.76 -32.91
C LEU A 22 -14.74 27.38 -33.67
N ASN A 23 -15.52 26.46 -33.11
CA ASN A 23 -16.74 26.00 -33.75
C ASN A 23 -17.95 26.49 -32.96
N VAL A 24 -18.69 27.47 -33.51
CA VAL A 24 -19.86 28.01 -32.83
C VAL A 24 -21.02 27.09 -33.13
N GLN A 25 -21.35 26.19 -32.22
CA GLN A 25 -22.33 25.14 -32.43
C GLN A 25 -23.50 25.10 -31.46
N THR A 26 -24.57 24.37 -31.81
CA THR A 26 -25.73 24.19 -30.94
C THR A 26 -25.47 23.06 -29.92
N GLY A 27 -26.23 23.05 -28.84
CA GLY A 27 -26.11 22.03 -27.81
C GLY A 27 -27.29 22.00 -26.86
N SER A 28 -27.06 21.52 -25.64
CA SER A 28 -28.08 21.49 -24.62
C SER A 28 -27.48 21.38 -23.22
N MET A 29 -28.18 21.92 -22.23
CA MET A 29 -27.72 21.87 -20.85
C MET A 29 -28.86 21.40 -19.98
N LYS A 30 -28.56 20.86 -18.79
CA LYS A 30 -29.62 20.42 -17.89
C LYS A 30 -29.63 21.29 -16.64
N TRP A 31 -30.58 22.21 -16.55
CA TRP A 31 -30.66 23.11 -15.40
C TRP A 31 -31.95 22.96 -14.60
N LYS A 32 -33.00 22.41 -15.20
CA LYS A 32 -34.27 22.22 -14.53
C LYS A 32 -34.67 20.77 -14.76
N ALA A 33 -35.06 20.07 -13.69
CA ALA A 33 -35.46 18.68 -13.81
C ALA A 33 -36.66 18.52 -14.72
N GLY A 34 -36.58 17.54 -15.59
CA GLY A 34 -37.61 17.22 -16.56
C GLY A 34 -37.14 17.52 -17.96
N MET A 35 -37.02 18.81 -18.26
CA MET A 35 -36.60 19.25 -19.59
C MET A 35 -35.09 19.55 -19.67
N GLN A 36 -34.58 19.52 -20.90
CA GLN A 36 -33.22 19.89 -21.21
C GLN A 36 -33.28 21.17 -22.03
N THR A 37 -32.56 22.19 -21.60
CA THR A 37 -32.56 23.49 -22.27
C THR A 37 -31.70 23.50 -23.52
N PRO A 38 -32.26 23.93 -24.66
CA PRO A 38 -31.45 24.06 -25.88
C PRO A 38 -30.51 25.26 -25.74
N THR A 39 -29.22 25.05 -25.90
CA THR A 39 -28.22 26.10 -25.74
C THR A 39 -27.29 26.23 -26.99
N TRP A 40 -26.37 27.20 -26.97
CA TRP A 40 -25.35 27.41 -27.97
C TRP A 40 -24.04 27.50 -27.22
N GLY A 41 -22.99 26.99 -27.83
CA GLY A 41 -21.68 27.01 -27.21
C GLY A 41 -20.58 27.09 -28.25
N ILE A 42 -19.39 27.43 -27.80
CA ILE A 42 -18.22 27.51 -28.65
C ILE A 42 -17.36 26.31 -28.25
N ASN A 43 -17.16 25.37 -29.20
CA ASN A 43 -16.47 24.11 -28.95
C ASN A 43 -17.17 23.29 -27.86
N GLY A 44 -18.49 23.44 -27.73
CA GLY A 44 -19.25 22.74 -26.71
C GLY A 44 -20.70 23.17 -26.63
N PRO A 45 -21.47 22.61 -25.69
CA PRO A 45 -22.90 22.97 -25.60
C PRO A 45 -23.19 24.33 -24.99
N LEU A 46 -22.23 24.90 -24.25
CA LEU A 46 -22.37 26.18 -23.58
C LEU A 46 -21.00 26.79 -23.34
N LEU A 47 -20.96 28.13 -23.27
CA LEU A 47 -19.77 28.96 -23.07
C LEU A 47 -18.66 28.57 -24.06
N GLY A 48 -17.39 28.67 -23.70
CA GLY A 48 -16.33 28.32 -24.62
C GLY A 48 -14.99 27.97 -24.01
N PRO A 49 -14.01 27.73 -24.89
CA PRO A 49 -12.67 27.40 -24.41
C PRO A 49 -11.91 28.62 -23.91
N ALA A 50 -10.80 28.38 -23.23
CA ALA A 50 -9.93 29.45 -22.76
C ALA A 50 -8.75 29.50 -23.71
N MET A 51 -8.77 30.42 -24.68
CA MET A 51 -7.67 30.53 -25.62
C MET A 51 -6.45 31.14 -24.96
N ARG A 52 -5.38 30.35 -24.75
CA ARG A 52 -4.17 30.87 -24.12
C ARG A 52 -3.20 31.38 -25.18
N LEU A 53 -2.89 32.68 -25.13
CA LEU A 53 -2.01 33.31 -26.10
C LEU A 53 -0.81 33.96 -25.41
N GLN A 54 0.35 33.94 -26.10
CA GLN A 54 1.56 34.55 -25.54
C GLN A 54 1.80 35.91 -26.20
N ARG A 55 2.20 36.91 -25.40
CA ARG A 55 2.44 38.26 -25.91
C ARG A 55 3.53 38.27 -26.97
N GLY A 56 3.25 38.90 -28.10
CA GLY A 56 4.19 38.99 -29.20
C GLY A 56 3.91 38.02 -30.33
N LYS A 57 3.33 36.87 -29.99
CA LYS A 57 3.05 35.83 -30.97
C LYS A 57 1.79 36.10 -31.81
N ASP A 58 1.86 35.80 -33.11
CA ASP A 58 0.73 35.97 -34.01
C ASP A 58 -0.16 34.72 -33.94
N VAL A 59 -1.46 34.88 -34.25
CA VAL A 59 -2.43 33.78 -34.26
C VAL A 59 -3.60 34.12 -35.19
N ALA A 60 -4.13 33.12 -35.89
CA ALA A 60 -5.28 33.32 -36.77
C ALA A 60 -6.41 32.48 -36.24
N ILE A 61 -7.47 33.12 -35.73
CA ILE A 61 -8.61 32.40 -35.17
C ILE A 61 -9.65 32.11 -36.24
N ASN A 62 -9.97 30.83 -36.42
CA ASN A 62 -10.92 30.39 -37.43
C ASN A 62 -12.28 30.05 -36.84
N VAL A 63 -13.19 31.03 -36.86
CA VAL A 63 -14.52 30.87 -36.32
C VAL A 63 -15.50 30.31 -37.36
N THR A 64 -15.98 29.08 -37.16
CA THR A 64 -16.90 28.45 -38.10
C THR A 64 -18.29 28.45 -37.48
N ASN A 65 -19.29 28.94 -38.23
CA ASN A 65 -20.64 29.03 -37.72
C ASN A 65 -21.49 27.77 -37.93
N ALA A 66 -21.58 26.91 -36.91
CA ALA A 66 -22.43 25.72 -36.99
C ALA A 66 -23.83 26.01 -36.40
N LEU A 67 -24.31 27.26 -36.53
CA LEU A 67 -25.62 27.68 -36.01
C LEU A 67 -26.61 27.94 -37.14
N PRO A 68 -27.93 27.86 -36.87
CA PRO A 68 -28.90 28.15 -37.93
C PRO A 68 -28.97 29.62 -38.33
N GLU A 69 -28.49 30.52 -37.47
CA GLU A 69 -28.49 31.95 -37.79
C GLU A 69 -27.11 32.59 -37.68
N ALA A 70 -26.93 33.73 -38.34
CA ALA A 70 -25.64 34.43 -38.38
C ALA A 70 -25.22 34.93 -37.01
N THR A 71 -23.92 35.02 -36.80
CA THR A 71 -23.34 35.50 -35.55
C THR A 71 -22.03 36.22 -35.85
N THR A 72 -21.47 36.92 -34.87
CA THR A 72 -20.19 37.61 -34.97
C THR A 72 -19.33 37.22 -33.73
N MET A 73 -18.08 37.71 -33.62
CA MET A 73 -17.24 37.38 -32.47
C MET A 73 -16.30 38.52 -32.06
N HIS A 74 -16.67 39.28 -31.01
CA HIS A 74 -15.87 40.39 -30.48
C HIS A 74 -14.83 39.88 -29.51
N TRP A 75 -13.58 40.33 -29.68
CA TRP A 75 -12.50 39.93 -28.79
C TRP A 75 -12.37 41.01 -27.74
N HIS A 76 -13.26 40.97 -26.73
CA HIS A 76 -13.35 41.96 -25.65
C HIS A 76 -12.05 42.13 -24.89
N GLY A 77 -11.52 43.34 -24.91
CA GLY A 77 -10.30 43.68 -24.21
C GLY A 77 -9.02 43.61 -25.03
N MET A 78 -9.13 43.17 -26.28
CA MET A 78 -7.97 43.05 -27.15
C MET A 78 -7.58 44.33 -27.86
N GLU A 79 -6.31 44.74 -27.69
CA GLU A 79 -5.76 45.92 -28.35
C GLU A 79 -5.28 45.44 -29.71
N ILE A 80 -6.23 45.33 -30.66
CA ILE A 80 -6.02 44.84 -32.01
C ILE A 80 -6.63 45.82 -33.03
N PRO A 81 -6.25 45.75 -34.33
CA PRO A 81 -6.88 46.63 -35.32
C PRO A 81 -8.35 46.31 -35.53
N GLY A 82 -9.11 47.29 -35.98
CA GLY A 82 -10.54 47.12 -36.23
C GLY A 82 -10.84 46.03 -37.23
N THR A 83 -9.91 45.80 -38.17
CA THR A 83 -9.95 44.77 -39.20
C THR A 83 -9.76 43.35 -38.67
N SER A 84 -9.71 43.17 -37.34
CA SER A 84 -9.55 41.85 -36.73
C SER A 84 -10.54 41.59 -35.58
N ASP A 85 -11.34 42.60 -35.18
CA ASP A 85 -12.24 42.49 -34.05
C ASP A 85 -13.55 41.80 -34.34
N GLY A 86 -14.08 41.99 -35.55
CA GLY A 86 -15.35 41.37 -35.91
C GLY A 86 -16.55 41.74 -35.06
N GLY A 87 -17.35 42.65 -35.57
CA GLY A 87 -18.59 43.08 -34.94
C GLY A 87 -19.69 43.03 -35.98
N PRO A 88 -20.56 44.04 -36.02
CA PRO A 88 -21.64 44.03 -37.03
C PRO A 88 -21.18 44.23 -38.47
N GLN A 89 -19.94 44.65 -38.68
CA GLN A 89 -19.40 44.80 -40.05
C GLN A 89 -18.63 43.53 -40.50
N ALA A 90 -18.62 42.46 -39.69
CA ALA A 90 -17.92 41.21 -39.99
C ALA A 90 -18.80 40.05 -39.55
N VAL A 91 -19.94 39.92 -40.23
CA VAL A 91 -20.93 38.90 -39.94
C VAL A 91 -20.55 37.54 -40.48
N ILE A 92 -20.56 36.52 -39.60
CA ILE A 92 -20.25 35.15 -39.97
C ILE A 92 -21.56 34.46 -40.28
N GLU A 93 -21.89 34.30 -41.57
CA GLU A 93 -23.16 33.67 -41.98
C GLU A 93 -23.19 32.17 -41.63
N PRO A 94 -24.39 31.58 -41.43
CA PRO A 94 -24.45 30.15 -41.09
C PRO A 94 -23.73 29.25 -42.09
N GLY A 95 -22.95 28.31 -41.56
CA GLY A 95 -22.17 27.38 -42.36
C GLY A 95 -20.85 27.92 -42.89
N LYS A 96 -20.60 29.22 -42.72
CA LYS A 96 -19.37 29.83 -43.21
C LYS A 96 -18.32 30.00 -42.11
N MET A 97 -17.08 30.29 -42.50
CA MET A 97 -15.98 30.45 -41.56
C MET A 97 -15.33 31.82 -41.75
N TRP A 98 -15.06 32.50 -40.63
CA TRP A 98 -14.44 33.81 -40.64
C TRP A 98 -13.08 33.73 -39.92
N THR A 99 -12.05 34.36 -40.50
CA THR A 99 -10.72 34.33 -39.90
C THR A 99 -10.36 35.68 -39.30
N ALA A 100 -9.76 35.66 -38.11
CA ALA A 100 -9.31 36.87 -37.44
C ALA A 100 -7.84 36.78 -37.11
N GLU A 101 -7.00 37.59 -37.77
CA GLU A 101 -5.56 37.55 -37.50
C GLU A 101 -5.19 38.55 -36.41
N ILE A 102 -4.68 38.03 -35.30
CA ILE A 102 -4.32 38.83 -34.13
C ILE A 102 -2.84 38.69 -33.78
N LYS A 103 -2.15 39.82 -33.61
CA LYS A 103 -0.79 39.81 -33.12
C LYS A 103 -0.86 40.36 -31.71
N VAL A 104 -0.76 39.50 -30.70
CA VAL A 104 -0.88 39.90 -29.30
C VAL A 104 0.12 41.00 -28.92
N ASP A 105 -0.38 42.17 -28.49
CA ASP A 105 0.50 43.27 -28.11
C ASP A 105 -0.09 44.03 -26.92
N GLN A 106 -0.15 43.37 -25.77
CA GLN A 106 -0.69 43.95 -24.54
C GLN A 106 -0.29 43.12 -23.32
N PRO A 107 -0.28 43.73 -22.11
CA PRO A 107 0.09 42.97 -20.90
C PRO A 107 -0.69 41.68 -20.65
N ALA A 108 -0.22 40.85 -19.71
CA ALA A 108 -0.87 39.59 -19.35
C ALA A 108 -2.19 39.92 -18.69
N THR A 109 -3.27 39.31 -19.18
CA THR A 109 -4.63 39.66 -18.76
C THR A 109 -5.62 38.51 -18.92
N THR A 110 -6.78 38.62 -18.26
CA THR A 110 -7.89 37.72 -18.50
C THR A 110 -8.86 38.51 -19.38
N ALA A 111 -8.73 38.38 -20.69
CA ALA A 111 -9.63 39.01 -21.64
C ALA A 111 -10.77 37.97 -21.96
N TRP A 112 -11.78 38.33 -22.77
CA TRP A 112 -12.83 37.37 -23.11
C TRP A 112 -13.41 37.63 -24.51
N PHE A 113 -14.24 36.71 -25.00
CA PHE A 113 -14.85 36.87 -26.30
C PHE A 113 -16.32 36.50 -26.26
N HIS A 114 -17.11 37.14 -27.10
CA HIS A 114 -18.55 36.92 -27.15
C HIS A 114 -19.11 37.53 -28.44
N PRO A 115 -20.33 37.13 -28.87
CA PRO A 115 -20.89 37.74 -30.09
C PRO A 115 -21.21 39.22 -29.93
N HIS A 116 -21.17 39.95 -31.03
CA HIS A 116 -21.48 41.37 -31.05
C HIS A 116 -22.44 41.63 -32.22
N THR A 117 -23.46 40.78 -32.38
CA THR A 117 -24.43 40.85 -33.46
C THR A 117 -25.37 42.03 -33.29
N HIS A 118 -25.59 42.79 -34.39
CA HIS A 118 -26.46 43.96 -34.40
C HIS A 118 -27.86 43.64 -33.91
N GLY A 119 -28.24 44.26 -32.80
CA GLY A 119 -29.55 44.09 -32.21
C GLY A 119 -29.86 42.71 -31.66
N LEU A 120 -28.85 41.83 -31.63
CA LEU A 120 -29.01 40.46 -31.14
C LEU A 120 -27.94 40.04 -30.15
N THR A 121 -27.00 40.92 -29.79
CA THR A 121 -25.92 40.63 -28.85
C THR A 121 -26.42 40.04 -27.54
N GLY A 122 -27.47 40.63 -26.99
CA GLY A 122 -28.07 40.16 -25.76
C GLY A 122 -28.61 38.75 -25.93
N ARG A 123 -29.35 38.51 -27.02
CA ARG A 123 -29.92 37.20 -27.31
C ARG A 123 -28.86 36.12 -27.43
N GLN A 124 -27.84 36.36 -28.26
CA GLN A 124 -26.78 35.39 -28.51
C GLN A 124 -25.90 35.13 -27.27
N VAL A 125 -25.67 36.14 -26.39
CA VAL A 125 -24.91 35.93 -25.17
C VAL A 125 -25.73 35.11 -24.17
N ALA A 126 -27.03 35.43 -24.06
CA ALA A 126 -27.98 34.70 -23.21
C ALA A 126 -28.08 33.25 -23.65
N MET A 127 -27.99 33.00 -24.98
CA MET A 127 -28.02 31.65 -25.57
C MET A 127 -26.86 30.73 -25.12
N GLY A 128 -25.80 31.31 -24.57
CA GLY A 128 -24.67 30.54 -24.07
C GLY A 128 -23.36 30.78 -24.75
N LEU A 129 -23.31 31.67 -25.75
CA LEU A 129 -22.04 31.95 -26.41
C LEU A 129 -21.17 32.81 -25.50
N GLY A 130 -19.88 32.59 -25.62
CA GLY A 130 -18.89 33.24 -24.77
C GLY A 130 -17.63 32.39 -24.64
N GLY A 131 -16.64 32.91 -23.94
CA GLY A 131 -15.36 32.25 -23.81
C GLY A 131 -14.27 33.17 -23.29
N LEU A 132 -13.12 32.59 -22.92
CA LEU A 132 -12.04 33.37 -22.34
C LEU A 132 -10.80 33.49 -23.22
N ILE A 133 -9.97 34.50 -22.94
CA ILE A 133 -8.71 34.75 -23.63
C ILE A 133 -7.67 35.00 -22.56
N ILE A 134 -6.81 34.00 -22.31
CA ILE A 134 -5.75 34.15 -21.30
C ILE A 134 -4.46 34.60 -21.95
N ILE A 135 -4.06 35.85 -21.70
CA ILE A 135 -2.82 36.37 -22.25
C ILE A 135 -1.71 36.25 -21.23
N ASP A 136 -0.55 35.73 -21.66
CA ASP A 136 0.62 35.57 -20.80
C ASP A 136 1.74 36.44 -21.34
N ASP A 137 2.48 37.10 -20.46
CA ASP A 137 3.64 37.89 -20.87
C ASP A 137 4.87 37.50 -20.01
N GLU A 138 6.05 38.03 -20.32
CA GLU A 138 7.26 37.70 -19.59
C GLU A 138 7.27 38.21 -18.14
N GLU A 139 6.91 39.49 -17.93
CA GLU A 139 6.89 40.15 -16.63
C GLU A 139 6.02 39.43 -15.59
N SER A 140 4.84 38.93 -16.00
CA SER A 140 3.90 38.24 -15.12
C SER A 140 4.35 36.84 -14.73
N THR A 141 4.94 36.11 -15.69
CA THR A 141 5.40 34.73 -15.49
C THR A 141 6.37 34.61 -14.30
N LYS A 142 7.23 35.61 -14.11
CA LYS A 142 8.19 35.69 -13.02
C LYS A 142 7.56 35.76 -11.63
N LEU A 143 6.29 36.14 -11.53
CA LEU A 143 5.60 36.29 -10.26
C LEU A 143 5.17 34.96 -9.64
N PRO A 144 5.19 34.87 -8.30
CA PRO A 144 4.79 33.61 -7.64
C PRO A 144 3.27 33.43 -7.51
N LEU A 145 2.51 33.73 -8.58
CA LEU A 145 1.05 33.60 -8.55
C LEU A 145 0.64 32.20 -8.98
N PRO A 146 -0.51 31.71 -8.49
CA PRO A 146 -0.99 30.38 -8.92
C PRO A 146 -1.09 30.25 -10.43
N LYS A 147 -0.41 29.25 -11.01
CA LYS A 147 -0.40 29.07 -12.47
C LYS A 147 -1.05 27.78 -12.95
N GLU A 148 -1.27 26.81 -12.06
CA GLU A 148 -1.86 25.53 -12.45
C GLU A 148 -3.32 25.70 -12.78
N TRP A 149 -3.62 25.80 -14.08
CA TRP A 149 -4.96 26.00 -14.63
C TRP A 149 -5.93 24.95 -14.13
N GLY A 150 -7.11 25.39 -13.72
CA GLY A 150 -8.13 24.50 -13.22
C GLY A 150 -7.86 23.90 -11.84
N VAL A 151 -6.72 24.26 -11.24
CA VAL A 151 -6.35 23.75 -9.92
C VAL A 151 -6.25 24.93 -8.93
N ASP A 152 -5.35 25.88 -9.20
CA ASP A 152 -5.20 27.06 -8.36
C ASP A 152 -5.38 28.37 -9.16
N ASP A 153 -5.34 28.33 -10.50
CA ASP A 153 -5.59 29.45 -11.39
C ASP A 153 -6.90 29.08 -12.08
N VAL A 154 -8.02 29.47 -11.47
CA VAL A 154 -9.35 29.07 -11.90
C VAL A 154 -10.26 30.18 -12.47
N PRO A 155 -10.83 29.98 -13.65
CA PRO A 155 -11.75 30.98 -14.20
C PRO A 155 -13.17 30.86 -13.62
N VAL A 156 -13.79 32.00 -13.29
CA VAL A 156 -15.15 32.00 -12.74
C VAL A 156 -16.06 32.92 -13.56
N ILE A 157 -16.79 32.35 -14.53
CA ILE A 157 -17.68 33.12 -15.37
C ILE A 157 -19.06 33.13 -14.74
N LEU A 158 -19.48 34.27 -14.22
CA LEU A 158 -20.74 34.40 -13.53
C LEU A 158 -21.80 34.99 -14.43
N GLN A 159 -22.83 34.21 -14.75
CA GLN A 159 -23.92 34.66 -15.61
C GLN A 159 -25.25 34.30 -14.99
N ASP A 160 -26.28 35.15 -15.17
CA ASP A 160 -27.61 34.85 -14.68
C ASP A 160 -28.53 34.55 -15.88
N LYS A 161 -29.45 33.59 -15.73
CA LYS A 161 -30.36 33.23 -16.82
C LYS A 161 -31.77 33.01 -16.30
N ARG A 162 -32.76 32.95 -17.20
CA ARG A 162 -34.14 32.71 -16.81
C ARG A 162 -34.72 31.69 -17.76
N LEU A 163 -35.42 30.65 -17.24
CA LEU A 163 -36.01 29.65 -18.14
C LEU A 163 -37.51 29.76 -18.17
N ASP A 164 -38.12 29.38 -19.29
CA ASP A 164 -39.58 29.37 -19.40
C ASP A 164 -40.15 28.02 -18.92
N ALA A 165 -41.50 27.87 -18.93
CA ALA A 165 -42.19 26.65 -18.52
C ALA A 165 -41.70 25.44 -19.32
N LYS A 166 -41.45 25.63 -20.63
CA LYS A 166 -40.94 24.58 -21.51
C LYS A 166 -39.42 24.33 -21.35
N GLY A 167 -38.81 24.83 -20.28
CA GLY A 167 -37.39 24.65 -20.02
C GLY A 167 -36.47 25.30 -21.03
N HIS A 168 -36.95 26.28 -21.79
CA HIS A 168 -36.12 27.01 -22.76
C HIS A 168 -35.59 28.30 -22.16
N ILE A 169 -34.47 28.83 -22.68
CA ILE A 169 -33.97 30.13 -22.20
C ILE A 169 -34.98 31.21 -22.55
N ASP A 170 -35.60 31.80 -21.53
CA ASP A 170 -36.62 32.81 -21.68
C ASP A 170 -36.03 34.20 -22.00
N TYR A 171 -35.49 34.36 -23.20
CA TYR A 171 -34.92 35.64 -23.58
C TYR A 171 -35.93 36.50 -24.26
N GLN A 172 -36.02 37.75 -23.77
CA GLN A 172 -36.89 38.74 -24.37
C GLN A 172 -36.14 40.05 -24.59
N LEU A 173 -36.47 40.74 -25.68
CA LEU A 173 -36.01 42.11 -25.91
C LEU A 173 -37.31 42.86 -26.06
N ASP A 174 -37.92 43.11 -24.91
CA ASP A 174 -39.22 43.74 -24.83
C ASP A 174 -39.15 45.14 -24.16
N ILE A 175 -40.31 45.74 -23.89
CA ILE A 175 -40.39 47.03 -23.22
C ILE A 175 -39.67 47.04 -21.86
N ILE A 176 -39.73 45.92 -21.08
CA ILE A 176 -39.04 45.86 -19.80
C ILE A 176 -37.52 45.82 -20.00
N THR A 177 -37.02 44.77 -20.72
CA THR A 177 -35.59 44.55 -20.89
C THR A 177 -34.88 45.65 -21.66
N ALA A 178 -35.60 46.40 -22.52
CA ALA A 178 -34.96 47.54 -23.21
C ALA A 178 -34.58 48.63 -22.18
N ALA A 179 -35.34 48.74 -21.07
CA ALA A 179 -35.05 49.74 -20.05
C ALA A 179 -34.11 49.24 -18.95
N VAL A 180 -34.43 48.11 -18.30
CA VAL A 180 -33.63 47.61 -17.18
C VAL A 180 -32.67 46.48 -17.51
N GLY A 181 -32.86 45.86 -18.65
CA GLY A 181 -32.01 44.74 -19.07
C GLY A 181 -32.65 43.39 -18.84
N TRP A 182 -32.03 42.35 -19.36
CA TRP A 182 -32.51 40.99 -19.20
C TRP A 182 -31.92 40.36 -17.95
N PHE A 183 -32.75 40.20 -16.92
CA PHE A 183 -32.31 39.59 -15.68
C PHE A 183 -33.02 38.24 -15.49
N GLY A 184 -32.42 37.36 -14.73
CA GLY A 184 -32.99 36.06 -14.49
C GLY A 184 -33.10 35.66 -13.04
N ASP A 185 -33.59 34.46 -12.80
CA ASP A 185 -33.74 33.91 -11.46
C ASP A 185 -32.84 32.69 -11.21
N MET A 186 -31.89 32.42 -12.10
CA MET A 186 -30.99 31.28 -11.98
C MET A 186 -29.56 31.79 -12.07
N MET A 187 -28.69 31.42 -11.10
CA MET A 187 -27.32 31.91 -11.11
C MET A 187 -26.29 30.86 -11.52
N LEU A 188 -25.79 30.98 -12.74
CA LEU A 188 -24.80 30.06 -13.27
C LEU A 188 -23.37 30.53 -13.02
N THR A 189 -22.51 29.60 -12.65
CA THR A 189 -21.09 29.81 -12.39
C THR A 189 -20.44 28.83 -13.34
N ASN A 190 -19.91 29.31 -14.48
CA ASN A 190 -19.38 28.44 -15.53
C ASN A 190 -20.48 27.51 -16.09
N GLY A 191 -21.71 28.01 -16.13
CA GLY A 191 -22.87 27.28 -16.62
C GLY A 191 -23.44 26.27 -15.64
N THR A 192 -23.05 26.36 -14.37
CA THR A 192 -23.50 25.40 -13.36
C THR A 192 -24.10 26.11 -12.18
N VAL A 193 -25.23 25.60 -11.65
CA VAL A 193 -25.83 26.23 -10.48
C VAL A 193 -25.08 25.84 -9.21
N TYR A 194 -24.44 26.83 -8.55
CA TYR A 194 -23.67 26.66 -7.33
C TYR A 194 -22.64 25.53 -7.39
N PRO A 195 -21.59 25.65 -8.22
CA PRO A 195 -20.59 24.58 -8.28
C PRO A 195 -19.63 24.56 -7.08
N GLN A 196 -18.71 23.60 -7.09
CA GLN A 196 -17.76 23.40 -6.03
C GLN A 196 -16.38 23.21 -6.65
N HIS A 197 -15.34 23.78 -6.02
CA HIS A 197 -13.99 23.63 -6.53
C HIS A 197 -13.03 23.18 -5.43
N LEU A 198 -12.20 22.15 -5.73
CA LEU A 198 -11.22 21.62 -4.79
C LEU A 198 -9.87 22.25 -5.06
N ALA A 199 -9.41 23.13 -4.17
CA ALA A 199 -8.16 23.84 -4.36
C ALA A 199 -7.08 23.54 -3.32
N PRO A 200 -5.80 23.52 -3.71
CA PRO A 200 -4.73 23.29 -2.72
C PRO A 200 -4.60 24.43 -1.71
N ARG A 201 -4.03 24.14 -0.54
CA ARG A 201 -3.82 25.11 0.53
C ARG A 201 -2.67 26.07 0.22
N GLY A 202 -2.96 27.35 0.34
CA GLY A 202 -2.00 28.40 0.06
C GLY A 202 -2.72 29.61 -0.49
N TRP A 203 -2.57 29.85 -1.79
CA TRP A 203 -3.25 30.96 -2.45
C TRP A 203 -4.07 30.44 -3.63
N LEU A 204 -5.30 30.94 -3.77
CA LEU A 204 -6.18 30.55 -4.87
C LEU A 204 -6.46 31.77 -5.77
N ARG A 205 -6.14 31.65 -7.05
CA ARG A 205 -6.32 32.69 -8.05
C ARG A 205 -7.62 32.49 -8.80
N LEU A 206 -8.53 33.45 -8.70
CA LEU A 206 -9.81 33.37 -9.37
C LEU A 206 -9.94 34.44 -10.44
N ARG A 207 -10.02 34.03 -11.71
CA ARG A 207 -10.18 34.97 -12.81
C ARG A 207 -11.68 35.17 -13.01
N PHE A 208 -12.26 36.17 -12.33
CA PHE A 208 -13.70 36.46 -12.39
C PHE A 208 -14.15 37.16 -13.67
N LEU A 209 -15.33 36.81 -14.19
CA LEU A 209 -15.91 37.48 -15.33
C LEU A 209 -17.41 37.67 -15.08
N ASN A 210 -17.93 38.90 -15.20
CA ASN A 210 -19.36 39.11 -15.06
C ASN A 210 -19.94 38.96 -16.47
N GLY A 211 -20.40 37.76 -16.79
CA GLY A 211 -20.98 37.48 -18.09
C GLY A 211 -22.48 37.70 -18.16
N CYS A 212 -23.03 38.49 -17.23
CA CYS A 212 -24.46 38.80 -17.24
C CYS A 212 -24.76 39.80 -18.33
N ASN A 213 -25.97 39.74 -18.88
CA ASN A 213 -26.40 40.69 -19.89
C ASN A 213 -26.60 42.06 -19.25
N ALA A 214 -27.24 42.09 -18.06
CA ALA A 214 -27.56 43.34 -17.39
C ALA A 214 -27.32 43.35 -15.89
N ARG A 215 -27.00 42.22 -15.28
CA ARG A 215 -26.82 42.14 -13.83
C ARG A 215 -25.44 42.51 -13.33
N SER A 216 -25.38 43.45 -12.39
CA SER A 216 -24.11 43.81 -11.77
C SER A 216 -23.99 42.96 -10.50
N LEU A 217 -22.78 42.51 -10.20
CA LEU A 217 -22.56 41.66 -9.03
C LEU A 217 -21.69 42.34 -7.98
N ASN A 218 -21.69 41.81 -6.75
CA ASN A 218 -20.87 42.33 -5.68
C ASN A 218 -20.31 41.15 -4.93
N LEU A 219 -19.17 40.65 -5.40
CA LEU A 219 -18.51 39.48 -4.85
C LEU A 219 -17.87 39.68 -3.49
N ALA A 220 -17.95 38.65 -2.63
CA ALA A 220 -17.44 38.65 -1.26
C ALA A 220 -17.31 37.17 -0.75
N THR A 221 -16.77 36.93 0.46
CA THR A 221 -16.67 35.58 1.00
C THR A 221 -17.69 35.36 2.12
N SER A 222 -18.09 34.10 2.32
CA SER A 222 -19.10 33.72 3.32
C SER A 222 -18.64 34.02 4.74
N ASP A 223 -17.35 33.80 5.03
CA ASP A 223 -16.79 34.03 6.38
C ASP A 223 -16.18 35.43 6.60
N GLY A 224 -16.15 36.25 5.57
CA GLY A 224 -15.60 37.60 5.69
C GLY A 224 -14.12 37.71 5.36
N ARG A 225 -13.48 36.62 4.93
CA ARG A 225 -12.07 36.67 4.57
C ARG A 225 -11.86 37.58 3.36
N PRO A 226 -10.82 38.42 3.40
CA PRO A 226 -10.63 39.38 2.30
C PRO A 226 -10.28 38.76 0.96
N LEU A 227 -10.56 39.51 -0.10
CA LEU A 227 -10.26 39.20 -1.48
C LEU A 227 -9.17 40.16 -1.90
N TYR A 228 -8.07 39.62 -2.42
CA TYR A 228 -6.94 40.44 -2.83
C TYR A 228 -6.95 40.63 -4.34
N VAL A 229 -7.44 41.77 -4.80
CA VAL A 229 -7.49 42.04 -6.24
C VAL A 229 -6.08 42.23 -6.78
N VAL A 230 -5.67 41.37 -7.69
CA VAL A 230 -4.35 41.47 -8.30
C VAL A 230 -4.38 41.86 -9.79
N GLY A 231 -5.54 41.72 -10.42
CA GLY A 231 -5.67 42.04 -11.84
C GLY A 231 -6.99 42.70 -12.16
N SER A 232 -6.95 43.62 -13.12
CA SER A 232 -8.14 44.32 -13.60
C SER A 232 -8.36 43.98 -15.09
N ASP A 233 -9.43 44.51 -15.70
CA ASP A 233 -9.78 44.26 -17.10
C ASP A 233 -8.63 44.06 -18.10
N GLY A 234 -7.57 44.85 -18.01
CA GLY A 234 -6.48 44.75 -18.96
C GLY A 234 -5.06 44.62 -18.43
N GLY A 235 -4.90 43.79 -17.43
CA GLY A 235 -3.59 43.54 -16.85
C GLY A 235 -3.56 43.56 -15.35
N LEU A 236 -2.43 43.14 -14.79
CA LEU A 236 -2.29 43.14 -13.34
C LEU A 236 -2.13 44.56 -12.82
N LEU A 237 -2.48 44.76 -11.55
CA LEU A 237 -2.30 46.07 -10.90
C LEU A 237 -0.81 46.26 -10.50
N GLY A 238 -0.46 47.45 -10.03
CA GLY A 238 0.90 47.70 -9.57
C GLY A 238 1.22 46.94 -8.30
N GLU A 239 0.20 46.77 -7.45
CA GLU A 239 0.26 46.06 -6.19
C GLU A 239 -1.17 45.60 -5.81
N PRO A 240 -1.31 44.51 -5.04
CA PRO A 240 -2.65 44.01 -4.70
C PRO A 240 -3.49 44.95 -3.86
N VAL A 241 -4.82 44.82 -3.96
CA VAL A 241 -5.77 45.63 -3.21
C VAL A 241 -6.61 44.75 -2.27
N LYS A 242 -6.54 45.00 -0.96
CA LYS A 242 -7.31 44.22 0.00
C LYS A 242 -8.75 44.74 0.08
N LEU A 243 -9.73 43.87 -0.19
CA LEU A 243 -11.15 44.24 -0.18
C LEU A 243 -12.00 43.21 0.52
N THR A 244 -13.09 43.64 1.15
CA THR A 244 -14.06 42.69 1.72
C THR A 244 -15.16 42.45 0.68
N GLU A 245 -15.57 43.52 -0.07
CA GLU A 245 -16.58 43.48 -1.13
C GLU A 245 -15.94 43.90 -2.46
N LEU A 246 -16.31 43.23 -3.55
CA LEU A 246 -15.80 43.55 -4.88
C LEU A 246 -16.95 43.66 -5.89
N PRO A 247 -17.38 44.89 -6.16
CA PRO A 247 -18.43 45.07 -7.19
C PRO A 247 -17.83 44.87 -8.59
N ILE A 248 -18.53 44.11 -9.43
CA ILE A 248 -18.08 43.83 -10.78
C ILE A 248 -19.19 44.07 -11.83
N LEU A 249 -18.91 44.90 -12.81
CA LEU A 249 -19.87 45.25 -13.85
C LEU A 249 -19.87 44.28 -15.03
N MET A 250 -20.93 44.32 -15.84
CA MET A 250 -21.07 43.46 -17.01
C MET A 250 -19.88 43.61 -17.98
N GLY A 251 -19.19 42.51 -18.24
CA GLY A 251 -18.04 42.53 -19.14
C GLY A 251 -16.71 42.82 -18.44
N GLU A 252 -16.72 42.91 -17.10
CA GLU A 252 -15.52 43.18 -16.33
C GLU A 252 -14.87 41.92 -15.84
N ARG A 253 -13.56 42.01 -15.66
CA ARG A 253 -12.79 40.89 -15.19
C ARG A 253 -11.90 41.35 -14.08
N PHE A 254 -11.89 40.59 -13.00
CA PHE A 254 -11.04 40.88 -11.87
C PHE A 254 -10.34 39.61 -11.43
N GLU A 255 -9.00 39.60 -11.49
CA GLU A 255 -8.23 38.45 -11.03
C GLU A 255 -7.98 38.68 -9.54
N VAL A 256 -8.45 37.78 -8.67
CA VAL A 256 -8.25 37.95 -7.23
C VAL A 256 -7.48 36.77 -6.62
N LEU A 257 -6.92 36.96 -5.41
CA LEU A 257 -6.24 35.93 -4.65
C LEU A 257 -6.94 35.72 -3.32
N VAL A 258 -7.16 34.45 -2.94
CA VAL A 258 -7.82 34.14 -1.68
C VAL A 258 -6.93 33.17 -0.85
N ASP A 259 -6.85 33.42 0.47
CA ASP A 259 -6.00 32.63 1.38
C ASP A 259 -6.61 31.29 1.82
N THR A 260 -6.24 30.20 1.16
CA THR A 260 -6.74 28.88 1.52
C THR A 260 -5.84 28.12 2.50
N ARG A 261 -4.81 28.79 3.06
CA ARG A 261 -3.84 28.20 3.98
C ARG A 261 -4.46 27.49 5.19
N ASP A 262 -5.51 28.08 5.78
CA ASP A 262 -6.18 27.49 6.93
C ASP A 262 -6.99 26.20 6.62
N GLY A 263 -7.13 25.85 5.34
CA GLY A 263 -7.85 24.66 4.91
C GLY A 263 -9.35 24.64 5.15
N LYS A 264 -9.92 25.74 5.69
CA LYS A 264 -11.35 25.84 5.95
C LYS A 264 -12.13 26.08 4.66
N ALA A 265 -13.25 25.37 4.48
CA ALA A 265 -14.09 25.58 3.31
C ALA A 265 -14.90 26.87 3.46
N PHE A 266 -15.17 27.55 2.33
CA PHE A 266 -15.90 28.82 2.34
C PHE A 266 -16.58 29.05 0.98
N ASP A 267 -17.51 30.02 0.92
CA ASP A 267 -18.24 30.34 -0.30
C ASP A 267 -17.88 31.69 -0.87
N ILE A 268 -17.94 31.78 -2.20
CA ILE A 268 -17.81 33.05 -2.88
C ILE A 268 -19.26 33.46 -3.05
N ILE A 269 -19.67 34.54 -2.41
CA ILE A 269 -21.05 35.00 -2.45
C ILE A 269 -21.22 36.30 -3.24
N THR A 270 -22.43 36.58 -3.68
CA THR A 270 -22.73 37.85 -4.33
C THR A 270 -23.78 38.54 -3.46
N LEU A 271 -23.48 39.77 -3.09
CA LEU A 271 -24.35 40.55 -2.24
C LEU A 271 -25.37 41.31 -3.06
N PRO A 272 -26.59 41.51 -2.53
CA PRO A 272 -27.61 42.25 -3.29
C PRO A 272 -27.17 43.66 -3.63
N VAL A 273 -27.31 44.02 -4.91
CA VAL A 273 -26.89 45.32 -5.42
C VAL A 273 -28.06 46.28 -5.58
N LYS A 274 -27.77 47.59 -5.62
CA LYS A 274 -28.84 48.60 -5.79
C LYS A 274 -28.98 48.91 -7.27
N GLN A 275 -29.57 47.97 -8.00
CA GLN A 275 -29.77 48.12 -9.43
C GLN A 275 -31.19 47.66 -9.78
N MET A 276 -31.90 48.43 -10.61
CA MET A 276 -33.27 48.12 -10.98
C MET A 276 -33.41 46.76 -11.63
N GLY A 277 -34.35 45.98 -11.11
CA GLY A 277 -34.67 44.63 -11.56
C GLY A 277 -33.80 43.55 -10.98
N MET A 278 -32.69 43.92 -10.32
CA MET A 278 -31.73 42.95 -9.80
C MET A 278 -31.96 42.51 -8.35
N THR A 279 -32.95 43.08 -7.67
CA THR A 279 -33.20 42.77 -6.26
C THR A 279 -34.24 41.70 -6.00
N LEU A 280 -34.55 40.88 -7.01
CA LEU A 280 -35.53 39.83 -6.85
C LEU A 280 -34.84 38.51 -6.52
N PRO A 281 -35.53 37.57 -5.83
CA PRO A 281 -34.89 36.28 -5.51
C PRO A 281 -34.40 35.54 -6.75
N PRO A 282 -33.28 34.80 -6.64
CA PRO A 282 -32.49 34.55 -5.43
C PRO A 282 -31.54 35.65 -4.97
N PHE A 283 -31.52 36.76 -5.70
CA PHE A 283 -30.58 37.84 -5.44
C PHE A 283 -30.99 38.82 -4.38
N ASP A 284 -32.18 38.66 -3.77
CA ASP A 284 -32.67 39.54 -2.70
C ASP A 284 -31.84 39.47 -1.41
N ARG A 285 -31.08 38.39 -1.23
CA ARG A 285 -30.16 38.18 -0.10
C ARG A 285 -28.79 37.69 -0.61
N ALA A 286 -27.77 37.55 0.27
CA ALA A 286 -26.44 37.09 -0.14
C ALA A 286 -26.54 35.69 -0.77
N LEU A 287 -25.98 35.52 -1.96
CA LEU A 287 -26.11 34.27 -2.69
C LEU A 287 -24.78 33.61 -2.97
N PRO A 288 -24.57 32.39 -2.43
CA PRO A 288 -23.31 31.68 -2.73
C PRO A 288 -23.28 31.19 -4.17
N VAL A 289 -22.26 31.59 -4.90
CA VAL A 289 -22.10 31.21 -6.30
C VAL A 289 -21.01 30.16 -6.54
N LEU A 290 -20.11 29.94 -5.55
CA LEU A 290 -19.02 28.98 -5.71
C LEU A 290 -18.54 28.47 -4.36
N HIS A 291 -18.57 27.14 -4.16
CA HIS A 291 -18.09 26.56 -2.91
C HIS A 291 -16.63 26.14 -3.04
N ILE A 292 -15.75 26.75 -2.23
CA ILE A 292 -14.34 26.43 -2.25
C ILE A 292 -14.00 25.45 -1.15
N GLN A 293 -13.54 24.25 -1.51
CA GLN A 293 -13.15 23.23 -0.54
C GLN A 293 -11.66 22.92 -0.65
N PRO A 294 -10.86 23.38 0.32
CA PRO A 294 -9.42 23.15 0.25
C PRO A 294 -9.02 21.69 0.47
N THR A 295 -8.14 21.18 -0.42
CA THR A 295 -7.59 19.82 -0.38
C THR A 295 -6.38 19.75 0.58
N LEU A 296 -5.95 18.52 0.97
CA LEU A 296 -4.79 18.36 1.83
C LEU A 296 -3.48 18.82 1.17
N LYS A 297 -3.42 18.81 -0.18
CA LYS A 297 -2.27 19.26 -0.95
C LYS A 297 -2.06 20.78 -0.80
N SER A 298 -0.88 21.27 -1.19
CA SER A 298 -0.56 22.67 -1.04
C SER A 298 0.19 23.24 -2.25
N ASN A 299 0.37 24.57 -2.29
CA ASN A 299 1.11 25.22 -3.36
C ASN A 299 2.14 26.21 -2.81
N GLU A 300 3.16 26.49 -3.60
CA GLU A 300 4.20 27.45 -3.20
C GLU A 300 3.89 28.88 -3.68
N ALA A 301 2.61 29.17 -4.01
CA ALA A 301 2.18 30.48 -4.48
C ALA A 301 2.12 31.46 -3.34
N LYS A 302 2.43 32.72 -3.61
CA LYS A 302 2.42 33.77 -2.60
C LYS A 302 1.88 35.09 -3.18
N LEU A 303 1.38 35.96 -2.29
CA LEU A 303 0.83 37.27 -2.62
C LEU A 303 1.97 38.29 -2.65
N PRO A 304 2.48 38.67 -3.84
CA PRO A 304 3.62 39.60 -3.88
C PRO A 304 3.30 41.00 -3.40
N ASP A 305 4.26 41.67 -2.75
CA ASP A 305 4.08 43.04 -2.29
C ASP A 305 3.86 44.00 -3.47
N ALA A 306 4.52 43.73 -4.60
CA ALA A 306 4.39 44.48 -5.83
C ALA A 306 4.19 43.47 -6.95
N LEU A 307 3.23 43.74 -7.85
CA LEU A 307 2.93 42.84 -8.96
C LEU A 307 3.72 43.23 -10.21
N VAL A 308 3.25 44.21 -10.99
CA VAL A 308 3.95 44.64 -12.20
C VAL A 308 4.14 46.15 -12.21
N ASN A 309 4.93 46.67 -13.16
CA ASN A 309 5.15 48.10 -13.27
C ASN A 309 3.86 48.73 -13.78
N MET A 310 3.21 49.53 -12.93
CA MET A 310 2.01 50.24 -13.36
C MET A 310 2.43 51.66 -13.66
N PRO A 311 2.44 52.03 -14.96
CA PRO A 311 2.83 53.41 -15.29
C PRO A 311 1.90 54.45 -14.68
N ALA A 312 2.40 55.66 -14.48
CA ALA A 312 1.56 56.73 -13.95
C ALA A 312 0.66 57.23 -15.07
N VAL A 313 -0.47 57.85 -14.70
CA VAL A 313 -1.37 58.40 -15.70
C VAL A 313 -0.71 59.64 -16.29
N PRO A 314 -0.37 59.62 -17.58
CA PRO A 314 0.30 60.78 -18.18
C PRO A 314 -0.57 62.02 -18.14
N ALA A 315 0.05 63.18 -17.92
CA ALA A 315 -0.69 64.43 -17.90
C ALA A 315 -0.87 64.84 -19.35
N ALA A 316 -1.99 64.43 -19.92
CA ALA A 316 -2.32 64.75 -21.30
C ALA A 316 -2.76 66.22 -21.29
N ASP A 317 -1.86 67.12 -21.72
CA ASP A 317 -2.10 68.55 -21.62
C ASP A 317 -3.14 69.13 -22.59
N ASN A 318 -2.87 69.09 -23.90
CA ASN A 318 -3.81 69.67 -24.85
C ASN A 318 -4.39 68.64 -25.79
N VAL A 319 -4.77 67.50 -25.21
CA VAL A 319 -5.35 66.43 -25.99
C VAL A 319 -6.79 66.74 -26.37
N LYS A 320 -7.24 66.08 -27.45
CA LYS A 320 -8.60 66.17 -27.91
C LYS A 320 -9.51 65.51 -26.87
N THR A 321 -10.68 66.09 -26.67
CA THR A 321 -11.69 65.53 -25.77
C THR A 321 -12.86 65.02 -26.61
N ARG A 322 -13.76 64.24 -26.01
CA ARG A 322 -14.95 63.75 -26.70
C ARG A 322 -16.07 63.68 -25.67
N TRP A 323 -17.24 64.25 -25.97
CA TRP A 323 -18.36 64.12 -25.07
C TRP A 323 -19.30 63.08 -25.62
N LEU A 324 -19.47 61.98 -24.89
CA LEU A 324 -20.38 60.94 -25.30
C LEU A 324 -21.58 60.93 -24.35
N GLN A 325 -22.71 61.45 -24.82
CA GLN A 325 -23.91 61.53 -24.01
C GLN A 325 -24.83 60.35 -24.21
N LEU A 326 -24.88 59.45 -23.24
CA LEU A 326 -25.81 58.33 -23.29
C LEU A 326 -27.22 58.89 -23.01
N MET A 327 -28.21 58.47 -23.80
CA MET A 327 -29.58 58.96 -23.63
C MET A 327 -30.59 57.81 -23.65
N MET A 328 -31.64 57.90 -22.85
CA MET A 328 -32.72 56.90 -22.83
C MET A 328 -34.07 57.59 -23.03
N ASP A 329 -34.98 57.01 -23.84
CA ASP A 329 -36.30 57.65 -24.06
C ASP A 329 -37.11 57.52 -22.79
N PRO A 330 -37.46 58.64 -22.14
CA PRO A 330 -38.23 58.56 -20.91
C PRO A 330 -39.59 57.90 -21.07
N GLN A 331 -40.30 58.14 -22.19
CA GLN A 331 -41.63 57.53 -22.38
C GLN A 331 -41.55 56.01 -22.40
N LEU A 332 -40.50 55.46 -23.03
CA LEU A 332 -40.31 54.02 -23.12
C LEU A 332 -39.77 53.48 -21.78
N ASP A 333 -38.81 54.21 -21.23
CA ASP A 333 -38.16 53.95 -19.96
C ASP A 333 -39.19 53.80 -18.84
N MET A 334 -40.21 54.68 -18.82
CA MET A 334 -41.27 54.68 -17.83
C MET A 334 -42.16 53.47 -18.02
N MET A 335 -42.56 53.18 -19.27
CA MET A 335 -43.39 52.02 -19.55
C MET A 335 -42.72 50.71 -19.14
N GLY A 336 -41.41 50.64 -19.34
CA GLY A 336 -40.62 49.47 -18.99
C GLY A 336 -40.65 49.22 -17.50
N MET A 337 -40.52 50.28 -16.71
CA MET A 337 -40.54 50.17 -15.27
C MET A 337 -41.95 49.87 -14.76
N GLN A 338 -42.97 50.43 -15.40
CA GLN A 338 -44.36 50.14 -15.03
C GLN A 338 -44.66 48.65 -15.29
N MET A 339 -44.18 48.13 -16.41
CA MET A 339 -44.36 46.72 -16.77
C MET A 339 -43.56 45.80 -15.87
N MET A 340 -42.36 46.24 -15.47
CA MET A 340 -41.50 45.49 -14.57
C MET A 340 -42.18 45.39 -13.21
N MET A 341 -42.69 46.52 -12.70
CA MET A 341 -43.38 46.60 -11.43
C MET A 341 -44.63 45.72 -11.40
N GLN A 342 -45.36 45.69 -12.51
CA GLN A 342 -46.57 44.90 -12.58
C GLN A 342 -46.25 43.41 -12.60
N ARG A 343 -45.25 43.01 -13.39
CA ARG A 343 -44.91 41.60 -13.57
C ARG A 343 -44.15 41.02 -12.38
N TYR A 344 -43.27 41.79 -11.76
CA TYR A 344 -42.41 41.28 -10.69
C TYR A 344 -42.65 41.85 -9.30
N GLY A 345 -43.47 42.88 -9.19
CA GLY A 345 -43.74 43.51 -7.90
C GLY A 345 -42.86 44.71 -7.65
N MET A 346 -43.21 45.51 -6.64
CA MET A 346 -42.48 46.73 -6.28
C MET A 346 -41.02 46.50 -5.86
N ALA A 347 -40.69 45.27 -5.44
CA ALA A 347 -39.34 44.91 -5.03
C ALA A 347 -38.33 45.11 -6.16
N SER A 348 -38.79 44.87 -7.41
CA SER A 348 -38.01 45.03 -8.63
C SER A 348 -37.28 46.36 -8.69
N MET A 349 -37.97 47.43 -8.31
CA MET A 349 -37.44 48.79 -8.29
C MET A 349 -36.19 49.03 -7.45
N ALA A 350 -35.86 48.13 -6.49
CA ALA A 350 -34.68 48.25 -5.62
C ALA A 350 -34.67 49.55 -4.78
N GLY A 351 -35.86 50.06 -4.47
CA GLY A 351 -36.03 51.27 -3.70
C GLY A 351 -35.79 52.54 -4.49
N MET A 352 -36.31 52.61 -5.73
CA MET A 352 -36.11 53.77 -6.59
C MET A 352 -37.45 54.27 -7.27
N ASP A 353 -37.37 55.26 -8.20
CA ASP A 353 -38.54 55.83 -8.89
C ASP A 353 -38.60 55.47 -10.37
N SER A 394 -37.84 65.32 -29.23
CA SER A 394 -36.98 64.19 -28.86
C SER A 394 -37.75 63.07 -28.11
N ALA A 395 -38.35 62.08 -28.83
CA ALA A 395 -39.06 61.00 -28.16
C ALA A 395 -39.21 59.62 -29.05
N GLY A 396 -40.35 59.42 -29.77
CA GLY A 396 -40.72 58.22 -30.51
C GLY A 396 -41.21 57.12 -29.59
N TYR A 397 -41.90 56.12 -30.14
CA TYR A 397 -42.18 54.90 -29.36
C TYR A 397 -41.37 53.71 -29.93
N ASP A 398 -40.24 54.04 -30.57
CA ASP A 398 -39.30 53.20 -31.25
C ASP A 398 -38.46 52.44 -30.25
N PHE A 399 -39.02 51.37 -29.65
CA PHE A 399 -38.30 50.66 -28.60
C PHE A 399 -36.95 50.11 -29.07
N MET A 400 -36.85 49.75 -30.37
CA MET A 400 -35.58 49.25 -30.89
C MET A 400 -34.50 50.31 -31.08
N HIS A 401 -34.88 51.61 -31.00
CA HIS A 401 -33.99 52.76 -31.14
C HIS A 401 -34.20 53.79 -30.01
N GLY A 402 -34.74 53.35 -28.87
CA GLY A 402 -35.06 54.18 -27.72
C GLY A 402 -33.87 54.68 -26.96
N ASN A 403 -32.78 53.91 -26.97
CA ASN A 403 -31.56 54.31 -26.26
C ASN A 403 -30.53 54.76 -27.28
N LYS A 404 -29.92 55.92 -27.06
CA LYS A 404 -29.00 56.54 -28.01
C LYS A 404 -27.72 57.04 -27.35
N ILE A 405 -26.78 57.54 -28.17
CA ILE A 405 -25.54 58.20 -27.77
C ILE A 405 -25.46 59.43 -28.64
N ASN A 406 -25.39 60.63 -28.04
CA ASN A 406 -25.32 61.90 -28.73
C ASN A 406 -26.49 62.15 -29.69
N GLY A 407 -27.68 61.69 -29.29
CA GLY A 407 -28.88 61.87 -30.09
C GLY A 407 -29.10 60.81 -31.16
N ILE A 408 -28.10 59.97 -31.43
CA ILE A 408 -28.23 58.93 -32.45
C ILE A 408 -28.28 57.51 -31.90
N ALA A 409 -29.28 56.73 -32.32
CA ALA A 409 -29.34 55.32 -31.94
C ALA A 409 -28.47 54.65 -33.01
N PHE A 410 -27.36 54.04 -32.58
CA PHE A 410 -26.32 53.41 -33.41
C PHE A 410 -26.57 53.33 -34.93
N ASP A 411 -25.87 54.17 -35.69
CA ASP A 411 -25.92 54.16 -37.15
C ASP A 411 -24.57 53.60 -37.61
N MET A 412 -24.54 52.35 -38.07
CA MET A 412 -23.30 51.69 -38.50
C MET A 412 -22.59 52.41 -39.63
N ALA A 413 -23.38 53.02 -40.52
CA ALA A 413 -22.87 53.76 -41.66
C ALA A 413 -22.24 55.11 -41.32
N LYS A 414 -22.52 55.64 -40.12
CA LYS A 414 -21.98 56.94 -39.75
C LYS A 414 -21.16 56.96 -38.48
N PRO A 415 -19.85 56.71 -38.60
CA PRO A 415 -18.98 56.80 -37.41
C PRO A 415 -18.92 58.25 -36.92
N MET A 416 -18.94 58.45 -35.62
CA MET A 416 -18.97 59.79 -35.04
C MET A 416 -17.74 60.64 -35.27
N PHE A 417 -16.56 60.03 -35.31
CA PHE A 417 -15.32 60.79 -35.49
C PHE A 417 -14.13 59.90 -35.83
N ASP A 418 -13.02 60.52 -36.21
CA ASP A 418 -11.78 59.82 -36.52
C ASP A 418 -10.72 60.22 -35.49
N VAL A 419 -10.01 59.24 -34.96
CA VAL A 419 -8.96 59.48 -33.98
C VAL A 419 -7.61 59.18 -34.62
N LYS A 420 -6.62 60.04 -34.38
CA LYS A 420 -5.29 59.83 -34.90
C LYS A 420 -4.64 58.72 -34.05
N ARG A 421 -4.10 57.70 -34.71
CA ARG A 421 -3.47 56.56 -34.05
C ARG A 421 -2.32 57.01 -33.14
N GLY A 422 -2.20 56.36 -31.99
CA GLY A 422 -1.13 56.65 -31.03
C GLY A 422 -1.22 57.99 -30.33
N THR A 423 -2.42 58.61 -30.34
CA THR A 423 -2.61 59.88 -29.65
C THR A 423 -3.52 59.70 -28.46
N TYR A 424 -3.28 60.49 -27.42
CA TYR A 424 -4.10 60.44 -26.23
C TYR A 424 -5.34 61.31 -26.42
N GLU A 425 -6.47 60.86 -25.84
CA GLU A 425 -7.73 61.58 -25.85
C GLU A 425 -8.40 61.47 -24.50
N LYS A 426 -9.13 62.50 -24.11
CA LYS A 426 -9.81 62.54 -22.81
C LYS A 426 -11.33 62.45 -23.08
N TRP A 427 -11.90 61.26 -22.96
CA TRP A 427 -13.32 61.02 -23.25
C TRP A 427 -14.20 61.12 -22.02
N THR A 428 -15.23 61.97 -22.08
CA THR A 428 -16.21 62.07 -20.99
C THR A 428 -17.50 61.39 -21.42
N ILE A 429 -17.91 60.35 -20.70
CA ILE A 429 -19.14 59.64 -21.00
C ILE A 429 -20.15 60.00 -19.91
N SER A 430 -21.31 60.55 -20.30
CA SER A 430 -22.30 60.98 -19.34
C SER A 430 -23.56 60.16 -19.33
N GLY A 431 -24.13 60.03 -18.14
CA GLY A 431 -25.37 59.31 -17.95
C GLY A 431 -26.37 60.05 -17.12
N GLU A 432 -26.31 61.40 -17.16
CA GLU A 432 -27.26 62.26 -16.44
C GLU A 432 -28.65 62.11 -17.06
N GLY A 433 -29.68 62.53 -16.34
CA GLY A 433 -31.05 62.44 -16.84
C GLY A 433 -31.44 61.04 -17.25
N ASP A 434 -31.04 60.10 -16.39
CA ASP A 434 -31.16 58.69 -16.56
C ASP A 434 -30.56 58.09 -15.27
N MET A 435 -31.29 57.20 -14.60
CA MET A 435 -30.75 56.57 -13.39
C MET A 435 -30.16 55.16 -13.60
N MET A 436 -30.23 54.64 -14.82
CA MET A 436 -29.73 53.30 -15.11
C MET A 436 -28.22 53.18 -15.06
N LEU A 437 -27.74 51.94 -14.88
CA LEU A 437 -26.33 51.59 -14.79
C LEU A 437 -25.81 51.33 -16.20
N HIS A 438 -24.74 52.00 -16.57
CA HIS A 438 -24.16 51.86 -17.88
C HIS A 438 -22.69 51.55 -17.84
N PRO A 439 -22.29 50.27 -17.87
CA PRO A 439 -20.86 49.95 -17.91
C PRO A 439 -20.34 50.24 -19.32
N PHE A 440 -19.69 51.39 -19.53
CA PHE A 440 -19.24 51.79 -20.85
C PHE A 440 -17.99 51.09 -21.34
N HIS A 441 -18.14 50.22 -22.34
CA HIS A 441 -17.00 49.50 -22.91
C HIS A 441 -16.51 50.19 -24.19
N ILE A 442 -15.17 50.26 -24.40
CA ILE A 442 -14.53 50.87 -25.57
C ILE A 442 -13.64 49.82 -26.27
N HIS A 443 -13.86 49.61 -27.57
CA HIS A 443 -13.09 48.60 -28.32
C HIS A 443 -11.68 49.07 -28.68
N GLY A 444 -10.79 48.09 -28.94
CA GLY A 444 -9.42 48.28 -29.38
C GLY A 444 -8.43 49.03 -28.50
N THR A 445 -8.69 49.09 -27.18
CA THR A 445 -7.78 49.79 -26.26
C THR A 445 -7.98 49.33 -24.82
N GLN A 446 -7.03 49.70 -23.97
CA GLN A 446 -7.10 49.56 -22.53
C GLN A 446 -6.81 50.97 -22.03
N PHE A 447 -7.70 51.52 -21.21
CA PHE A 447 -7.56 52.89 -20.76
C PHE A 447 -7.38 53.02 -19.25
N ARG A 448 -7.12 54.26 -18.79
CA ARG A 448 -6.99 54.58 -17.39
C ARG A 448 -8.16 55.50 -17.07
N ILE A 449 -8.93 55.16 -16.03
CA ILE A 449 -10.07 55.99 -15.63
C ILE A 449 -9.54 57.20 -14.89
N LEU A 450 -9.92 58.40 -15.30
CA LEU A 450 -9.53 59.62 -14.60
C LEU A 450 -10.59 59.94 -13.54
N SER A 451 -11.86 59.83 -13.91
CA SER A 451 -12.97 60.05 -13.01
C SER A 451 -14.02 58.97 -13.26
N GLU A 452 -14.53 58.34 -12.20
CA GLU A 452 -15.57 57.35 -12.37
C GLU A 452 -16.81 57.82 -11.66
N ASN A 453 -17.75 58.38 -12.43
CA ASN A 453 -19.03 58.85 -11.94
C ASN A 453 -18.86 59.98 -10.92
N GLY A 454 -17.93 60.88 -11.19
CA GLY A 454 -17.66 62.04 -10.32
C GLY A 454 -16.43 61.86 -9.46
N LYS A 455 -16.46 60.88 -8.57
CA LYS A 455 -15.32 60.61 -7.70
C LYS A 455 -14.20 59.91 -8.47
N PRO A 456 -12.92 60.01 -8.02
CA PRO A 456 -11.84 59.31 -8.73
C PRO A 456 -12.00 57.78 -8.65
N PRO A 457 -11.28 57.03 -9.52
CA PRO A 457 -11.43 55.58 -9.49
C PRO A 457 -10.98 54.96 -8.20
N ALA A 458 -11.58 53.82 -7.85
CA ALA A 458 -11.18 53.06 -6.67
C ALA A 458 -9.79 52.46 -6.92
N ALA A 459 -9.10 52.06 -5.85
CA ALA A 459 -7.75 51.48 -5.92
C ALA A 459 -7.55 50.42 -7.04
N HIS A 460 -8.41 49.39 -7.08
CA HIS A 460 -8.35 48.33 -8.08
C HIS A 460 -8.81 48.79 -9.47
N ARG A 461 -9.75 49.73 -9.50
CA ARG A 461 -10.29 50.25 -10.75
C ARG A 461 -9.40 51.30 -11.43
N SER A 462 -8.32 51.73 -10.76
CA SER A 462 -7.39 52.72 -11.32
C SER A 462 -6.32 52.12 -12.25
N GLY A 463 -6.35 50.82 -12.49
CA GLY A 463 -5.39 50.18 -13.37
C GLY A 463 -5.78 50.24 -14.84
N TRP A 464 -5.56 49.14 -15.57
CA TRP A 464 -5.94 49.08 -16.97
C TRP A 464 -7.35 48.52 -17.08
N LYS A 465 -8.28 49.31 -17.67
CA LYS A 465 -9.66 48.86 -17.81
C LYS A 465 -10.21 49.14 -19.19
N ASP A 466 -11.20 48.36 -19.61
CA ASP A 466 -11.90 48.61 -20.87
C ASP A 466 -13.39 48.90 -20.63
N THR A 467 -13.84 48.97 -19.38
CA THR A 467 -15.21 49.23 -18.99
C THR A 467 -15.19 50.29 -17.87
N VAL A 468 -16.07 51.30 -17.94
CA VAL A 468 -16.14 52.35 -16.91
C VAL A 468 -17.58 52.57 -16.45
N ARG A 469 -17.80 52.65 -15.13
CA ARG A 469 -19.14 52.84 -14.60
C ARG A 469 -19.71 54.20 -14.90
N VAL A 470 -20.89 54.26 -15.50
CA VAL A 470 -21.60 55.51 -15.77
C VAL A 470 -23.01 55.28 -15.22
N GLU A 471 -23.35 55.91 -14.10
CA GLU A 471 -24.64 55.70 -13.45
C GLU A 471 -25.18 57.01 -12.87
N GLY A 472 -26.05 57.69 -13.59
CA GLY A 472 -26.62 58.95 -13.12
C GLY A 472 -25.71 60.16 -13.21
N TRP A 473 -24.41 59.95 -13.43
CA TRP A 473 -23.48 61.07 -13.55
C TRP A 473 -22.47 60.83 -14.71
N ARG A 474 -21.39 61.63 -14.76
CA ARG A 474 -20.41 61.55 -15.82
C ARG A 474 -19.06 61.01 -15.38
N SER A 475 -18.39 60.28 -16.29
CA SER A 475 -17.08 59.68 -16.06
C SER A 475 -16.07 60.19 -17.11
N GLU A 476 -14.77 60.12 -16.83
CA GLU A 476 -13.75 60.59 -17.76
C GLU A 476 -12.64 59.56 -17.87
N VAL A 477 -12.24 59.21 -19.10
CA VAL A 477 -11.18 58.23 -19.30
C VAL A 477 -10.08 58.77 -20.20
N LEU A 478 -8.86 58.23 -20.03
CA LEU A 478 -7.74 58.64 -20.86
C LEU A 478 -7.47 57.50 -21.84
N VAL A 479 -7.81 57.70 -23.12
CA VAL A 479 -7.65 56.65 -24.11
C VAL A 479 -6.54 56.91 -25.12
N LYS A 480 -6.02 55.83 -25.73
CA LYS A 480 -5.00 55.91 -26.78
C LYS A 480 -5.14 54.69 -27.66
N PHE A 481 -5.38 54.89 -28.96
CA PHE A 481 -5.59 53.78 -29.87
C PHE A 481 -4.35 53.50 -30.68
N ASP A 482 -3.58 52.47 -30.28
CA ASP A 482 -2.33 52.09 -30.97
C ASP A 482 -2.54 51.31 -32.28
N HIS A 483 -3.78 50.95 -32.61
CA HIS A 483 -4.08 50.20 -33.83
C HIS A 483 -5.17 50.88 -34.63
N GLU A 484 -5.07 50.83 -35.95
CA GLU A 484 -6.02 51.46 -36.86
C GLU A 484 -7.37 50.73 -36.95
N ALA A 485 -8.41 51.45 -37.39
CA ALA A 485 -9.75 50.91 -37.59
C ALA A 485 -10.40 51.75 -38.70
N PRO A 486 -10.50 51.19 -39.91
CA PRO A 486 -11.05 51.96 -41.03
C PRO A 486 -12.58 52.07 -41.01
N LYS A 487 -13.17 52.87 -41.93
CA LYS A 487 -14.62 53.01 -42.00
C LYS A 487 -15.34 51.66 -42.16
N GLU A 488 -14.70 50.75 -42.92
CA GLU A 488 -15.19 49.43 -43.26
C GLU A 488 -15.14 48.45 -42.10
N ARG A 489 -14.22 48.64 -41.14
CA ARG A 489 -14.09 47.80 -39.96
C ARG A 489 -13.80 48.74 -38.78
N ALA A 490 -14.76 49.62 -38.48
CA ALA A 490 -14.58 50.61 -37.41
C ALA A 490 -14.70 50.06 -36.01
N TYR A 491 -14.09 50.76 -35.03
CA TYR A 491 -14.19 50.39 -33.61
C TYR A 491 -15.55 50.82 -33.07
N MET A 492 -15.93 50.32 -31.90
CA MET A 492 -17.18 50.69 -31.28
C MET A 492 -16.98 51.06 -29.81
N ALA A 493 -17.95 51.73 -29.23
CA ALA A 493 -17.98 52.08 -27.82
C ALA A 493 -19.46 52.08 -27.50
N HIS A 494 -19.84 51.27 -26.53
CA HIS A 494 -21.26 51.07 -26.22
C HIS A 494 -21.45 50.79 -24.74
N CYS A 495 -22.70 50.74 -24.30
CA CYS A 495 -23.00 50.35 -22.94
C CYS A 495 -22.97 48.82 -22.94
N HIS A 496 -22.36 48.21 -21.91
CA HIS A 496 -22.28 46.76 -21.85
C HIS A 496 -23.53 46.10 -21.23
N LEU A 497 -24.59 46.89 -20.93
CA LEU A 497 -25.87 46.32 -20.51
C LEU A 497 -26.44 46.04 -21.88
N LEU A 498 -26.24 44.81 -22.36
CA LEU A 498 -26.54 44.35 -23.71
C LEU A 498 -27.85 44.81 -24.30
N GLU A 499 -28.90 44.92 -23.50
CA GLU A 499 -30.20 45.38 -24.01
C GLU A 499 -30.18 46.87 -24.40
N HIS A 500 -29.39 47.69 -23.70
CA HIS A 500 -29.23 49.11 -24.03
C HIS A 500 -28.44 49.27 -25.33
N GLU A 501 -27.43 48.39 -25.51
CA GLU A 501 -26.59 48.29 -26.70
C GLU A 501 -27.44 47.86 -27.92
N ASP A 502 -28.30 46.85 -27.75
CA ASP A 502 -29.17 46.35 -28.81
C ASP A 502 -30.28 47.33 -29.20
N THR A 503 -30.60 48.27 -28.32
CA THR A 503 -31.62 49.25 -28.64
C THR A 503 -31.01 50.61 -29.05
N GLY A 504 -29.73 50.65 -29.41
CA GLY A 504 -29.12 51.84 -29.94
C GLY A 504 -28.03 52.53 -29.16
N MET A 505 -27.78 52.13 -27.90
CA MET A 505 -26.74 52.78 -27.10
C MET A 505 -25.33 52.30 -27.52
N MET A 506 -24.94 52.60 -28.73
CA MET A 506 -23.66 52.20 -29.29
C MET A 506 -23.25 53.23 -30.33
N MET A 507 -21.95 53.45 -30.44
CA MET A 507 -21.43 54.36 -31.44
C MET A 507 -20.17 53.80 -32.05
N SER A 508 -19.92 54.13 -33.32
CA SER A 508 -18.69 53.68 -33.97
C SER A 508 -17.75 54.85 -34.23
N PHE A 509 -16.46 54.56 -34.35
CA PHE A 509 -15.45 55.58 -34.62
C PHE A 509 -14.26 54.95 -35.32
N THR A 510 -13.58 55.73 -36.16
CA THR A 510 -12.44 55.24 -36.90
C THR A 510 -11.12 55.71 -36.31
N VAL A 511 -10.05 54.98 -36.59
CA VAL A 511 -8.70 55.32 -36.16
C VAL A 511 -7.82 55.23 -37.39
N SER A 512 -7.00 56.26 -37.63
CA SER A 512 -6.12 56.25 -38.78
C SER A 512 -4.77 56.95 -38.55
N ALA B 1 -7.92 7.94 -30.08
CA ALA B 1 -8.11 6.70 -30.82
C ALA B 1 -9.60 6.30 -30.95
N GLU B 2 -9.93 5.41 -31.91
CA GLU B 2 -11.30 4.94 -32.10
C GLU B 2 -11.51 3.66 -31.29
N HIS B 3 -11.95 3.83 -30.04
CA HIS B 3 -12.19 2.71 -29.13
C HIS B 3 -13.48 2.01 -29.53
N PRO B 4 -13.49 0.67 -29.50
CA PRO B 4 -14.74 -0.04 -29.83
C PRO B 4 -15.83 0.15 -28.78
N THR B 5 -17.09 0.00 -29.18
CA THR B 5 -18.21 0.19 -28.26
C THR B 5 -18.22 -0.89 -27.18
N LEU B 6 -18.40 -0.49 -25.91
CA LEU B 6 -18.47 -1.41 -24.79
C LEU B 6 -19.68 -2.31 -24.95
N PRO B 7 -19.48 -3.63 -25.07
CA PRO B 7 -20.63 -4.52 -25.25
C PRO B 7 -21.47 -4.63 -23.98
N ILE B 8 -22.79 -4.67 -24.13
CA ILE B 8 -23.68 -4.80 -22.98
C ILE B 8 -24.33 -6.17 -22.97
N PRO B 9 -24.12 -6.97 -21.90
CA PRO B 9 -24.75 -8.29 -21.82
C PRO B 9 -26.26 -8.21 -21.91
N ALA B 10 -26.86 -9.09 -22.71
CA ALA B 10 -28.30 -9.10 -22.88
C ALA B 10 -28.99 -9.49 -21.58
N LEU B 11 -29.95 -8.66 -21.15
CA LEU B 11 -30.72 -8.94 -19.95
C LEU B 11 -31.58 -10.19 -20.19
N LEU B 12 -31.66 -11.07 -19.18
CA LEU B 12 -32.40 -12.30 -19.33
C LEU B 12 -33.30 -12.56 -18.13
N THR B 13 -34.59 -12.25 -18.28
CA THR B 13 -35.59 -12.45 -17.22
C THR B 13 -36.25 -13.83 -17.37
N PRO B 14 -36.84 -14.38 -16.29
CA PRO B 14 -37.49 -15.69 -16.41
C PRO B 14 -38.73 -15.62 -17.30
N ASP B 15 -39.02 -16.70 -18.05
CA ASP B 15 -40.20 -16.73 -18.90
C ASP B 15 -41.51 -16.91 -18.09
N ALA B 16 -42.67 -17.07 -18.79
CA ALA B 16 -43.97 -17.31 -18.16
C ALA B 16 -43.94 -18.61 -17.33
N ALA B 17 -43.19 -19.63 -17.81
CA ALA B 17 -43.01 -20.89 -17.07
C ALA B 17 -42.09 -20.76 -15.83
N GLY B 18 -41.45 -19.60 -15.68
CA GLY B 18 -40.54 -19.31 -14.57
C GLY B 18 -39.21 -19.99 -14.75
N LYS B 19 -38.68 -19.97 -15.97
CA LYS B 19 -37.42 -20.62 -16.31
C LYS B 19 -36.47 -19.71 -17.08
N ILE B 20 -35.16 -20.00 -17.01
CA ILE B 20 -34.14 -19.27 -17.75
C ILE B 20 -33.27 -20.32 -18.42
N ALA B 21 -33.11 -20.22 -19.75
CA ALA B 21 -32.31 -21.19 -20.48
C ALA B 21 -30.89 -20.69 -20.74
N LEU B 22 -29.89 -21.41 -20.23
CA LEU B 22 -28.50 -21.05 -20.43
C LEU B 22 -27.79 -22.09 -21.29
N ASN B 23 -27.15 -21.66 -22.38
CA ASN B 23 -26.46 -22.58 -23.27
C ASN B 23 -24.97 -22.34 -23.20
N VAL B 24 -24.25 -23.32 -22.65
CA VAL B 24 -22.80 -23.21 -22.49
C VAL B 24 -22.16 -23.66 -23.80
N GLN B 25 -22.09 -22.76 -24.76
CA GLN B 25 -21.62 -23.05 -26.10
C GLN B 25 -20.18 -22.62 -26.39
N THR B 26 -19.68 -22.96 -27.59
CA THR B 26 -18.37 -22.60 -28.10
C THR B 26 -18.47 -21.33 -29.01
N GLY B 27 -17.35 -20.75 -29.39
CA GLY B 27 -17.34 -19.55 -30.22
C GLY B 27 -15.94 -19.06 -30.54
N SER B 28 -15.81 -17.77 -30.86
CA SER B 28 -14.53 -17.15 -31.21
C SER B 28 -14.54 -15.63 -31.05
N MET B 29 -13.35 -15.03 -30.82
CA MET B 29 -13.20 -13.59 -30.62
C MET B 29 -11.99 -13.01 -31.38
N LYS B 30 -12.15 -11.83 -31.97
CA LYS B 30 -11.08 -11.18 -32.72
C LYS B 30 -10.24 -10.27 -31.82
N TRP B 31 -9.11 -10.77 -31.31
CA TRP B 31 -8.24 -9.97 -30.45
C TRP B 31 -6.90 -9.74 -31.12
N LYS B 32 -6.36 -10.78 -31.77
CA LYS B 32 -5.08 -10.67 -32.45
C LYS B 32 -5.28 -10.25 -33.90
N ALA B 33 -4.27 -9.57 -34.46
CA ALA B 33 -4.29 -9.11 -35.83
C ALA B 33 -4.43 -10.27 -36.81
N GLY B 34 -5.61 -10.40 -37.42
CA GLY B 34 -5.88 -11.46 -38.39
C GLY B 34 -6.29 -12.79 -37.81
N MET B 35 -5.68 -13.17 -36.69
CA MET B 35 -5.99 -14.43 -36.03
C MET B 35 -7.23 -14.34 -35.16
N GLN B 36 -8.12 -15.32 -35.30
CA GLN B 36 -9.35 -15.39 -34.55
C GLN B 36 -9.17 -16.38 -33.38
N THR B 37 -9.30 -15.92 -32.12
CA THR B 37 -9.14 -16.74 -30.92
C THR B 37 -10.33 -17.64 -30.63
N PRO B 38 -10.09 -18.97 -30.46
CA PRO B 38 -11.21 -19.85 -30.11
C PRO B 38 -11.59 -19.63 -28.65
N THR B 39 -12.86 -19.35 -28.38
CA THR B 39 -13.33 -19.10 -27.02
C THR B 39 -14.56 -19.96 -26.64
N TRP B 40 -14.98 -19.86 -25.37
CA TRP B 40 -16.15 -20.48 -24.77
C TRP B 40 -17.05 -19.35 -24.25
N GLY B 41 -18.36 -19.56 -24.26
CA GLY B 41 -19.29 -18.55 -23.77
C GLY B 41 -20.65 -19.12 -23.44
N ILE B 42 -21.47 -18.33 -22.74
CA ILE B 42 -22.82 -18.72 -22.34
C ILE B 42 -23.77 -17.79 -23.09
N ASN B 43 -24.65 -18.37 -23.94
CA ASN B 43 -25.57 -17.63 -24.82
C ASN B 43 -24.86 -16.61 -25.74
N GLY B 44 -23.55 -16.78 -25.92
CA GLY B 44 -22.68 -15.96 -26.75
C GLY B 44 -21.35 -16.66 -27.00
N PRO B 45 -20.43 -16.02 -27.71
CA PRO B 45 -19.12 -16.66 -27.96
C PRO B 45 -18.14 -16.58 -26.78
N LEU B 46 -18.40 -15.63 -25.85
CA LEU B 46 -17.62 -15.33 -24.64
C LEU B 46 -18.54 -14.70 -23.60
N LEU B 47 -18.16 -14.84 -22.31
CA LEU B 47 -18.89 -14.35 -21.14
C LEU B 47 -20.36 -14.81 -21.16
N GLY B 48 -21.30 -14.02 -20.66
CA GLY B 48 -22.70 -14.43 -20.65
C GLY B 48 -23.72 -13.35 -20.46
N PRO B 49 -24.99 -13.77 -20.39
CA PRO B 49 -26.07 -12.81 -20.19
C PRO B 49 -26.17 -12.29 -18.75
N ALA B 50 -26.94 -11.24 -18.54
CA ALA B 50 -27.17 -10.71 -17.21
C ALA B 50 -28.54 -11.18 -16.80
N MET B 51 -28.62 -12.24 -15.99
CA MET B 51 -29.90 -12.74 -15.53
C MET B 51 -30.52 -11.80 -14.50
N ARG B 52 -31.61 -11.12 -14.85
CA ARG B 52 -32.25 -10.21 -13.90
C ARG B 52 -33.34 -10.94 -13.12
N LEU B 53 -33.19 -11.04 -11.80
CA LEU B 53 -34.12 -11.73 -10.94
C LEU B 53 -34.71 -10.81 -9.87
N GLN B 54 -35.98 -11.03 -9.52
CA GLN B 54 -36.64 -10.20 -8.50
C GLN B 54 -36.69 -10.95 -7.17
N ARG B 55 -36.41 -10.24 -6.07
CA ARG B 55 -36.41 -10.86 -4.74
C ARG B 55 -37.76 -11.46 -4.39
N GLY B 56 -37.75 -12.71 -3.95
CA GLY B 56 -38.96 -13.41 -3.57
C GLY B 56 -39.45 -14.37 -4.63
N LYS B 57 -39.16 -14.06 -5.90
CA LYS B 57 -39.62 -14.88 -7.01
C LYS B 57 -38.77 -16.15 -7.22
N ASP B 58 -39.42 -17.28 -7.53
CA ASP B 58 -38.72 -18.53 -7.82
C ASP B 58 -38.29 -18.56 -9.29
N VAL B 59 -37.24 -19.32 -9.60
CA VAL B 59 -36.73 -19.47 -10.98
C VAL B 59 -35.97 -20.79 -11.11
N ALA B 60 -36.07 -21.45 -12.28
CA ALA B 60 -35.35 -22.69 -12.51
C ALA B 60 -34.43 -22.46 -13.68
N ILE B 61 -33.13 -22.47 -13.44
CA ILE B 61 -32.16 -22.22 -14.49
C ILE B 61 -31.75 -23.51 -15.16
N ASN B 62 -31.93 -23.58 -16.48
CA ASN B 62 -31.64 -24.77 -17.28
C ASN B 62 -30.34 -24.65 -18.05
N VAL B 63 -29.27 -25.15 -17.46
CA VAL B 63 -27.94 -25.08 -18.05
C VAL B 63 -27.67 -26.27 -18.96
N THR B 64 -27.55 -26.03 -20.26
CA THR B 64 -27.30 -27.11 -21.22
C THR B 64 -25.85 -27.05 -21.64
N ASN B 65 -25.10 -28.13 -21.43
CA ASN B 65 -23.68 -28.15 -21.78
C ASN B 65 -23.43 -28.38 -23.25
N ALA B 66 -23.34 -27.30 -24.05
CA ALA B 66 -23.03 -27.46 -25.47
C ALA B 66 -21.52 -27.50 -25.75
N LEU B 67 -20.74 -27.92 -24.76
CA LEU B 67 -19.29 -27.98 -24.82
C LEU B 67 -18.80 -29.39 -25.10
N PRO B 68 -17.59 -29.53 -25.65
CA PRO B 68 -17.03 -30.87 -25.85
C PRO B 68 -16.61 -31.56 -24.52
N GLU B 69 -16.38 -30.78 -23.45
CA GLU B 69 -16.02 -31.36 -22.16
C GLU B 69 -16.96 -30.93 -21.03
N ALA B 70 -16.98 -31.69 -19.93
CA ALA B 70 -17.87 -31.40 -18.83
C ALA B 70 -17.57 -30.08 -18.14
N THR B 71 -18.60 -29.47 -17.58
CA THR B 71 -18.49 -28.21 -16.85
C THR B 71 -19.54 -28.15 -15.73
N THR B 72 -19.43 -27.18 -14.83
CA THR B 72 -20.38 -26.96 -13.73
C THR B 72 -20.77 -25.45 -13.74
N MET B 73 -21.66 -25.00 -12.82
CA MET B 73 -22.04 -23.59 -12.78
C MET B 73 -22.35 -23.08 -11.37
N HIS B 74 -21.39 -22.37 -10.75
CA HIS B 74 -21.53 -21.79 -9.41
C HIS B 74 -22.25 -20.44 -9.49
N TRP B 75 -23.25 -20.23 -8.63
CA TRP B 75 -23.97 -18.96 -8.59
C TRP B 75 -23.34 -18.13 -7.48
N HIS B 76 -22.19 -17.50 -7.79
CA HIS B 76 -21.40 -16.69 -6.88
C HIS B 76 -22.19 -15.57 -6.22
N GLY B 77 -22.27 -15.62 -4.90
CA GLY B 77 -22.96 -14.60 -4.11
C GLY B 77 -24.40 -14.93 -3.75
N MET B 78 -24.93 -16.06 -4.25
CA MET B 78 -26.32 -16.42 -4.00
C MET B 78 -26.52 -17.15 -2.69
N GLU B 79 -27.43 -16.64 -1.85
CA GLU B 79 -27.80 -17.25 -0.58
C GLU B 79 -28.90 -18.26 -0.89
N ILE B 80 -28.48 -19.43 -1.36
CA ILE B 80 -29.33 -20.53 -1.80
C ILE B 80 -28.89 -21.86 -1.14
N PRO B 81 -29.74 -22.91 -1.13
CA PRO B 81 -29.29 -24.20 -0.56
C PRO B 81 -28.20 -24.84 -1.41
N GLY B 82 -27.39 -25.69 -0.77
CA GLY B 82 -26.31 -26.39 -1.45
C GLY B 82 -26.76 -27.23 -2.62
N THR B 83 -28.00 -27.72 -2.54
CA THR B 83 -28.68 -28.52 -3.57
C THR B 83 -29.08 -27.71 -4.82
N SER B 84 -28.66 -26.44 -4.91
CA SER B 84 -28.99 -25.59 -6.06
C SER B 84 -27.76 -24.83 -6.60
N ASP B 85 -26.59 -24.92 -5.92
CA ASP B 85 -25.41 -24.16 -6.30
C ASP B 85 -24.59 -24.78 -7.43
N GLY B 86 -24.54 -26.10 -7.48
CA GLY B 86 -23.77 -26.78 -8.52
C GLY B 86 -22.28 -26.48 -8.58
N GLY B 87 -21.49 -27.40 -8.06
CA GLY B 87 -20.04 -27.33 -8.09
C GLY B 87 -19.50 -28.66 -8.56
N PRO B 88 -18.44 -29.18 -7.95
CA PRO B 88 -17.89 -30.49 -8.37
C PRO B 88 -18.80 -31.69 -8.07
N GLN B 89 -19.83 -31.52 -7.24
CA GLN B 89 -20.78 -32.60 -6.95
C GLN B 89 -22.04 -32.53 -7.87
N ALA B 90 -22.05 -31.61 -8.86
CA ALA B 90 -23.16 -31.44 -9.78
C ALA B 90 -22.59 -31.14 -11.16
N VAL B 91 -21.89 -32.14 -11.71
CA VAL B 91 -21.23 -32.03 -13.01
C VAL B 91 -22.19 -32.16 -14.17
N ILE B 92 -22.14 -31.19 -15.08
CA ILE B 92 -22.98 -31.17 -16.28
C ILE B 92 -22.15 -31.78 -17.39
N GLU B 93 -22.40 -33.05 -17.72
CA GLU B 93 -21.66 -33.75 -18.78
C GLU B 93 -21.99 -33.19 -20.17
N PRO B 94 -21.06 -33.29 -21.15
CA PRO B 94 -21.35 -32.75 -22.49
C PRO B 94 -22.65 -33.26 -23.10
N GLY B 95 -23.42 -32.35 -23.68
CA GLY B 95 -24.70 -32.64 -24.29
C GLY B 95 -25.86 -32.77 -23.33
N LYS B 96 -25.59 -32.78 -22.02
CA LYS B 96 -26.65 -32.93 -21.03
C LYS B 96 -27.10 -31.57 -20.44
N MET B 97 -28.24 -31.57 -19.75
CA MET B 97 -28.80 -30.34 -19.17
C MET B 97 -28.99 -30.54 -17.66
N TRP B 98 -28.60 -29.52 -16.88
CA TRP B 98 -28.73 -29.53 -15.44
C TRP B 98 -29.66 -28.39 -15.01
N THR B 99 -30.57 -28.66 -14.07
CA THR B 99 -31.51 -27.65 -13.61
C THR B 99 -31.18 -27.19 -12.19
N ALA B 100 -31.25 -25.87 -11.95
CA ALA B 100 -30.99 -25.30 -10.64
C ALA B 100 -32.19 -24.48 -10.20
N GLU B 101 -32.93 -24.94 -9.18
CA GLU B 101 -34.08 -24.20 -8.68
C GLU B 101 -33.69 -23.23 -7.58
N ILE B 102 -33.86 -21.93 -7.84
CA ILE B 102 -33.49 -20.88 -6.90
C ILE B 102 -34.69 -20.02 -6.49
N LYS B 103 -34.87 -19.81 -5.19
CA LYS B 103 -35.90 -18.88 -4.71
C LYS B 103 -35.11 -17.71 -4.16
N VAL B 104 -35.08 -16.59 -4.89
CA VAL B 104 -34.31 -15.42 -4.49
C VAL B 104 -34.69 -14.91 -3.11
N ASP B 105 -33.72 -14.88 -2.18
CA ASP B 105 -33.98 -14.42 -0.82
C ASP B 105 -32.78 -13.66 -0.28
N GLN B 106 -32.49 -12.49 -0.87
CA GLN B 106 -31.37 -11.65 -0.47
C GLN B 106 -31.50 -10.24 -1.04
N PRO B 107 -30.87 -9.24 -0.42
CA PRO B 107 -30.96 -7.86 -0.95
C PRO B 107 -30.57 -7.67 -2.42
N ALA B 108 -30.89 -6.50 -2.99
CA ALA B 108 -30.57 -6.18 -4.37
C ALA B 108 -29.07 -6.10 -4.52
N THR B 109 -28.51 -6.82 -5.50
CA THR B 109 -27.06 -6.96 -5.65
C THR B 109 -26.61 -7.27 -7.08
N THR B 110 -25.32 -7.07 -7.37
CA THR B 110 -24.74 -7.50 -8.61
C THR B 110 -23.97 -8.78 -8.27
N ALA B 111 -24.63 -9.92 -8.39
CA ALA B 111 -24.01 -11.22 -8.16
C ALA B 111 -23.48 -11.73 -9.54
N TRP B 112 -22.79 -12.88 -9.61
CA TRP B 112 -22.31 -13.40 -10.89
C TRP B 112 -22.26 -14.94 -10.91
N PHE B 113 -22.01 -15.52 -12.08
CA PHE B 113 -21.93 -16.96 -12.20
C PHE B 113 -20.77 -17.37 -13.05
N HIS B 114 -20.19 -18.53 -12.75
CA HIS B 114 -19.03 -19.04 -13.46
C HIS B 114 -18.85 -20.53 -13.16
N PRO B 115 -18.09 -21.29 -13.97
CA PRO B 115 -17.88 -22.70 -13.66
C PRO B 115 -17.07 -22.92 -12.38
N HIS B 116 -17.27 -24.06 -11.73
CA HIS B 116 -16.57 -24.42 -10.52
C HIS B 116 -16.09 -25.88 -10.67
N THR B 117 -15.54 -26.21 -11.84
CA THR B 117 -15.09 -27.57 -12.17
C THR B 117 -13.83 -27.94 -11.41
N HIS B 118 -13.83 -29.15 -10.82
CA HIS B 118 -12.71 -29.67 -10.04
C HIS B 118 -11.40 -29.64 -10.82
N GLY B 119 -10.43 -28.87 -10.34
CA GLY B 119 -9.11 -28.74 -10.96
C GLY B 119 -9.07 -28.09 -12.32
N LEU B 120 -10.23 -27.58 -12.79
CA LEU B 120 -10.34 -26.95 -14.10
C LEU B 120 -11.02 -25.59 -14.08
N THR B 121 -11.41 -25.07 -12.90
CA THR B 121 -12.08 -23.78 -12.74
C THR B 121 -11.31 -22.65 -13.41
N GLY B 122 -10.00 -22.61 -13.20
CA GLY B 122 -9.15 -21.61 -13.80
C GLY B 122 -9.17 -21.69 -15.31
N ARG B 123 -9.01 -22.90 -15.84
CA ARG B 123 -9.02 -23.14 -17.28
C ARG B 123 -10.34 -22.71 -17.92
N GLN B 124 -11.46 -23.15 -17.35
CA GLN B 124 -12.79 -22.88 -17.88
C GLN B 124 -13.20 -21.39 -17.80
N VAL B 125 -12.76 -20.67 -16.77
CA VAL B 125 -13.06 -19.25 -16.67
C VAL B 125 -12.20 -18.49 -17.70
N ALA B 126 -10.90 -18.86 -17.80
CA ALA B 126 -9.97 -18.30 -18.79
C ALA B 126 -10.48 -18.50 -20.21
N MET B 127 -11.17 -19.63 -20.45
CA MET B 127 -11.76 -19.95 -21.75
C MET B 127 -12.83 -18.97 -22.22
N GLY B 128 -13.45 -18.27 -21.28
CA GLY B 128 -14.49 -17.31 -21.63
C GLY B 128 -15.71 -17.39 -20.75
N LEU B 129 -15.90 -18.51 -20.05
CA LEU B 129 -17.08 -18.71 -19.20
C LEU B 129 -17.25 -17.67 -18.04
N GLY B 130 -18.50 -17.22 -17.90
CA GLY B 130 -18.89 -16.22 -16.93
C GLY B 130 -20.24 -15.60 -17.27
N GLY B 131 -20.69 -14.68 -16.43
CA GLY B 131 -21.99 -14.03 -16.59
C GLY B 131 -22.45 -13.34 -15.33
N LEU B 132 -23.47 -12.50 -15.43
CA LEU B 132 -23.96 -11.74 -14.29
C LEU B 132 -25.33 -12.13 -13.78
N ILE B 133 -25.63 -11.77 -12.53
CA ILE B 133 -26.91 -12.01 -11.88
C ILE B 133 -27.32 -10.70 -11.23
N ILE B 134 -28.29 -10.01 -11.83
CA ILE B 134 -28.77 -8.75 -11.29
C ILE B 134 -30.01 -8.97 -10.43
N ILE B 135 -29.87 -8.83 -9.12
CA ILE B 135 -31.00 -9.00 -8.21
C ILE B 135 -31.60 -7.66 -7.89
N ASP B 136 -32.94 -7.56 -7.97
CA ASP B 136 -33.68 -6.34 -7.66
C ASP B 136 -34.59 -6.59 -6.49
N ASP B 137 -34.68 -5.64 -5.57
CA ASP B 137 -35.61 -5.75 -4.46
C ASP B 137 -36.47 -4.47 -4.36
N GLU B 138 -37.45 -4.45 -3.47
CA GLU B 138 -38.34 -3.31 -3.32
C GLU B 138 -37.65 -2.06 -2.77
N GLU B 139 -36.86 -2.21 -1.69
CA GLU B 139 -36.14 -1.13 -1.01
C GLU B 139 -35.21 -0.33 -1.94
N SER B 140 -34.50 -1.03 -2.83
CA SER B 140 -33.54 -0.41 -3.76
C SER B 140 -34.22 0.33 -4.90
N THR B 141 -35.32 -0.22 -5.42
CA THR B 141 -36.05 0.35 -6.55
C THR B 141 -36.49 1.80 -6.27
N LYS B 142 -36.86 2.08 -5.02
CA LYS B 142 -37.28 3.41 -4.56
C LYS B 142 -36.16 4.47 -4.64
N LEU B 143 -34.91 4.05 -4.74
CA LEU B 143 -33.78 4.98 -4.79
C LEU B 143 -33.57 5.63 -6.15
N PRO B 144 -33.11 6.89 -6.16
CA PRO B 144 -32.88 7.57 -7.44
C PRO B 144 -31.57 7.19 -8.15
N LEU B 145 -31.24 5.91 -8.18
CA LEU B 145 -30.00 5.45 -8.83
C LEU B 145 -30.23 5.17 -10.30
N PRO B 146 -29.19 5.31 -11.14
CA PRO B 146 -29.35 5.00 -12.57
C PRO B 146 -29.90 3.59 -12.81
N LYS B 147 -31.02 3.45 -13.53
CA LYS B 147 -31.65 2.16 -13.75
C LYS B 147 -31.66 1.69 -15.21
N GLU B 148 -31.43 2.62 -16.15
CA GLU B 148 -31.45 2.27 -17.57
C GLU B 148 -30.25 1.44 -17.95
N TRP B 149 -30.47 0.11 -18.01
CA TRP B 149 -29.46 -0.88 -18.33
C TRP B 149 -28.74 -0.57 -19.64
N GLY B 150 -27.42 -0.67 -19.62
CA GLY B 150 -26.61 -0.41 -20.80
C GLY B 150 -26.51 1.06 -21.20
N VAL B 151 -27.17 1.95 -20.44
CA VAL B 151 -27.13 3.39 -20.72
C VAL B 151 -26.48 4.12 -19.54
N ASP B 152 -27.07 4.02 -18.34
CA ASP B 152 -26.52 4.64 -17.14
C ASP B 152 -26.25 3.62 -16.02
N ASP B 153 -26.81 2.39 -16.12
CA ASP B 153 -26.58 1.29 -15.19
C ASP B 153 -25.83 0.28 -16.03
N VAL B 154 -24.50 0.37 -16.03
CA VAL B 154 -23.64 -0.41 -16.91
C VAL B 154 -22.73 -1.44 -16.20
N PRO B 155 -22.74 -2.70 -16.66
CA PRO B 155 -21.85 -3.70 -16.08
C PRO B 155 -20.43 -3.64 -16.67
N VAL B 156 -19.41 -3.76 -15.81
CA VAL B 156 -18.02 -3.73 -16.27
C VAL B 156 -17.27 -4.97 -15.78
N ILE B 157 -17.19 -6.01 -16.63
CA ILE B 157 -16.47 -7.24 -16.29
C ILE B 157 -15.01 -7.14 -16.71
N LEU B 158 -14.13 -6.95 -15.75
CA LEU B 158 -12.72 -6.78 -16.02
C LEU B 158 -11.94 -8.08 -15.89
N GLN B 159 -11.41 -8.58 -17.01
CA GLN B 159 -10.64 -9.82 -17.00
C GLN B 159 -9.35 -9.63 -17.78
N ASP B 160 -8.28 -10.31 -17.37
CA ASP B 160 -7.02 -10.26 -18.12
C ASP B 160 -6.77 -11.62 -18.78
N LYS B 161 -6.22 -11.63 -19.99
CA LYS B 161 -5.95 -12.87 -20.69
C LYS B 161 -4.58 -12.85 -21.36
N ARG B 162 -4.10 -14.02 -21.76
CA ARG B 162 -2.83 -14.14 -22.46
C ARG B 162 -3.07 -14.93 -23.73
N LEU B 163 -2.45 -14.50 -24.84
CA LEU B 163 -2.62 -15.22 -26.11
C LEU B 163 -1.27 -15.71 -26.63
N ASP B 164 -1.30 -16.85 -27.35
CA ASP B 164 -0.08 -17.41 -27.92
C ASP B 164 0.20 -16.83 -29.33
N ALA B 165 1.26 -17.32 -29.99
CA ALA B 165 1.60 -16.86 -31.34
C ALA B 165 0.47 -17.15 -32.32
N LYS B 166 -0.20 -18.30 -32.18
CA LYS B 166 -1.32 -18.67 -33.05
C LYS B 166 -2.68 -18.03 -32.68
N GLY B 167 -2.69 -17.17 -31.66
CA GLY B 167 -3.91 -16.50 -31.24
C GLY B 167 -4.77 -17.20 -30.22
N HIS B 168 -4.44 -18.46 -29.87
CA HIS B 168 -5.16 -19.24 -28.86
C HIS B 168 -4.93 -18.71 -27.44
N ILE B 169 -5.85 -19.02 -26.51
CA ILE B 169 -5.69 -18.60 -25.12
C ILE B 169 -4.56 -19.42 -24.49
N ASP B 170 -3.48 -18.77 -24.08
CA ASP B 170 -2.32 -19.44 -23.51
C ASP B 170 -2.51 -19.82 -22.03
N TYR B 171 -3.44 -20.74 -21.74
CA TYR B 171 -3.69 -21.14 -20.35
C TYR B 171 -2.79 -22.28 -19.92
N GLN B 172 -2.09 -22.11 -18.82
CA GLN B 172 -1.18 -23.13 -18.30
C GLN B 172 -1.35 -23.27 -16.77
N LEU B 173 -1.53 -24.51 -16.27
CA LEU B 173 -1.58 -24.75 -14.84
C LEU B 173 -0.26 -25.44 -14.55
N ASP B 174 0.79 -24.63 -14.47
CA ASP B 174 2.15 -25.09 -14.30
C ASP B 174 2.75 -24.65 -12.95
N ILE B 175 4.06 -24.85 -12.73
CA ILE B 175 4.74 -24.46 -11.51
C ILE B 175 4.60 -22.96 -11.22
N ILE B 176 4.53 -22.11 -12.26
CA ILE B 176 4.41 -20.68 -12.04
C ILE B 176 2.98 -20.29 -11.66
N THR B 177 1.99 -20.69 -12.46
CA THR B 177 0.61 -20.34 -12.18
C THR B 177 0.05 -21.02 -10.93
N ALA B 178 0.59 -22.18 -10.50
CA ALA B 178 0.13 -22.80 -9.26
C ALA B 178 0.49 -21.92 -8.06
N ALA B 179 1.60 -21.15 -8.14
CA ALA B 179 2.03 -20.32 -7.05
C ALA B 179 1.51 -18.89 -7.11
N VAL B 180 1.65 -18.21 -8.26
CA VAL B 180 1.24 -16.81 -8.37
C VAL B 180 -0.07 -16.59 -9.13
N GLY B 181 -0.55 -17.61 -9.83
CA GLY B 181 -1.78 -17.53 -10.61
C GLY B 181 -1.54 -17.27 -12.08
N TRP B 182 -2.61 -17.37 -12.87
CA TRP B 182 -2.53 -17.15 -14.31
C TRP B 182 -2.76 -15.69 -14.63
N PHE B 183 -1.71 -14.98 -15.00
CA PHE B 183 -1.79 -13.58 -15.38
C PHE B 183 -1.51 -13.43 -16.86
N GLY B 184 -2.00 -12.35 -17.45
CA GLY B 184 -1.83 -12.10 -18.87
C GLY B 184 -1.27 -10.75 -19.21
N ASP B 185 -1.23 -10.46 -20.49
CA ASP B 185 -0.75 -9.18 -20.99
C ASP B 185 -1.82 -8.41 -21.81
N MET B 186 -3.06 -8.88 -21.79
CA MET B 186 -4.15 -8.26 -22.53
C MET B 186 -5.29 -7.95 -21.53
N MET B 187 -5.79 -6.72 -21.53
CA MET B 187 -6.83 -6.34 -20.60
C MET B 187 -8.21 -6.19 -21.24
N LEU B 188 -9.07 -7.17 -20.99
CA LEU B 188 -10.43 -7.16 -21.51
C LEU B 188 -11.43 -6.51 -20.55
N THR B 189 -12.32 -5.69 -21.10
CA THR B 189 -13.39 -5.01 -20.39
C THR B 189 -14.63 -5.48 -21.12
N ASN B 190 -15.37 -6.43 -20.55
CA ASN B 190 -16.50 -7.07 -21.23
C ASN B 190 -16.06 -7.80 -22.52
N GLY B 191 -14.84 -8.35 -22.48
CA GLY B 191 -14.25 -9.06 -23.61
C GLY B 191 -13.69 -8.17 -24.70
N THR B 192 -13.51 -6.88 -24.42
CA THR B 192 -13.04 -5.94 -25.41
C THR B 192 -11.83 -5.17 -24.90
N VAL B 193 -10.82 -4.98 -25.74
CA VAL B 193 -9.64 -4.22 -25.33
C VAL B 193 -9.93 -2.73 -25.37
N TYR B 194 -9.91 -2.08 -24.17
CA TYR B 194 -10.16 -0.66 -23.97
C TYR B 194 -11.43 -0.15 -24.67
N PRO B 195 -12.63 -0.58 -24.22
CA PRO B 195 -13.86 -0.10 -24.87
C PRO B 195 -14.22 1.34 -24.51
N GLN B 196 -15.33 1.82 -25.10
CA GLN B 196 -15.82 3.17 -24.91
C GLN B 196 -17.32 3.10 -24.63
N HIS B 197 -17.81 3.91 -23.68
CA HIS B 197 -19.23 3.95 -23.37
C HIS B 197 -19.79 5.36 -23.39
N LEU B 198 -20.92 5.56 -24.08
CA LEU B 198 -21.58 6.85 -24.18
C LEU B 198 -22.67 6.96 -23.12
N ALA B 199 -22.43 7.77 -22.10
CA ALA B 199 -23.38 7.88 -20.99
C ALA B 199 -24.01 9.25 -20.84
N PRO B 200 -25.28 9.32 -20.39
CA PRO B 200 -25.90 10.63 -20.19
C PRO B 200 -25.27 11.43 -19.06
N ARG B 201 -25.35 12.76 -19.13
CA ARG B 201 -24.80 13.59 -18.06
C ARG B 201 -25.66 13.45 -16.82
N GLY B 202 -25.00 13.39 -15.67
CA GLY B 202 -25.63 13.27 -14.37
C GLY B 202 -24.84 12.31 -13.52
N TRP B 203 -25.42 11.11 -13.30
CA TRP B 203 -24.74 10.07 -12.54
C TRP B 203 -24.65 8.79 -13.38
N LEU B 204 -23.48 8.16 -13.38
CA LEU B 204 -23.24 6.92 -14.10
C LEU B 204 -22.97 5.78 -13.09
N ARG B 205 -23.77 4.72 -13.15
CA ARG B 205 -23.67 3.56 -12.28
C ARG B 205 -22.90 2.46 -12.97
N LEU B 206 -21.77 2.06 -12.37
CA LEU B 206 -20.94 1.01 -12.94
C LEU B 206 -20.90 -0.19 -12.02
N ARG B 207 -21.45 -1.33 -12.49
CA ARG B 207 -21.44 -2.56 -11.73
C ARG B 207 -20.15 -3.30 -12.08
N PHE B 208 -19.08 -3.07 -11.31
CA PHE B 208 -17.79 -3.67 -11.54
C PHE B 208 -17.73 -5.14 -11.09
N LEU B 209 -16.89 -5.94 -11.76
CA LEU B 209 -16.63 -7.33 -11.41
C LEU B 209 -15.20 -7.66 -11.82
N ASN B 210 -14.39 -8.15 -10.88
CA ASN B 210 -13.03 -8.56 -11.22
C ASN B 210 -13.12 -10.03 -11.63
N GLY B 211 -13.22 -10.27 -12.93
CA GLY B 211 -13.30 -11.63 -13.46
C GLY B 211 -11.95 -12.24 -13.78
N CYS B 212 -10.86 -11.71 -13.21
CA CYS B 212 -9.53 -12.25 -13.44
C CYS B 212 -9.36 -13.54 -12.66
N ASN B 213 -8.50 -14.43 -13.17
CA ASN B 213 -8.22 -15.68 -12.48
C ASN B 213 -7.38 -15.40 -11.24
N ALA B 214 -6.38 -14.53 -11.37
CA ALA B 214 -5.47 -14.25 -10.28
C ALA B 214 -5.10 -12.77 -10.12
N ARG B 215 -5.50 -11.91 -11.06
CA ARG B 215 -5.14 -10.50 -10.99
C ARG B 215 -6.04 -9.63 -10.12
N SER B 216 -5.44 -8.91 -9.15
CA SER B 216 -6.21 -7.97 -8.34
C SER B 216 -6.09 -6.61 -9.04
N LEU B 217 -7.16 -5.83 -9.02
CA LEU B 217 -7.18 -4.53 -9.68
C LEU B 217 -7.33 -3.38 -8.68
N ASN B 218 -7.01 -2.16 -9.12
CA ASN B 218 -7.15 -0.98 -8.28
C ASN B 218 -7.71 0.11 -9.15
N LEU B 219 -9.03 0.16 -9.24
CA LEU B 219 -9.75 1.10 -10.08
C LEU B 219 -9.72 2.54 -9.60
N ALA B 220 -9.65 3.49 -10.54
CA ALA B 220 -9.58 4.93 -10.29
C ALA B 220 -9.95 5.70 -11.60
N THR B 221 -10.03 7.06 -11.57
CA THR B 221 -10.33 7.83 -12.78
C THR B 221 -9.09 8.54 -13.30
N SER B 222 -9.04 8.81 -14.62
CA SER B 222 -7.91 9.47 -15.28
C SER B 222 -7.66 10.89 -14.78
N ASP B 223 -8.74 11.64 -14.50
CA ASP B 223 -8.64 13.02 -14.03
C ASP B 223 -8.65 13.19 -12.50
N GLY B 224 -8.81 12.11 -11.77
CA GLY B 224 -8.81 12.15 -10.31
C GLY B 224 -10.18 12.33 -9.68
N ARG B 225 -11.24 12.35 -10.49
CA ARG B 225 -12.60 12.48 -9.97
C ARG B 225 -12.95 11.27 -9.10
N PRO B 226 -13.59 11.51 -7.95
CA PRO B 226 -13.90 10.40 -7.04
C PRO B 226 -14.90 9.40 -7.57
N LEU B 227 -14.84 8.19 -7.02
CA LEU B 227 -15.73 7.07 -7.27
C LEU B 227 -16.55 6.89 -6.02
N TYR B 228 -17.87 6.90 -6.16
CA TYR B 228 -18.75 6.78 -5.02
C TYR B 228 -19.27 5.36 -4.90
N VAL B 229 -18.65 4.56 -4.02
CA VAL B 229 -19.06 3.18 -3.85
C VAL B 229 -20.42 3.11 -3.19
N VAL B 230 -21.41 2.60 -3.92
CA VAL B 230 -22.76 2.47 -3.39
C VAL B 230 -23.16 1.02 -3.08
N GLY B 231 -22.35 0.04 -3.48
CA GLY B 231 -22.65 -1.37 -3.19
C GLY B 231 -21.47 -2.30 -3.16
N SER B 232 -21.44 -3.20 -2.18
CA SER B 232 -20.41 -4.23 -2.05
C SER B 232 -20.90 -5.55 -2.71
N ASP B 233 -20.23 -6.68 -2.46
CA ASP B 233 -20.60 -7.96 -3.05
C ASP B 233 -22.06 -8.32 -2.94
N GLY B 234 -22.62 -8.29 -1.74
CA GLY B 234 -24.00 -8.72 -1.55
C GLY B 234 -25.03 -7.68 -1.14
N GLY B 235 -25.02 -6.54 -1.82
CA GLY B 235 -26.03 -5.52 -1.56
C GLY B 235 -25.46 -4.12 -1.48
N LEU B 236 -26.36 -3.14 -1.44
CA LEU B 236 -25.94 -1.76 -1.33
C LEU B 236 -25.44 -1.47 0.08
N LEU B 237 -24.59 -0.45 0.21
CA LEU B 237 -24.10 -0.03 1.51
C LEU B 237 -25.19 0.81 2.24
N GLY B 238 -24.94 1.16 3.49
CA GLY B 238 -25.86 2.01 4.24
C GLY B 238 -25.88 3.42 3.68
N GLU B 239 -24.73 3.89 3.22
CA GLU B 239 -24.52 5.20 2.63
C GLU B 239 -23.29 5.14 1.72
N PRO B 240 -23.22 5.99 0.68
CA PRO B 240 -22.08 5.93 -0.25
C PRO B 240 -20.72 6.25 0.37
N VAL B 241 -19.64 5.72 -0.22
CA VAL B 241 -18.28 5.95 0.24
C VAL B 241 -17.49 6.65 -0.84
N LYS B 242 -16.96 7.83 -0.52
CA LYS B 242 -16.17 8.59 -1.49
C LYS B 242 -14.74 8.06 -1.49
N LEU B 243 -14.26 7.61 -2.67
CA LEU B 243 -12.90 7.07 -2.81
C LEU B 243 -12.21 7.62 -4.04
N THR B 244 -10.89 7.75 -3.98
CA THR B 244 -10.11 8.10 -5.17
C THR B 244 -9.63 6.79 -5.83
N GLU B 245 -9.23 5.79 -5.00
CA GLU B 245 -8.78 4.47 -5.46
C GLU B 245 -9.72 3.37 -4.91
N LEU B 246 -10.03 2.37 -5.73
CA LEU B 246 -10.87 1.26 -5.33
C LEU B 246 -10.23 -0.07 -5.67
N PRO B 247 -9.58 -0.70 -4.69
CA PRO B 247 -9.02 -2.04 -4.94
C PRO B 247 -10.15 -3.08 -4.98
N ILE B 248 -10.14 -3.95 -5.99
CA ILE B 248 -11.15 -4.99 -6.12
C ILE B 248 -10.49 -6.36 -6.39
N LEU B 249 -10.78 -7.36 -5.52
CA LEU B 249 -10.22 -8.71 -5.59
C LEU B 249 -10.96 -9.63 -6.55
N MET B 250 -10.34 -10.75 -6.94
CA MET B 250 -10.93 -11.72 -7.86
C MET B 250 -12.28 -12.24 -7.36
N GLY B 251 -13.32 -12.08 -8.17
CA GLY B 251 -14.66 -12.54 -7.80
C GLY B 251 -15.51 -11.50 -7.12
N GLU B 252 -14.89 -10.43 -6.61
CA GLU B 252 -15.59 -9.35 -5.94
C GLU B 252 -16.33 -8.44 -6.91
N ARG B 253 -17.34 -7.72 -6.41
CA ARG B 253 -18.11 -6.77 -7.18
C ARG B 253 -18.29 -5.50 -6.38
N PHE B 254 -18.23 -4.34 -7.05
CA PHE B 254 -18.46 -3.06 -6.40
C PHE B 254 -19.27 -2.16 -7.32
N GLU B 255 -20.50 -1.76 -6.91
CA GLU B 255 -21.37 -0.86 -7.70
C GLU B 255 -20.97 0.57 -7.35
N VAL B 256 -20.55 1.37 -8.34
CA VAL B 256 -20.09 2.73 -8.07
C VAL B 256 -20.90 3.78 -8.83
N LEU B 257 -20.82 5.04 -8.39
CA LEU B 257 -21.45 6.16 -9.07
C LEU B 257 -20.39 7.17 -9.45
N VAL B 258 -20.45 7.66 -10.68
CA VAL B 258 -19.49 8.65 -11.16
C VAL B 258 -20.23 9.87 -11.69
N ASP B 259 -19.72 11.08 -11.38
CA ASP B 259 -20.34 12.36 -11.75
C ASP B 259 -20.06 12.80 -13.19
N THR B 260 -20.98 12.50 -14.11
CA THR B 260 -20.80 12.91 -15.51
C THR B 260 -21.46 14.26 -15.85
N ARG B 261 -21.93 15.01 -14.82
CA ARG B 261 -22.61 16.29 -14.97
C ARG B 261 -21.82 17.30 -15.81
N ASP B 262 -20.50 17.39 -15.61
CA ASP B 262 -19.65 18.33 -16.37
C ASP B 262 -19.46 17.99 -17.85
N GLY B 263 -19.94 16.82 -18.28
CA GLY B 263 -19.85 16.40 -19.68
C GLY B 263 -18.46 16.11 -20.22
N LYS B 264 -17.43 16.22 -19.37
CA LYS B 264 -16.05 15.96 -19.77
C LYS B 264 -15.80 14.45 -19.88
N ALA B 265 -15.10 14.02 -20.94
CA ALA B 265 -14.76 12.61 -21.10
C ALA B 265 -13.59 12.24 -20.18
N PHE B 266 -13.59 11.01 -19.68
CA PHE B 266 -12.57 10.52 -18.76
C PHE B 266 -12.42 8.99 -18.84
N ASP B 267 -11.35 8.46 -18.26
CA ASP B 267 -11.08 7.02 -18.28
C ASP B 267 -11.19 6.38 -16.92
N ILE B 268 -11.62 5.12 -16.91
CA ILE B 268 -11.60 4.30 -15.71
C ILE B 268 -10.27 3.57 -15.87
N ILE B 269 -9.34 3.83 -14.96
CA ILE B 269 -8.01 3.23 -15.03
C ILE B 269 -7.77 2.24 -13.91
N THR B 270 -6.79 1.36 -14.09
CA THR B 270 -6.38 0.43 -13.06
C THR B 270 -4.94 0.75 -12.72
N LEU B 271 -4.68 0.99 -11.45
CA LEU B 271 -3.35 1.34 -10.98
C LEU B 271 -2.55 0.09 -10.67
N PRO B 272 -1.23 0.14 -10.89
CA PRO B 272 -0.39 -1.04 -10.59
C PRO B 272 -0.48 -1.44 -9.11
N VAL B 273 -0.75 -2.73 -8.87
CA VAL B 273 -0.90 -3.29 -7.53
C VAL B 273 0.39 -3.99 -7.06
N LYS B 274 0.58 -4.16 -5.75
CA LYS B 274 1.73 -4.91 -5.24
C LYS B 274 1.34 -6.36 -5.06
N GLN B 275 1.26 -7.07 -6.16
CA GLN B 275 0.94 -8.49 -6.16
C GLN B 275 1.90 -9.20 -7.12
N MET B 276 2.44 -10.35 -6.68
CA MET B 276 3.39 -11.13 -7.47
C MET B 276 2.87 -11.54 -8.84
N GLY B 277 3.64 -11.17 -9.87
CA GLY B 277 3.35 -11.46 -11.26
C GLY B 277 2.47 -10.42 -11.95
N MET B 278 1.87 -9.51 -11.18
CA MET B 278 0.93 -8.54 -11.72
C MET B 278 1.54 -7.20 -12.12
N THR B 279 2.84 -7.01 -11.89
CA THR B 279 3.49 -5.73 -12.18
C THR B 279 4.19 -5.65 -13.54
N LEU B 280 3.85 -6.55 -14.45
CA LEU B 280 4.45 -6.55 -15.77
C LEU B 280 3.54 -5.81 -16.76
N PRO B 281 4.11 -5.25 -17.85
CA PRO B 281 3.28 -4.53 -18.83
C PRO B 281 2.15 -5.38 -19.41
N PRO B 282 1.00 -4.75 -19.69
CA PRO B 282 0.69 -3.31 -19.62
C PRO B 282 0.38 -2.75 -18.24
N PHE B 283 0.42 -3.60 -17.22
CA PHE B 283 0.01 -3.23 -15.88
C PHE B 283 1.09 -2.57 -15.03
N ASP B 284 2.30 -2.37 -15.58
CA ASP B 284 3.41 -1.71 -14.88
C ASP B 284 3.14 -0.22 -14.58
N ARG B 285 2.23 0.40 -15.32
CA ARG B 285 1.80 1.79 -15.13
C ARG B 285 0.24 1.86 -15.13
N ALA B 286 -0.35 3.04 -14.85
CA ALA B 286 -1.81 3.18 -14.85
C ALA B 286 -2.39 2.81 -16.22
N LEU B 287 -3.38 1.92 -16.25
CA LEU B 287 -3.91 1.43 -17.50
C LEU B 287 -5.39 1.74 -17.67
N PRO B 288 -5.74 2.53 -18.70
CA PRO B 288 -7.16 2.81 -18.93
C PRO B 288 -7.90 1.58 -19.46
N VAL B 289 -8.95 1.18 -18.76
CA VAL B 289 -9.74 0.00 -19.13
C VAL B 289 -11.11 0.36 -19.73
N LEU B 290 -11.57 1.61 -19.57
CA LEU B 290 -12.89 2.01 -20.10
C LEU B 290 -12.96 3.51 -20.34
N HIS B 291 -13.26 3.91 -21.58
CA HIS B 291 -13.38 5.33 -21.89
C HIS B 291 -14.82 5.79 -21.77
N ILE B 292 -15.08 6.73 -20.87
CA ILE B 292 -16.42 7.26 -20.67
C ILE B 292 -16.60 8.57 -21.41
N GLN B 293 -17.51 8.61 -22.38
CA GLN B 293 -17.78 9.82 -23.16
C GLN B 293 -19.22 10.28 -22.93
N PRO B 294 -19.40 11.36 -22.15
CA PRO B 294 -20.76 11.84 -21.89
C PRO B 294 -21.47 12.44 -23.11
N THR B 295 -22.70 11.99 -23.35
CA THR B 295 -23.53 12.46 -24.47
C THR B 295 -24.32 13.72 -24.04
N LEU B 296 -25.03 14.39 -24.98
CA LEU B 296 -25.85 15.53 -24.61
C LEU B 296 -27.09 15.13 -23.82
N LYS B 297 -27.55 13.87 -23.95
CA LYS B 297 -28.70 13.39 -23.18
C LYS B 297 -28.45 13.45 -21.66
N SER B 298 -29.52 13.42 -20.87
CA SER B 298 -29.38 13.56 -19.43
C SER B 298 -30.40 12.75 -18.67
N ASN B 299 -29.98 12.28 -17.49
CA ASN B 299 -30.84 11.52 -16.58
C ASN B 299 -31.06 12.32 -15.30
N GLU B 300 -32.06 11.92 -14.49
CA GLU B 300 -32.27 12.60 -13.22
C GLU B 300 -31.90 11.71 -12.03
N ALA B 301 -30.84 10.93 -12.20
CA ALA B 301 -30.32 10.11 -11.12
C ALA B 301 -29.56 11.01 -10.15
N LYS B 302 -29.55 10.62 -8.88
CA LYS B 302 -28.84 11.36 -7.86
C LYS B 302 -28.17 10.40 -6.85
N LEU B 303 -27.09 10.86 -6.20
CA LEU B 303 -26.35 10.13 -5.18
C LEU B 303 -27.04 10.37 -3.81
N PRO B 304 -27.86 9.42 -3.33
CA PRO B 304 -28.59 9.63 -2.07
C PRO B 304 -27.70 9.71 -0.86
N ASP B 305 -28.08 10.52 0.14
CA ASP B 305 -27.29 10.60 1.37
C ASP B 305 -27.30 9.27 2.15
N ALA B 306 -28.38 8.54 2.06
CA ALA B 306 -28.49 7.22 2.64
C ALA B 306 -29.05 6.29 1.58
N LEU B 307 -28.46 5.09 1.43
CA LEU B 307 -28.92 4.14 0.43
C LEU B 307 -29.96 3.17 1.02
N VAL B 308 -29.54 2.11 1.74
CA VAL B 308 -30.49 1.17 2.33
C VAL B 308 -30.18 0.97 3.82
N ASN B 309 -31.09 0.31 4.55
CA ASN B 309 -30.87 0.03 5.96
C ASN B 309 -29.75 -1.00 6.07
N MET B 310 -28.60 -0.58 6.63
CA MET B 310 -27.51 -1.52 6.83
C MET B 310 -27.53 -1.92 8.29
N PRO B 311 -27.94 -3.17 8.58
CA PRO B 311 -27.98 -3.61 9.98
C PRO B 311 -26.62 -3.55 10.65
N ALA B 312 -26.62 -3.42 11.98
CA ALA B 312 -25.38 -3.40 12.72
C ALA B 312 -24.84 -4.83 12.81
N VAL B 313 -23.52 -4.96 13.00
CA VAL B 313 -22.90 -6.27 13.14
C VAL B 313 -23.28 -6.77 14.53
N PRO B 314 -24.06 -7.85 14.61
CA PRO B 314 -24.46 -8.35 15.93
C PRO B 314 -23.26 -8.80 16.75
N ALA B 315 -23.28 -8.53 18.06
CA ALA B 315 -22.18 -8.95 18.91
C ALA B 315 -22.43 -10.41 19.24
N ALA B 316 -21.92 -11.31 18.40
CA ALA B 316 -22.08 -12.74 18.58
C ALA B 316 -21.12 -13.11 19.69
N ASP B 317 -21.65 -13.28 20.92
CA ASP B 317 -20.78 -13.48 22.08
C ASP B 317 -20.12 -14.85 22.18
N ASN B 318 -20.91 -15.93 22.30
CA ASN B 318 -20.31 -17.25 22.45
C ASN B 318 -20.63 -18.17 21.30
N VAL B 319 -20.53 -17.62 20.10
CA VAL B 319 -20.73 -18.40 18.89
C VAL B 319 -19.57 -19.34 18.60
N LYS B 320 -19.82 -20.37 17.80
CA LYS B 320 -18.79 -21.29 17.38
C LYS B 320 -17.80 -20.55 16.48
N THR B 321 -16.52 -20.86 16.62
CA THR B 321 -15.49 -20.29 15.76
C THR B 321 -14.96 -21.38 14.82
N ARG B 322 -14.20 -21.02 13.81
CA ARG B 322 -13.60 -21.98 12.90
C ARG B 322 -12.26 -21.43 12.49
N TRP B 323 -11.20 -22.23 12.59
CA TRP B 323 -9.89 -21.79 12.12
C TRP B 323 -9.65 -22.45 10.77
N LEU B 324 -9.55 -21.64 9.71
CA LEU B 324 -9.25 -22.16 8.39
C LEU B 324 -7.86 -21.71 7.99
N GLN B 325 -6.91 -22.63 8.05
CA GLN B 325 -5.54 -22.34 7.74
C GLN B 325 -5.20 -22.65 6.29
N LEU B 326 -5.05 -21.61 5.47
CA LEU B 326 -4.65 -21.80 4.09
C LEU B 326 -3.16 -22.13 4.12
N MET B 327 -2.75 -23.14 3.34
CA MET B 327 -1.36 -23.56 3.29
C MET B 327 -0.86 -23.73 1.86
N MET B 328 0.37 -23.30 1.61
CA MET B 328 1.01 -23.47 0.31
C MET B 328 2.32 -24.19 0.53
N ASP B 329 2.65 -25.19 -0.32
CA ASP B 329 3.88 -25.97 -0.14
C ASP B 329 5.10 -25.08 -0.25
N PRO B 330 5.81 -24.89 0.88
CA PRO B 330 6.96 -23.98 0.88
C PRO B 330 7.93 -24.13 -0.26
N GLN B 331 8.26 -25.38 -0.68
CA GLN B 331 9.21 -25.56 -1.77
C GLN B 331 8.56 -25.42 -3.14
N LEU B 332 7.33 -25.93 -3.33
CA LEU B 332 6.64 -25.77 -4.62
C LEU B 332 6.34 -24.30 -4.93
N ASP B 333 5.98 -23.56 -3.89
CA ASP B 333 5.67 -22.17 -3.91
C ASP B 333 6.95 -21.38 -4.25
N MET B 334 8.08 -21.73 -3.63
CA MET B 334 9.36 -21.08 -3.89
C MET B 334 9.83 -21.35 -5.29
N MET B 335 9.66 -22.57 -5.78
CA MET B 335 10.01 -22.96 -7.15
C MET B 335 9.21 -22.13 -8.15
N GLY B 336 7.95 -21.88 -7.83
CA GLY B 336 7.05 -21.08 -8.66
C GLY B 336 7.53 -19.66 -8.82
N MET B 337 7.86 -18.98 -7.69
CA MET B 337 8.33 -17.60 -7.80
C MET B 337 9.79 -17.51 -8.30
N GLN B 338 10.61 -18.55 -8.11
CA GLN B 338 11.97 -18.55 -8.65
C GLN B 338 11.90 -18.68 -10.17
N MET B 339 11.06 -19.58 -10.66
CA MET B 339 10.89 -19.76 -12.09
C MET B 339 10.17 -18.61 -12.76
N MET B 340 9.30 -17.90 -12.01
CA MET B 340 8.59 -16.72 -12.52
C MET B 340 9.61 -15.58 -12.69
N MET B 341 10.51 -15.40 -11.71
CA MET B 341 11.56 -14.39 -11.77
C MET B 341 12.46 -14.64 -12.96
N GLN B 342 12.78 -15.90 -13.24
CA GLN B 342 13.64 -16.24 -14.35
C GLN B 342 12.97 -15.99 -15.68
N ARG B 343 11.70 -16.35 -15.80
CA ARG B 343 10.95 -16.21 -17.05
C ARG B 343 10.52 -14.78 -17.36
N TYR B 344 10.15 -14.01 -16.33
CA TYR B 344 9.62 -12.66 -16.52
C TYR B 344 10.47 -11.50 -16.01
N GLY B 345 11.53 -11.81 -15.28
CA GLY B 345 12.40 -10.77 -14.73
C GLY B 345 12.06 -10.42 -13.30
N MET B 346 12.96 -9.71 -12.61
CA MET B 346 12.77 -9.31 -11.22
C MET B 346 11.59 -8.35 -10.99
N ALA B 347 11.10 -7.73 -12.06
CA ALA B 347 9.95 -6.83 -11.99
C ALA B 347 8.70 -7.60 -11.49
N SER B 348 8.60 -8.90 -11.82
CA SER B 348 7.50 -9.78 -11.43
C SER B 348 7.37 -10.00 -9.92
N MET B 349 8.32 -9.55 -9.11
CA MET B 349 8.21 -9.74 -7.67
C MET B 349 7.55 -8.57 -6.93
N ALA B 350 7.06 -7.56 -7.66
CA ALA B 350 6.36 -6.38 -7.12
C ALA B 350 7.05 -5.74 -5.90
N GLY B 351 8.37 -5.71 -5.93
CA GLY B 351 9.15 -5.12 -4.86
C GLY B 351 9.28 -5.91 -3.57
N MET B 352 8.94 -7.21 -3.59
CA MET B 352 9.06 -8.03 -2.38
C MET B 352 9.95 -9.28 -2.58
N ASP B 353 10.47 -9.86 -1.49
CA ASP B 353 11.35 -11.04 -1.56
C ASP B 353 10.54 -12.34 -1.28
N MET B 354 11.21 -13.47 -0.95
CA MET B 354 10.51 -14.71 -0.63
C MET B 354 10.12 -14.71 0.86
N SER B 394 5.01 -33.55 5.50
CA SER B 394 4.07 -32.53 4.98
C SER B 394 4.58 -31.77 3.74
N ALA B 395 4.69 -32.46 2.58
CA ALA B 395 5.17 -31.80 1.37
C ALA B 395 4.62 -32.42 0.02
N GLY B 396 5.17 -33.57 -0.46
CA GLY B 396 4.83 -34.22 -1.73
C GLY B 396 4.96 -33.25 -2.88
N TYR B 397 6.04 -33.38 -3.72
CA TYR B 397 6.36 -32.48 -4.86
C TYR B 397 5.33 -32.38 -5.99
N ASP B 398 4.08 -32.76 -5.70
CA ASP B 398 2.92 -32.77 -6.57
C ASP B 398 2.46 -31.35 -6.79
N PHE B 399 2.77 -30.77 -7.96
CA PHE B 399 2.36 -29.39 -8.27
C PHE B 399 0.86 -29.21 -8.55
N MET B 400 0.11 -30.30 -8.62
CA MET B 400 -1.33 -30.23 -8.80
C MET B 400 -2.14 -30.24 -7.51
N HIS B 401 -1.45 -30.49 -6.36
CA HIS B 401 -2.05 -30.56 -5.05
C HIS B 401 -1.13 -29.96 -3.98
N GLY B 402 -0.40 -28.91 -4.32
CA GLY B 402 0.51 -28.27 -3.36
C GLY B 402 -0.14 -27.31 -2.39
N ASN B 403 -1.39 -26.93 -2.68
CA ASN B 403 -2.11 -25.97 -1.86
C ASN B 403 -3.22 -26.66 -1.10
N LYS B 404 -3.37 -26.29 0.17
CA LYS B 404 -4.30 -26.98 1.06
C LYS B 404 -4.99 -26.00 2.03
N ILE B 405 -5.95 -26.51 2.79
CA ILE B 405 -6.66 -25.81 3.87
C ILE B 405 -6.65 -26.82 5.02
N ASN B 406 -6.11 -26.42 6.17
CA ASN B 406 -6.04 -27.27 7.35
C ASN B 406 -5.35 -28.61 7.09
N GLY B 407 -4.30 -28.58 6.29
CA GLY B 407 -3.49 -29.75 6.00
C GLY B 407 -3.99 -30.64 4.89
N ILE B 408 -5.23 -30.43 4.44
CA ILE B 408 -5.78 -31.28 3.37
C ILE B 408 -5.98 -30.52 2.05
N ALA B 409 -5.49 -31.12 0.94
CA ALA B 409 -5.73 -30.55 -0.38
C ALA B 409 -7.12 -31.09 -0.74
N PHE B 410 -8.12 -30.20 -0.86
CA PHE B 410 -9.54 -30.45 -1.08
C PHE B 410 -9.95 -31.92 -1.35
N ASP B 411 -10.59 -32.54 -0.33
CA ASP B 411 -11.13 -33.89 -0.43
C ASP B 411 -12.64 -33.72 -0.47
N MET B 412 -13.24 -33.90 -1.65
CA MET B 412 -14.68 -33.73 -1.86
C MET B 412 -15.53 -34.63 -0.98
N ALA B 413 -15.03 -35.84 -0.73
CA ALA B 413 -15.71 -36.83 0.08
C ALA B 413 -15.69 -36.53 1.58
N LYS B 414 -14.79 -35.65 2.04
CA LYS B 414 -14.69 -35.36 3.46
C LYS B 414 -14.88 -33.89 3.83
N PRO B 415 -16.14 -33.47 4.06
CA PRO B 415 -16.40 -32.09 4.52
C PRO B 415 -15.81 -31.89 5.91
N MET B 416 -15.25 -30.72 6.16
CA MET B 416 -14.59 -30.44 7.44
C MET B 416 -15.48 -30.37 8.66
N PHE B 417 -16.69 -29.87 8.51
CA PHE B 417 -17.59 -29.73 9.64
C PHE B 417 -19.04 -29.47 9.21
N ASP B 418 -19.96 -29.53 10.18
CA ASP B 418 -21.36 -29.26 9.96
C ASP B 418 -21.75 -28.03 10.76
N VAL B 419 -22.47 -27.11 10.12
CA VAL B 419 -22.93 -25.89 10.76
C VAL B 419 -24.44 -25.96 10.93
N LYS B 420 -24.94 -25.54 12.09
CA LYS B 420 -26.37 -25.53 12.34
C LYS B 420 -26.96 -24.35 11.57
N ARG B 421 -27.98 -24.59 10.76
CA ARG B 421 -28.63 -23.55 9.96
C ARG B 421 -29.14 -22.40 10.81
N GLY B 422 -29.01 -21.18 10.31
CA GLY B 422 -29.48 -19.99 10.99
C GLY B 422 -28.71 -19.61 12.23
N THR B 423 -27.49 -20.15 12.40
CA THR B 423 -26.67 -19.79 13.56
C THR B 423 -25.46 -18.98 13.13
N TYR B 424 -25.01 -18.07 13.99
CA TYR B 424 -23.85 -17.25 13.69
C TYR B 424 -22.57 -17.98 14.06
N GLU B 425 -21.52 -17.74 13.27
CA GLU B 425 -20.20 -18.32 13.50
C GLU B 425 -19.14 -17.28 13.20
N LYS B 426 -18.02 -17.34 13.91
CA LYS B 426 -16.93 -16.40 13.74
C LYS B 426 -15.74 -17.15 13.10
N TRP B 427 -15.59 -17.05 11.78
CA TRP B 427 -14.55 -17.77 11.06
C TRP B 427 -13.28 -16.96 10.90
N THR B 428 -12.13 -17.52 11.32
CA THR B 428 -10.83 -16.89 11.13
C THR B 428 -10.10 -17.63 10.02
N ILE B 429 -9.77 -16.94 8.92
CA ILE B 429 -9.04 -17.54 7.81
C ILE B 429 -7.64 -16.97 7.83
N SER B 430 -6.63 -17.83 7.92
CA SER B 430 -5.26 -17.39 7.99
C SER B 430 -4.41 -17.68 6.76
N GLY B 431 -3.50 -16.76 6.48
CA GLY B 431 -2.54 -16.88 5.39
C GLY B 431 -1.10 -16.64 5.85
N GLU B 432 -0.87 -16.58 7.20
CA GLU B 432 0.44 -16.40 7.84
C GLU B 432 1.38 -17.49 7.35
N GLY B 433 2.64 -17.16 7.10
CA GLY B 433 3.58 -18.15 6.56
C GLY B 433 3.22 -18.53 5.13
N ASP B 434 3.13 -17.49 4.29
CA ASP B 434 2.74 -17.51 2.90
C ASP B 434 2.48 -16.01 2.61
N MET B 435 3.07 -15.47 1.55
CA MET B 435 2.87 -14.06 1.21
C MET B 435 1.88 -13.82 0.07
N MET B 436 1.31 -14.88 -0.51
CA MET B 436 0.38 -14.72 -1.64
C MET B 436 -0.96 -14.13 -1.23
N LEU B 437 -1.68 -13.59 -2.22
CA LEU B 437 -2.98 -12.97 -2.03
C LEU B 437 -4.06 -14.03 -2.15
N HIS B 438 -4.93 -14.11 -1.16
CA HIS B 438 -5.99 -15.10 -1.15
C HIS B 438 -7.33 -14.48 -0.90
N PRO B 439 -8.09 -14.14 -1.95
CA PRO B 439 -9.44 -13.61 -1.73
C PRO B 439 -10.34 -14.79 -1.34
N PHE B 440 -10.61 -14.95 -0.06
CA PHE B 440 -11.39 -16.09 0.42
C PHE B 440 -12.92 -15.97 0.19
N HIS B 441 -13.47 -16.78 -0.74
CA HIS B 441 -14.91 -16.78 -1.04
C HIS B 441 -15.62 -17.94 -0.31
N ILE B 442 -16.78 -17.64 0.34
CA ILE B 442 -17.58 -18.61 1.07
C ILE B 442 -18.94 -18.76 0.38
N HIS B 443 -19.33 -20.00 0.04
CA HIS B 443 -20.58 -20.24 -0.66
C HIS B 443 -21.80 -20.16 0.26
N GLY B 444 -22.96 -19.91 -0.35
CA GLY B 444 -24.28 -19.89 0.30
C GLY B 444 -24.56 -18.86 1.37
N THR B 445 -23.82 -17.74 1.39
CA THR B 445 -24.03 -16.71 2.40
C THR B 445 -23.46 -15.36 1.97
N GLN B 446 -23.86 -14.30 2.66
CA GLN B 446 -23.29 -12.98 2.59
C GLN B 446 -22.90 -12.66 4.03
N PHE B 447 -21.64 -12.31 4.26
CA PHE B 447 -21.15 -12.09 5.61
C PHE B 447 -20.68 -10.65 5.88
N ARG B 448 -20.35 -10.35 7.15
CA ARG B 448 -19.81 -9.07 7.56
C ARG B 448 -18.39 -9.33 8.00
N ILE B 449 -17.43 -8.59 7.46
CA ILE B 449 -16.03 -8.74 7.83
C ILE B 449 -15.82 -8.09 9.18
N LEU B 450 -15.24 -8.81 10.15
CA LEU B 450 -14.93 -8.24 11.47
C LEU B 450 -13.50 -7.67 11.41
N SER B 451 -12.58 -8.43 10.85
CA SER B 451 -11.19 -8.00 10.68
C SER B 451 -10.75 -8.42 9.29
N GLU B 452 -10.12 -7.51 8.55
CA GLU B 452 -9.60 -7.86 7.23
C GLU B 452 -8.10 -7.69 7.24
N ASN B 453 -7.39 -8.80 7.36
CA ASN B 453 -5.93 -8.85 7.37
C ASN B 453 -5.31 -8.04 8.50
N GLY B 454 -5.94 -8.05 9.66
CA GLY B 454 -5.43 -7.33 10.83
C GLY B 454 -6.24 -6.10 11.15
N LYS B 455 -6.23 -5.14 10.24
CA LYS B 455 -6.99 -3.91 10.41
C LYS B 455 -8.49 -4.18 10.21
N PRO B 456 -9.39 -3.34 10.79
CA PRO B 456 -10.83 -3.52 10.53
C PRO B 456 -11.17 -3.26 9.05
N PRO B 457 -12.35 -3.69 8.58
CA PRO B 457 -12.68 -3.49 7.17
C PRO B 457 -12.76 -2.02 6.81
N ALA B 458 -12.44 -1.69 5.56
CA ALA B 458 -12.56 -0.32 5.08
C ALA B 458 -14.06 0.04 5.02
N ALA B 459 -14.39 1.34 4.93
CA ALA B 459 -15.78 1.79 4.89
C ALA B 459 -16.67 1.04 3.88
N HIS B 460 -16.25 0.94 2.61
CA HIS B 460 -17.03 0.26 1.57
C HIS B 460 -17.00 -1.26 1.65
N ARG B 461 -16.01 -1.81 2.35
CA ARG B 461 -15.88 -3.25 2.51
C ARG B 461 -16.59 -3.78 3.77
N SER B 462 -17.05 -2.90 4.66
CA SER B 462 -17.75 -3.30 5.87
C SER B 462 -19.23 -3.68 5.66
N GLY B 463 -19.70 -3.70 4.42
CA GLY B 463 -21.08 -4.07 4.14
C GLY B 463 -21.29 -5.56 4.01
N TRP B 464 -22.11 -5.98 3.04
CA TRP B 464 -22.33 -7.41 2.81
C TRP B 464 -21.35 -7.90 1.80
N LYS B 465 -20.52 -8.87 2.17
CA LYS B 465 -19.51 -9.42 1.26
C LYS B 465 -19.51 -10.92 1.22
N ASP B 466 -19.05 -11.50 0.10
CA ASP B 466 -18.87 -12.95 -0.04
C ASP B 466 -17.37 -13.34 -0.18
N THR B 467 -16.47 -12.34 -0.24
CA THR B 467 -15.03 -12.50 -0.40
C THR B 467 -14.30 -11.70 0.68
N VAL B 468 -13.18 -12.20 1.21
CA VAL B 468 -12.39 -11.46 2.21
C VAL B 468 -10.89 -11.57 1.93
N ARG B 469 -10.17 -10.46 2.00
CA ARG B 469 -8.74 -10.47 1.72
C ARG B 469 -7.94 -11.18 2.80
N VAL B 470 -7.14 -12.17 2.39
CA VAL B 470 -6.24 -12.90 3.27
C VAL B 470 -4.87 -12.85 2.59
N GLU B 471 -3.94 -12.04 3.09
CA GLU B 471 -2.66 -11.85 2.46
C GLU B 471 -1.58 -11.70 3.50
N GLY B 472 -0.88 -12.77 3.81
CA GLY B 472 0.20 -12.74 4.79
C GLY B 472 -0.21 -12.66 6.24
N TRP B 473 -1.52 -12.51 6.50
CA TRP B 473 -2.02 -12.44 7.87
C TRP B 473 -3.38 -13.17 7.97
N ARG B 474 -4.18 -12.96 9.04
CA ARG B 474 -5.48 -13.58 9.16
C ARG B 474 -6.62 -12.56 9.13
N SER B 475 -7.77 -13.01 8.68
CA SER B 475 -8.98 -12.20 8.65
C SER B 475 -10.08 -12.95 9.41
N GLU B 476 -11.07 -12.20 9.94
CA GLU B 476 -12.16 -12.79 10.70
C GLU B 476 -13.51 -12.33 10.14
N VAL B 477 -14.44 -13.26 9.90
CA VAL B 477 -15.76 -12.90 9.36
C VAL B 477 -16.89 -13.44 10.23
N LEU B 478 -18.05 -12.78 10.19
CA LEU B 478 -19.21 -13.22 10.94
C LEU B 478 -20.17 -13.83 9.92
N VAL B 479 -20.31 -15.16 9.94
CA VAL B 479 -21.15 -15.86 8.96
C VAL B 479 -22.42 -16.45 9.57
N LYS B 480 -23.44 -16.66 8.73
CA LYS B 480 -24.71 -17.28 9.13
C LYS B 480 -25.30 -17.92 7.88
N PHE B 481 -25.55 -19.22 7.92
CA PHE B 481 -26.07 -19.94 6.77
C PHE B 481 -27.54 -20.21 6.92
N ASP B 482 -28.39 -19.41 6.26
CA ASP B 482 -29.84 -19.53 6.33
C ASP B 482 -30.41 -20.68 5.48
N HIS B 483 -29.56 -21.36 4.68
CA HIS B 483 -30.03 -22.45 3.83
C HIS B 483 -29.19 -23.69 4.04
N GLU B 484 -29.80 -24.86 3.97
CA GLU B 484 -29.13 -26.14 4.17
C GLU B 484 -28.23 -26.57 3.00
N ALA B 485 -27.26 -27.44 3.28
CA ALA B 485 -26.33 -28.01 2.29
C ALA B 485 -25.94 -29.39 2.79
N PRO B 486 -26.50 -30.45 2.20
CA PRO B 486 -26.20 -31.81 2.68
C PRO B 486 -24.84 -32.35 2.24
N LYS B 487 -24.42 -33.51 2.74
CA LYS B 487 -23.15 -34.11 2.36
C LYS B 487 -23.01 -34.29 0.85
N GLU B 488 -24.14 -34.62 0.19
CA GLU B 488 -24.25 -34.89 -1.23
C GLU B 488 -24.14 -33.63 -2.11
N ARG B 489 -24.52 -32.46 -1.55
CA ARG B 489 -24.44 -31.18 -2.25
C ARG B 489 -23.94 -30.14 -1.22
N ALA B 490 -22.72 -30.35 -0.73
CA ALA B 490 -22.16 -29.48 0.31
C ALA B 490 -21.68 -28.13 -0.19
N TYR B 491 -21.62 -27.13 0.72
CA TYR B 491 -21.12 -25.80 0.41
C TYR B 491 -19.58 -25.86 0.34
N MET B 492 -18.97 -24.82 -0.22
CA MET B 492 -17.51 -24.74 -0.26
C MET B 492 -17.01 -23.36 0.13
N ALA B 493 -15.76 -23.31 0.52
CA ALA B 493 -15.09 -22.08 0.88
C ALA B 493 -13.69 -22.27 0.35
N HIS B 494 -13.27 -21.37 -0.52
CA HIS B 494 -12.00 -21.53 -1.19
C HIS B 494 -11.33 -20.21 -1.51
N CYS B 495 -10.06 -20.28 -1.91
CA CYS B 495 -9.39 -19.08 -2.40
C CYS B 495 -9.94 -18.81 -3.81
N HIS B 496 -10.16 -17.52 -4.12
CA HIS B 496 -10.68 -17.17 -5.44
C HIS B 496 -9.56 -16.90 -6.47
N LEU B 497 -8.27 -17.10 -6.09
CA LEU B 497 -7.17 -17.06 -7.05
C LEU B 497 -7.28 -18.47 -7.60
N LEU B 498 -8.02 -18.63 -8.69
CA LEU B 498 -8.42 -19.89 -9.28
C LEU B 498 -7.35 -20.97 -9.34
N GLU B 499 -6.08 -20.62 -9.56
CA GLU B 499 -5.02 -21.61 -9.63
C GLU B 499 -4.72 -22.23 -8.26
N HIS B 500 -4.95 -21.47 -7.17
CA HIS B 500 -4.83 -21.97 -5.80
C HIS B 500 -6.02 -22.90 -5.51
N GLU B 501 -7.22 -22.52 -5.96
CA GLU B 501 -8.41 -23.34 -5.80
C GLU B 501 -8.23 -24.69 -6.52
N ASP B 502 -7.67 -24.66 -7.74
CA ASP B 502 -7.44 -25.85 -8.57
C ASP B 502 -6.33 -26.73 -8.06
N THR B 503 -5.37 -26.18 -7.31
CA THR B 503 -4.29 -26.97 -6.76
C THR B 503 -4.55 -27.37 -5.30
N GLY B 504 -5.82 -27.49 -4.92
CA GLY B 504 -6.21 -27.95 -3.59
C GLY B 504 -6.64 -26.95 -2.54
N MET B 505 -6.53 -25.63 -2.79
CA MET B 505 -6.94 -24.64 -1.79
C MET B 505 -8.46 -24.45 -1.75
N MET B 506 -9.16 -25.43 -1.19
CA MET B 506 -10.61 -25.44 -1.11
C MET B 506 -11.04 -26.41 -0.02
N MET B 507 -12.18 -26.12 0.63
CA MET B 507 -12.74 -27.00 1.64
C MET B 507 -14.24 -27.03 1.53
N SER B 508 -14.85 -28.17 1.88
CA SER B 508 -16.30 -28.27 1.87
C SER B 508 -16.85 -28.40 3.27
N PHE B 509 -18.11 -28.00 3.47
CA PHE B 509 -18.77 -28.07 4.75
C PHE B 509 -20.28 -28.20 4.56
N THR B 510 -20.94 -28.84 5.52
CA THR B 510 -22.38 -29.04 5.43
C THR B 510 -23.14 -28.12 6.36
N VAL B 511 -24.39 -27.84 6.02
CA VAL B 511 -25.28 -27.04 6.83
C VAL B 511 -26.55 -27.84 7.01
N SER B 512 -27.02 -27.99 8.25
CA SER B 512 -28.23 -28.77 8.52
C SER B 512 -29.07 -28.22 9.67
N ALA C 1 -34.09 21.14 -40.23
CA ALA C 1 -34.03 21.38 -41.67
C ALA C 1 -34.61 20.21 -42.48
N GLU C 2 -35.04 20.49 -43.73
CA GLU C 2 -35.61 19.45 -44.58
C GLU C 2 -34.62 19.07 -45.69
N HIS C 3 -33.96 20.07 -46.28
CA HIS C 3 -32.97 19.82 -47.34
C HIS C 3 -31.58 20.13 -46.83
N PRO C 4 -30.60 19.26 -47.13
CA PRO C 4 -29.22 19.54 -46.72
C PRO C 4 -28.62 20.72 -47.46
N THR C 5 -27.63 21.38 -46.86
CA THR C 5 -26.98 22.54 -47.46
C THR C 5 -26.21 22.13 -48.73
N LEU C 6 -26.37 22.89 -49.82
CA LEU C 6 -25.67 22.64 -51.07
C LEU C 6 -24.18 22.81 -50.86
N PRO C 7 -23.38 21.75 -51.04
CA PRO C 7 -21.93 21.88 -50.81
C PRO C 7 -21.27 22.76 -51.85
N ILE C 8 -20.32 23.59 -51.42
CA ILE C 8 -19.62 24.45 -52.35
C ILE C 8 -18.18 23.99 -52.50
N PRO C 9 -17.76 23.65 -53.73
CA PRO C 9 -16.37 23.20 -53.94
C PRO C 9 -15.37 24.25 -53.52
N ALA C 10 -14.34 23.83 -52.81
CA ALA C 10 -13.31 24.74 -52.34
C ALA C 10 -12.56 25.35 -53.50
N LEU C 11 -12.47 26.68 -53.53
CA LEU C 11 -11.73 27.38 -54.57
C LEU C 11 -10.24 27.06 -54.42
N LEU C 12 -9.56 26.81 -55.53
CA LEU C 12 -8.17 26.44 -55.50
C LEU C 12 -7.35 27.24 -56.51
N THR C 13 -6.68 28.28 -56.03
CA THR C 13 -5.84 29.14 -56.86
C THR C 13 -4.40 28.62 -56.87
N PRO C 14 -3.60 29.00 -57.90
CA PRO C 14 -2.21 28.51 -57.93
C PRO C 14 -1.40 29.08 -56.76
N ASP C 15 -0.49 28.26 -56.20
CA ASP C 15 0.36 28.66 -55.08
C ASP C 15 1.42 29.70 -55.51
N ALA C 16 2.35 30.09 -54.61
CA ALA C 16 3.39 31.06 -54.93
C ALA C 16 4.27 30.56 -56.09
N ALA C 17 4.55 29.24 -56.10
CA ALA C 17 5.35 28.60 -57.15
C ALA C 17 4.61 28.47 -58.51
N GLY C 18 3.33 28.84 -58.55
CA GLY C 18 2.50 28.75 -59.75
C GLY C 18 2.07 27.32 -60.03
N LYS C 19 1.68 26.60 -58.96
CA LYS C 19 1.28 25.21 -59.06
C LYS C 19 -0.05 24.94 -58.34
N ILE C 20 -0.75 23.87 -58.73
CA ILE C 20 -1.99 23.44 -58.09
C ILE C 20 -1.86 21.95 -57.84
N ALA C 21 -2.03 21.52 -56.59
CA ALA C 21 -1.90 20.11 -56.25
C ALA C 21 -3.24 19.41 -56.18
N LEU C 22 -3.44 18.39 -57.04
CA LEU C 22 -4.68 17.63 -57.05
C LEU C 22 -4.42 16.20 -56.61
N ASN C 23 -5.18 15.70 -55.63
CA ASN C 23 -5.02 14.35 -55.14
C ASN C 23 -6.27 13.53 -55.46
N VAL C 24 -6.12 12.52 -56.33
CA VAL C 24 -7.26 11.67 -56.69
C VAL C 24 -7.29 10.54 -55.67
N GLN C 25 -8.04 10.72 -54.61
CA GLN C 25 -8.09 9.75 -53.52
C GLN C 25 -9.40 8.97 -53.44
N THR C 26 -9.46 7.95 -52.57
CA THR C 26 -10.71 7.23 -52.33
C THR C 26 -11.46 7.95 -51.17
N GLY C 27 -12.75 7.67 -51.04
CA GLY C 27 -13.57 8.27 -50.00
C GLY C 27 -14.87 7.53 -49.78
N SER C 28 -15.86 8.24 -49.26
CA SER C 28 -17.17 7.66 -49.02
C SER C 28 -18.27 8.72 -48.88
N MET C 29 -19.53 8.34 -49.15
CA MET C 29 -20.66 9.26 -49.05
C MET C 29 -21.85 8.58 -48.40
N LYS C 30 -22.64 9.36 -47.66
CA LYS C 30 -23.84 8.83 -47.01
C LYS C 30 -25.07 9.11 -47.85
N TRP C 31 -25.50 8.15 -48.69
CA TRP C 31 -26.68 8.32 -49.53
C TRP C 31 -27.78 7.35 -49.12
N LYS C 32 -27.40 6.11 -48.82
CA LYS C 32 -28.37 5.10 -48.41
C LYS C 32 -28.50 5.10 -46.89
N ALA C 33 -29.68 4.70 -46.41
CA ALA C 33 -29.98 4.62 -44.99
C ALA C 33 -29.04 3.64 -44.28
N GLY C 34 -28.11 4.18 -43.50
CA GLY C 34 -27.17 3.38 -42.73
C GLY C 34 -25.93 2.94 -43.48
N MET C 35 -26.09 2.63 -44.77
CA MET C 35 -24.96 2.20 -45.60
C MET C 35 -24.20 3.39 -46.14
N GLN C 36 -22.87 3.38 -46.04
CA GLN C 36 -22.08 4.46 -46.61
C GLN C 36 -21.32 3.98 -47.86
N THR C 37 -21.67 4.58 -49.00
CA THR C 37 -21.16 4.26 -50.34
C THR C 37 -19.69 4.57 -50.54
N PRO C 38 -18.89 3.59 -51.00
CA PRO C 38 -17.48 3.87 -51.30
C PRO C 38 -17.38 4.70 -52.58
N THR C 39 -16.72 5.85 -52.51
CA THR C 39 -16.62 6.75 -53.67
C THR C 39 -15.14 7.14 -53.99
N TRP C 40 -14.95 7.94 -55.07
CA TRP C 40 -13.67 8.46 -55.53
C TRP C 40 -13.82 9.97 -55.71
N GLY C 41 -12.86 10.74 -55.21
CA GLY C 41 -12.90 12.19 -55.31
C GLY C 41 -11.55 12.83 -55.42
N ILE C 42 -11.53 14.05 -55.91
CA ILE C 42 -10.30 14.82 -56.05
C ILE C 42 -10.30 15.83 -54.92
N ASN C 43 -9.27 15.73 -54.04
CA ASN C 43 -9.16 16.57 -52.85
C ASN C 43 -10.36 16.44 -51.89
N GLY C 44 -11.16 15.40 -52.05
CA GLY C 44 -12.32 15.12 -51.23
C GLY C 44 -12.82 13.70 -51.42
N PRO C 45 -14.00 13.37 -50.87
CA PRO C 45 -14.54 12.01 -51.07
C PRO C 45 -15.30 11.82 -52.39
N LEU C 46 -15.70 12.91 -53.04
CA LEU C 46 -16.49 12.88 -54.25
C LEU C 46 -16.33 14.20 -54.95
N LEU C 47 -16.36 14.19 -56.30
CA LEU C 47 -16.21 15.38 -57.12
C LEU C 47 -14.86 16.06 -56.80
N GLY C 48 -14.73 17.38 -56.98
CA GLY C 48 -13.46 18.03 -56.73
C GLY C 48 -13.51 19.52 -56.49
N PRO C 49 -12.32 20.10 -56.38
CA PRO C 49 -12.23 21.55 -56.14
C PRO C 49 -12.53 22.38 -57.40
N ALA C 50 -12.74 23.68 -57.20
CA ALA C 50 -12.96 24.58 -58.30
C ALA C 50 -11.67 25.33 -58.52
N MET C 51 -10.85 24.90 -59.50
CA MET C 51 -9.60 25.57 -59.77
C MET C 51 -9.84 26.92 -60.41
N ARG C 52 -9.57 28.03 -59.69
CA ARG C 52 -9.77 29.35 -60.28
C ARG C 52 -8.48 29.84 -60.95
N LEU C 53 -8.53 30.06 -62.26
CA LEU C 53 -7.37 30.48 -63.03
C LEU C 53 -7.63 31.82 -63.73
N GLN C 54 -6.59 32.65 -63.87
CA GLN C 54 -6.71 33.94 -64.53
C GLN C 54 -6.15 33.87 -65.94
N ARG C 55 -6.84 34.47 -66.91
CA ARG C 55 -6.40 34.44 -68.30
C ARG C 55 -5.03 35.06 -68.47
N GLY C 56 -4.15 34.34 -69.17
CA GLY C 56 -2.79 34.80 -69.43
C GLY C 56 -1.77 34.16 -68.52
N LYS C 57 -2.18 33.81 -67.30
CA LYS C 57 -1.27 33.24 -66.32
C LYS C 57 -0.97 31.76 -66.55
N ASP C 58 0.29 31.36 -66.35
CA ASP C 58 0.68 29.97 -66.47
C ASP C 58 0.41 29.23 -65.15
N VAL C 59 0.21 27.90 -65.22
CA VAL C 59 -0.04 27.06 -64.04
C VAL C 59 0.37 25.62 -64.34
N ALA C 60 0.93 24.92 -63.35
CA ALA C 60 1.32 23.53 -63.54
C ALA C 60 0.49 22.71 -62.57
N ILE C 61 -0.42 21.88 -63.08
CA ILE C 61 -1.27 21.07 -62.22
C ILE C 61 -0.64 19.72 -61.93
N ASN C 62 -0.47 19.42 -60.65
CA ASN C 62 0.17 18.19 -60.20
C ASN C 62 -0.84 17.16 -59.71
N VAL C 63 -1.23 16.26 -60.62
CA VAL C 63 -2.21 15.23 -60.30
C VAL C 63 -1.56 13.98 -59.75
N THR C 64 -1.87 13.68 -58.49
CA THR C 64 -1.35 12.52 -57.78
C THR C 64 -2.45 11.46 -57.71
N ASN C 65 -2.10 10.21 -58.04
CA ASN C 65 -3.10 9.14 -58.06
C ASN C 65 -3.11 8.28 -56.80
N ALA C 66 -3.89 8.67 -55.80
CA ALA C 66 -4.03 7.88 -54.58
C ALA C 66 -5.05 6.71 -54.75
N LEU C 67 -5.37 6.34 -56.00
CA LEU C 67 -6.31 5.27 -56.27
C LEU C 67 -5.61 3.93 -56.47
N PRO C 68 -6.35 2.81 -56.25
CA PRO C 68 -5.75 1.48 -56.48
C PRO C 68 -5.51 1.16 -57.96
N GLU C 69 -6.22 1.83 -58.87
CA GLU C 69 -6.05 1.61 -60.31
C GLU C 69 -5.71 2.90 -61.06
N ALA C 70 -5.12 2.76 -62.26
CA ALA C 70 -4.70 3.90 -63.06
C ALA C 70 -5.86 4.77 -63.51
N THR C 71 -5.58 6.05 -63.70
CA THR C 71 -6.56 7.03 -64.15
C THR C 71 -5.87 8.12 -64.98
N THR C 72 -6.65 8.98 -65.65
CA THR C 72 -6.15 10.10 -66.43
C THR C 72 -6.95 11.37 -66.02
N MET C 73 -6.65 12.55 -66.60
CA MET C 73 -7.39 13.77 -66.27
C MET C 73 -7.55 14.76 -67.46
N HIS C 74 -8.73 14.75 -68.10
CA HIS C 74 -9.03 15.64 -69.24
C HIS C 74 -9.50 17.01 -68.74
N TRP C 75 -8.94 18.08 -69.30
CA TRP C 75 -9.33 19.43 -68.93
C TRP C 75 -10.36 19.88 -69.94
N HIS C 76 -11.61 19.43 -69.76
CA HIS C 76 -12.74 19.70 -70.64
C HIS C 76 -12.99 21.19 -70.86
N GLY C 77 -12.90 21.61 -72.12
CA GLY C 77 -13.15 22.99 -72.51
C GLY C 77 -11.91 23.85 -72.62
N MET C 78 -10.73 23.32 -72.26
CA MET C 78 -9.49 24.08 -72.28
C MET C 78 -8.82 24.12 -73.65
N GLU C 79 -8.55 25.33 -74.14
CA GLU C 79 -7.85 25.54 -75.41
C GLU C 79 -6.35 25.50 -75.06
N ILE C 80 -5.82 24.28 -74.96
CA ILE C 80 -4.44 23.99 -74.58
C ILE C 80 -3.79 23.01 -75.57
N PRO C 81 -2.45 22.88 -75.61
CA PRO C 81 -1.84 21.89 -76.51
C PRO C 81 -2.16 20.47 -76.09
N GLY C 82 -2.07 19.55 -77.04
CA GLY C 82 -2.31 18.14 -76.80
C GLY C 82 -1.41 17.56 -75.73
N THR C 83 -0.20 18.09 -75.64
CA THR C 83 0.82 17.70 -74.69
C THR C 83 0.51 18.13 -73.24
N SER C 84 -0.69 18.68 -72.98
CA SER C 84 -1.07 19.13 -71.65
C SER C 84 -2.47 18.65 -71.23
N ASP C 85 -3.23 18.00 -72.15
CA ASP C 85 -4.61 17.59 -71.88
C ASP C 85 -4.74 16.29 -71.10
N GLY C 86 -3.84 15.35 -71.34
CA GLY C 86 -3.90 14.08 -70.64
C GLY C 86 -5.15 13.24 -70.84
N GLY C 87 -5.05 12.26 -71.71
CA GLY C 87 -6.11 11.32 -71.98
C GLY C 87 -5.54 9.92 -71.92
N PRO C 88 -5.92 9.03 -72.85
CA PRO C 88 -5.38 7.66 -72.82
C PRO C 88 -3.89 7.56 -73.16
N GLN C 89 -3.27 8.62 -73.69
CA GLN C 89 -1.84 8.62 -73.98
C GLN C 89 -1.01 9.23 -72.83
N ALA C 90 -1.64 9.58 -71.69
CA ALA C 90 -0.99 10.18 -70.54
C ALA C 90 -1.61 9.58 -69.29
N VAL C 91 -1.39 8.27 -69.11
CA VAL C 91 -1.92 7.50 -68.00
C VAL C 91 -1.16 7.72 -66.70
N ILE C 92 -1.88 8.09 -65.64
CA ILE C 92 -1.31 8.31 -64.32
C ILE C 92 -1.45 7.00 -63.54
N GLU C 93 -0.36 6.23 -63.45
CA GLU C 93 -0.38 4.95 -62.73
C GLU C 93 -0.59 5.13 -61.21
N PRO C 94 -1.16 4.12 -60.52
CA PRO C 94 -1.38 4.29 -59.08
C PRO C 94 -0.11 4.65 -58.28
N GLY C 95 -0.27 5.62 -57.40
CA GLY C 95 0.81 6.12 -56.57
C GLY C 95 1.72 7.12 -57.24
N LYS C 96 1.58 7.32 -58.56
CA LYS C 96 2.44 8.24 -59.29
C LYS C 96 1.78 9.62 -59.49
N MET C 97 2.57 10.60 -59.91
CA MET C 97 2.11 11.95 -60.13
C MET C 97 2.40 12.39 -61.57
N TRP C 98 1.42 13.04 -62.19
CA TRP C 98 1.54 13.56 -63.54
C TRP C 98 1.38 15.08 -63.52
N THR C 99 2.21 15.79 -64.28
CA THR C 99 2.15 17.24 -64.31
C THR C 99 1.59 17.75 -65.63
N ALA C 100 0.72 18.76 -65.58
CA ALA C 100 0.13 19.34 -66.77
C ALA C 100 0.39 20.84 -66.77
N GLU C 101 1.23 21.34 -67.69
CA GLU C 101 1.51 22.77 -67.76
C GLU C 101 0.53 23.47 -68.70
N ILE C 102 -0.27 24.38 -68.16
CA ILE C 102 -1.30 25.09 -68.90
C ILE C 102 -1.08 26.60 -68.87
N LYS C 103 -1.11 27.25 -70.03
CA LYS C 103 -1.05 28.70 -70.09
C LYS C 103 -2.44 29.12 -70.55
N VAL C 104 -3.26 29.63 -69.62
CA VAL C 104 -4.63 30.02 -69.93
C VAL C 104 -4.73 31.03 -71.06
N ASP C 105 -5.42 30.68 -72.15
CA ASP C 105 -5.57 31.58 -73.29
C ASP C 105 -6.96 31.44 -73.92
N GLN C 106 -7.99 31.84 -73.17
CA GLN C 106 -9.37 31.75 -73.63
C GLN C 106 -10.27 32.61 -72.73
N PRO C 107 -11.45 33.03 -73.25
CA PRO C 107 -12.35 33.86 -72.44
C PRO C 107 -12.75 33.29 -71.08
N ALA C 108 -13.38 34.12 -70.22
CA ALA C 108 -13.83 33.72 -68.90
C ALA C 108 -14.94 32.70 -69.06
N THR C 109 -14.81 31.54 -68.40
CA THR C 109 -15.72 30.42 -68.62
C THR C 109 -15.82 29.50 -67.41
N THR C 110 -16.86 28.66 -67.38
CA THR C 110 -16.96 27.60 -66.40
C THR C 110 -16.58 26.34 -67.17
N ALA C 111 -15.30 25.99 -67.12
CA ALA C 111 -14.81 24.77 -67.73
C ALA C 111 -14.83 23.66 -66.64
N TRP C 112 -14.49 22.40 -66.96
CA TRP C 112 -14.47 21.34 -65.95
C TRP C 112 -13.41 20.28 -66.25
N PHE C 113 -13.17 19.37 -65.30
CA PHE C 113 -12.20 18.31 -65.51
C PHE C 113 -12.73 16.98 -65.01
N HIS C 114 -12.29 15.91 -65.64
CA HIS C 114 -12.75 14.57 -65.32
C HIS C 114 -11.82 13.54 -65.97
N PRO C 115 -11.81 12.26 -65.52
CA PRO C 115 -10.95 11.26 -66.15
C PRO C 115 -11.36 10.96 -67.59
N HIS C 116 -10.39 10.54 -68.41
CA HIS C 116 -10.63 10.17 -69.80
C HIS C 116 -9.90 8.84 -70.06
N THR C 117 -10.05 7.88 -69.13
CA THR C 117 -9.41 6.57 -69.19
C THR C 117 -10.03 5.68 -70.25
N HIS C 118 -9.17 5.06 -71.08
CA HIS C 118 -9.58 4.18 -72.16
C HIS C 118 -10.50 3.06 -71.67
N GLY C 119 -11.74 3.08 -72.18
CA GLY C 119 -12.76 2.09 -71.85
C GLY C 119 -13.25 2.09 -70.42
N LEU C 120 -12.80 3.08 -69.63
CA LEU C 120 -13.18 3.18 -68.23
C LEU C 120 -13.67 4.58 -67.82
N THR C 121 -13.75 5.54 -68.76
CA THR C 121 -14.20 6.90 -68.50
C THR C 121 -15.55 6.95 -67.79
N GLY C 122 -16.50 6.14 -68.25
CA GLY C 122 -17.82 6.06 -67.65
C GLY C 122 -17.74 5.56 -66.23
N ARG C 123 -16.98 4.48 -66.00
CA ARG C 123 -16.81 3.91 -64.68
C ARG C 123 -16.22 4.90 -63.70
N GLN C 124 -15.11 5.56 -64.06
CA GLN C 124 -14.41 6.51 -63.20
C GLN C 124 -15.22 7.77 -62.93
N VAL C 125 -15.92 8.30 -63.92
CA VAL C 125 -16.78 9.45 -63.71
C VAL C 125 -17.94 9.07 -62.79
N ALA C 126 -18.50 7.84 -62.97
CA ALA C 126 -19.57 7.29 -62.13
C ALA C 126 -19.09 7.05 -60.69
N MET C 127 -17.82 6.71 -60.53
CA MET C 127 -17.21 6.55 -59.23
C MET C 127 -17.16 7.81 -58.38
N GLY C 128 -17.36 8.97 -59.02
CA GLY C 128 -17.39 10.25 -58.34
C GLY C 128 -16.43 11.28 -58.90
N LEU C 129 -15.39 10.83 -59.61
CA LEU C 129 -14.39 11.74 -60.14
C LEU C 129 -14.94 12.88 -60.99
N GLY C 130 -14.58 14.10 -60.60
CA GLY C 130 -15.00 15.33 -61.26
C GLY C 130 -14.33 16.58 -60.70
N GLY C 131 -14.72 17.74 -61.21
CA GLY C 131 -14.20 19.01 -60.70
C GLY C 131 -14.40 20.17 -61.66
N LEU C 132 -14.27 21.40 -61.16
CA LEU C 132 -14.49 22.57 -61.99
C LEU C 132 -13.23 23.40 -62.26
N ILE C 133 -13.29 24.21 -63.32
CA ILE C 133 -12.22 25.10 -63.73
C ILE C 133 -12.86 26.45 -63.99
N ILE C 134 -12.68 27.40 -63.07
CA ILE C 134 -13.25 28.73 -63.23
C ILE C 134 -12.22 29.67 -63.82
N ILE C 135 -12.42 30.06 -65.09
CA ILE C 135 -11.51 30.99 -65.74
C ILE C 135 -12.06 32.40 -65.64
N ASP C 136 -11.20 33.36 -65.26
CA ASP C 136 -11.55 34.75 -65.13
C ASP C 136 -10.73 35.56 -66.12
N ASP C 137 -11.36 36.54 -66.78
CA ASP C 137 -10.63 37.43 -67.67
C ASP C 137 -10.93 38.89 -67.31
N GLU C 138 -10.24 39.84 -67.95
CA GLU C 138 -10.43 41.25 -67.66
C GLU C 138 -11.82 41.78 -68.08
N GLU C 139 -12.26 41.46 -69.31
CA GLU C 139 -13.53 41.90 -69.88
C GLU C 139 -14.76 41.54 -69.03
N SER C 140 -14.77 40.32 -68.47
CA SER C 140 -15.87 39.80 -67.66
C SER C 140 -15.93 40.43 -66.26
N THR C 141 -14.75 40.66 -65.65
CA THR C 141 -14.64 41.22 -64.30
C THR C 141 -15.37 42.57 -64.18
N LYS C 142 -15.31 43.39 -65.24
CA LYS C 142 -15.96 44.69 -65.31
C LYS C 142 -17.50 44.63 -65.24
N LEU C 143 -18.08 43.47 -65.53
CA LEU C 143 -19.54 43.32 -65.54
C LEU C 143 -20.15 43.20 -64.14
N PRO C 144 -21.37 43.71 -63.96
CA PRO C 144 -22.02 43.63 -62.64
C PRO C 144 -22.67 42.28 -62.31
N LEU C 145 -21.98 41.16 -62.64
CA LEU C 145 -22.51 39.82 -62.40
C LEU C 145 -22.16 39.34 -61.00
N PRO C 146 -22.99 38.47 -60.39
CA PRO C 146 -22.65 37.95 -59.06
C PRO C 146 -21.26 37.30 -59.03
N LYS C 147 -20.38 37.76 -58.14
CA LYS C 147 -19.02 37.24 -58.07
C LYS C 147 -18.69 36.52 -56.78
N GLU C 148 -19.50 36.72 -55.72
CA GLU C 148 -19.22 36.10 -54.42
C GLU C 148 -19.48 34.61 -54.48
N TRP C 149 -18.39 33.85 -54.66
CA TRP C 149 -18.38 32.41 -54.77
C TRP C 149 -19.10 31.74 -53.60
N GLY C 150 -19.95 30.78 -53.90
CA GLY C 150 -20.70 30.06 -52.88
C GLY C 150 -21.81 30.86 -52.22
N VAL C 151 -22.00 32.12 -52.63
CA VAL C 151 -23.04 32.98 -52.08
C VAL C 151 -24.02 33.37 -53.19
N ASP C 152 -23.54 34.06 -54.24
CA ASP C 152 -24.38 34.44 -55.37
C ASP C 152 -23.84 33.91 -56.71
N ASP C 153 -22.58 33.44 -56.76
CA ASP C 153 -21.94 32.82 -57.93
C ASP C 153 -21.74 31.37 -57.48
N VAL C 154 -22.75 30.53 -57.74
CA VAL C 154 -22.78 29.16 -57.24
C VAL C 154 -22.70 28.06 -58.32
N PRO C 155 -21.77 27.10 -58.14
CA PRO C 155 -21.68 25.98 -59.10
C PRO C 155 -22.73 24.88 -58.82
N VAL C 156 -23.38 24.37 -59.87
CA VAL C 156 -24.38 23.31 -59.71
C VAL C 156 -24.03 22.12 -60.61
N ILE C 157 -23.33 21.11 -60.05
CA ILE C 157 -22.95 19.91 -60.80
C ILE C 157 -24.03 18.85 -60.66
N LEU C 158 -24.80 18.66 -61.72
CA LEU C 158 -25.91 17.72 -61.74
C LEU C 158 -25.51 16.36 -62.28
N GLN C 159 -25.50 15.33 -61.43
CA GLN C 159 -25.15 13.99 -61.85
C GLN C 159 -26.19 13.00 -61.34
N ASP C 160 -26.47 11.94 -62.09
CA ASP C 160 -27.38 10.89 -61.64
C ASP C 160 -26.57 9.62 -61.35
N LYS C 161 -26.96 8.88 -60.32
CA LYS C 161 -26.25 7.65 -59.97
C LYS C 161 -27.23 6.52 -59.60
N ARG C 162 -26.74 5.28 -59.55
CA ARG C 162 -27.54 4.12 -59.17
C ARG C 162 -26.77 3.37 -58.08
N LEU C 163 -27.48 2.98 -57.01
CA LEU C 163 -26.83 2.23 -55.94
C LEU C 163 -27.41 0.83 -55.84
N ASP C 164 -26.56 -0.13 -55.46
CA ASP C 164 -27.00 -1.52 -55.32
C ASP C 164 -27.66 -1.76 -53.93
N ALA C 165 -27.97 -3.02 -53.56
CA ALA C 165 -28.56 -3.31 -52.27
C ALA C 165 -27.56 -2.97 -51.13
N LYS C 166 -26.28 -3.25 -51.34
CA LYS C 166 -25.24 -2.99 -50.34
C LYS C 166 -24.78 -1.51 -50.26
N GLY C 167 -25.38 -0.62 -51.04
CA GLY C 167 -25.00 0.78 -51.02
C GLY C 167 -23.89 1.19 -51.97
N HIS C 168 -23.22 0.22 -52.62
CA HIS C 168 -22.16 0.47 -53.61
C HIS C 168 -22.70 1.06 -54.91
N ILE C 169 -21.85 1.74 -55.69
CA ILE C 169 -22.28 2.32 -56.97
C ILE C 169 -22.51 1.20 -57.97
N ASP C 170 -23.74 1.04 -58.43
CA ASP C 170 -24.09 -0.01 -59.37
C ASP C 170 -23.71 0.41 -60.80
N TYR C 171 -22.42 0.33 -61.15
CA TYR C 171 -21.97 0.67 -62.49
C TYR C 171 -21.79 -0.57 -63.34
N GLN C 172 -22.37 -0.55 -64.54
CA GLN C 172 -22.25 -1.65 -65.47
C GLN C 172 -21.95 -1.15 -66.87
N LEU C 173 -21.00 -1.79 -67.56
CA LEU C 173 -20.77 -1.51 -68.97
C LEU C 173 -21.21 -2.79 -69.67
N ASP C 174 -22.52 -2.93 -69.80
CA ASP C 174 -23.15 -4.10 -70.34
C ASP C 174 -23.88 -3.82 -71.67
N ILE C 175 -24.64 -4.80 -72.20
CA ILE C 175 -25.39 -4.66 -73.42
C ILE C 175 -26.36 -3.48 -73.37
N ILE C 176 -26.94 -3.18 -72.18
CA ILE C 176 -27.86 -2.07 -72.07
C ILE C 176 -27.13 -0.74 -72.10
N THR C 177 -26.18 -0.54 -71.17
CA THR C 177 -25.47 0.73 -71.06
C THR C 177 -24.62 1.04 -72.29
N ALA C 178 -24.16 0.02 -73.04
CA ALA C 178 -23.40 0.31 -74.26
C ALA C 178 -24.29 0.99 -75.31
N ALA C 179 -25.60 0.72 -75.29
CA ALA C 179 -26.52 1.31 -76.26
C ALA C 179 -27.18 2.61 -75.78
N VAL C 180 -27.76 2.61 -74.57
CA VAL C 180 -28.47 3.78 -74.06
C VAL C 180 -27.71 4.59 -73.02
N GLY C 181 -26.65 4.04 -72.47
CA GLY C 181 -25.86 4.71 -71.46
C GLY C 181 -26.19 4.27 -70.05
N TRP C 182 -25.38 4.71 -69.08
CA TRP C 182 -25.59 4.37 -67.69
C TRP C 182 -26.47 5.40 -67.03
N PHE C 183 -27.71 5.03 -66.74
CA PHE C 183 -28.65 5.93 -66.07
C PHE C 183 -28.95 5.39 -64.67
N GLY C 184 -29.35 6.29 -63.78
CA GLY C 184 -29.65 5.92 -62.40
C GLY C 184 -30.99 6.38 -61.91
N ASP C 185 -31.27 6.09 -60.63
CA ASP C 185 -32.52 6.48 -59.98
C ASP C 185 -32.31 7.46 -58.82
N MET C 186 -31.12 8.02 -58.68
CA MET C 186 -30.78 8.97 -57.62
C MET C 186 -30.22 10.23 -58.27
N MET C 187 -30.77 11.41 -57.91
CA MET C 187 -30.31 12.65 -58.51
C MET C 187 -29.46 13.50 -57.58
N LEU C 188 -28.16 13.51 -57.84
CA LEU C 188 -27.21 14.29 -57.05
C LEU C 188 -26.97 15.68 -57.63
N THR C 189 -26.93 16.68 -56.75
CA THR C 189 -26.67 18.08 -57.07
C THR C 189 -25.48 18.39 -56.20
N ASN C 190 -24.28 18.43 -56.78
CA ASN C 190 -23.02 18.57 -56.04
C ASN C 190 -22.81 17.40 -55.05
N GLY C 191 -23.27 16.21 -55.45
CA GLY C 191 -23.18 15.00 -54.65
C GLY C 191 -24.20 14.90 -53.54
N THR C 192 -25.24 15.72 -53.58
CA THR C 192 -26.26 15.73 -52.54
C THR C 192 -27.64 15.57 -53.11
N VAL C 193 -28.48 14.76 -52.47
CA VAL C 193 -29.85 14.59 -52.96
C VAL C 193 -30.71 15.77 -52.55
N TYR C 194 -31.19 16.53 -53.55
CA TYR C 194 -32.04 17.72 -53.39
C TYR C 194 -31.51 18.71 -52.36
N PRO C 195 -30.37 19.37 -52.62
CA PRO C 195 -29.84 20.34 -51.64
C PRO C 195 -30.62 21.67 -51.62
N GLN C 196 -30.18 22.56 -50.74
CA GLN C 196 -30.79 23.85 -50.55
C GLN C 196 -29.69 24.92 -50.52
N HIS C 197 -29.94 26.07 -51.15
CA HIS C 197 -28.97 27.16 -51.15
C HIS C 197 -29.60 28.49 -50.71
N LEU C 198 -28.93 29.17 -49.77
CA LEU C 198 -29.41 30.46 -49.26
C LEU C 198 -28.73 31.58 -50.01
N ALA C 199 -29.47 32.29 -50.86
CA ALA C 199 -28.89 33.34 -51.68
C ALA C 199 -29.43 34.75 -51.39
N PRO C 200 -28.60 35.80 -51.51
CA PRO C 200 -29.10 37.16 -51.30
C PRO C 200 -30.10 37.59 -52.35
N ARG C 201 -30.95 38.56 -52.01
CA ARG C 201 -31.95 39.07 -52.94
C ARG C 201 -31.33 39.97 -54.01
N GLY C 202 -31.66 39.69 -55.27
CA GLY C 202 -31.14 40.42 -56.42
C GLY C 202 -31.01 39.48 -57.59
N TRP C 203 -29.77 39.14 -57.94
CA TRP C 203 -29.51 38.20 -59.02
C TRP C 203 -28.66 37.05 -58.52
N LEU C 204 -29.03 35.82 -58.91
CA LEU C 204 -28.30 34.62 -58.53
C LEU C 204 -27.68 33.97 -59.77
N ARG C 205 -26.37 33.80 -59.76
CA ARG C 205 -25.60 33.20 -60.85
C ARG C 205 -25.36 31.73 -60.58
N LEU C 206 -25.88 30.87 -61.46
CA LEU C 206 -25.70 29.43 -61.30
C LEU C 206 -24.88 28.85 -62.43
N ARG C 207 -23.70 28.34 -62.11
CA ARG C 207 -22.82 27.73 -63.10
C ARG C 207 -23.18 26.24 -63.20
N PHE C 208 -24.10 25.87 -64.11
CA PHE C 208 -24.55 24.48 -64.30
C PHE C 208 -23.58 23.61 -65.08
N LEU C 209 -23.51 22.33 -64.72
CA LEU C 209 -22.70 21.33 -65.41
C LEU C 209 -23.50 20.06 -65.37
N ASN C 210 -23.73 19.47 -66.54
CA ASN C 210 -24.40 18.18 -66.60
C ASN C 210 -23.30 17.14 -66.50
N GLY C 211 -23.05 16.66 -65.29
CA GLY C 211 -22.03 15.64 -65.05
C GLY C 211 -22.54 14.22 -65.15
N CYS C 212 -23.69 14.01 -65.82
CA CYS C 212 -24.23 12.68 -66.01
C CYS C 212 -23.42 11.93 -67.05
N ASN C 213 -23.37 10.60 -66.92
CA ASN C 213 -22.69 9.78 -67.91
C ASN C 213 -23.48 9.75 -69.21
N ALA C 214 -24.81 9.62 -69.12
CA ALA C 214 -25.64 9.53 -70.30
C ALA C 214 -26.95 10.32 -70.23
N ARG C 215 -27.28 10.89 -69.07
CA ARG C 215 -28.55 11.60 -68.91
C ARG C 215 -28.55 13.05 -69.36
N SER C 216 -29.47 13.41 -70.25
CA SER C 216 -29.62 14.81 -70.66
C SER C 216 -30.68 15.41 -69.75
N LEU C 217 -30.49 16.68 -69.38
CA LEU C 217 -31.39 17.35 -68.47
C LEU C 217 -32.12 18.51 -69.15
N ASN C 218 -33.23 18.96 -68.56
CA ASN C 218 -33.98 20.09 -69.09
C ASN C 218 -34.36 20.96 -67.91
N LEU C 219 -33.47 21.87 -67.54
CA LEU C 219 -33.62 22.75 -66.38
C LEU C 219 -34.66 23.82 -66.55
N ALA C 220 -35.39 24.13 -65.47
CA ALA C 220 -36.46 25.12 -65.44
C ALA C 220 -36.76 25.50 -63.95
N THR C 221 -37.67 26.45 -63.67
CA THR C 221 -38.00 26.82 -62.30
C THR C 221 -39.39 26.29 -61.93
N SER C 222 -39.62 26.05 -60.63
CA SER C 222 -40.88 25.52 -60.10
C SER C 222 -42.07 26.45 -60.35
N ASP C 223 -41.85 27.77 -60.21
CA ASP C 223 -42.90 28.78 -60.40
C ASP C 223 -43.01 29.36 -61.82
N GLY C 224 -42.12 28.95 -62.72
CA GLY C 224 -42.15 29.43 -64.09
C GLY C 224 -41.32 30.67 -64.37
N ARG C 225 -40.58 31.15 -63.36
CA ARG C 225 -39.74 32.33 -63.54
C ARG C 225 -38.63 32.03 -64.55
N PRO C 226 -38.36 32.97 -65.46
CA PRO C 226 -37.36 32.70 -66.50
C PRO C 226 -35.94 32.56 -66.00
N LEU C 227 -35.13 31.85 -66.80
CA LEU C 227 -33.72 31.65 -66.60
C LEU C 227 -33.01 32.46 -67.68
N TYR C 228 -32.09 33.32 -67.28
CA TYR C 228 -31.37 34.18 -68.21
C TYR C 228 -30.00 33.60 -68.48
N VAL C 229 -29.85 32.89 -69.62
CA VAL C 229 -28.56 32.27 -69.94
C VAL C 229 -27.57 33.34 -70.34
N VAL C 230 -26.52 33.50 -69.53
CA VAL C 230 -25.46 34.48 -69.76
C VAL C 230 -24.14 33.87 -70.24
N GLY C 231 -23.98 32.56 -70.14
CA GLY C 231 -22.77 31.90 -70.56
C GLY C 231 -22.96 30.49 -71.10
N SER C 232 -22.21 30.16 -72.14
CA SER C 232 -22.24 28.82 -72.73
C SER C 232 -20.90 28.09 -72.42
N ASP C 233 -20.71 26.87 -72.96
CA ASP C 233 -19.54 26.01 -72.77
C ASP C 233 -18.20 26.74 -72.65
N GLY C 234 -17.96 27.72 -73.51
CA GLY C 234 -16.68 28.40 -73.54
C GLY C 234 -16.64 29.90 -73.49
N GLY C 235 -17.45 30.47 -72.61
CA GLY C 235 -17.46 31.91 -72.43
C GLY C 235 -18.85 32.50 -72.34
N LEU C 236 -18.90 33.78 -71.99
CA LEU C 236 -20.19 34.45 -71.89
C LEU C 236 -20.75 34.72 -73.29
N LEU C 237 -22.07 34.85 -73.38
CA LEU C 237 -22.72 35.20 -74.65
C LEU C 237 -22.55 36.71 -74.94
N GLY C 238 -22.97 37.15 -76.12
CA GLY C 238 -22.91 38.58 -76.45
C GLY C 238 -23.91 39.37 -75.63
N GLU C 239 -25.06 38.76 -75.35
CA GLU C 239 -26.16 39.31 -74.57
C GLU C 239 -26.99 38.17 -73.98
N PRO C 240 -27.65 38.39 -72.83
CA PRO C 240 -28.41 37.30 -72.20
C PRO C 240 -29.57 36.78 -73.01
N VAL C 241 -29.95 35.51 -72.79
CA VAL C 241 -31.06 34.86 -73.47
C VAL C 241 -32.13 34.46 -72.47
N LYS C 242 -33.35 35.00 -72.63
CA LYS C 242 -34.46 34.68 -71.72
C LYS C 242 -35.10 33.35 -72.13
N LEU C 243 -35.12 32.38 -71.19
CA LEU C 243 -35.67 31.05 -71.45
C LEU C 243 -36.56 30.58 -70.33
N THR C 244 -37.57 29.78 -70.64
CA THR C 244 -38.37 29.14 -69.59
C THR C 244 -37.78 27.73 -69.31
N GLU C 245 -37.32 27.03 -70.38
CA GLU C 245 -36.70 25.72 -70.30
C GLU C 245 -35.28 25.78 -70.85
N LEU C 246 -34.35 25.07 -70.22
CA LEU C 246 -32.96 25.02 -70.66
C LEU C 246 -32.45 23.59 -70.73
N PRO C 247 -32.46 23.01 -71.93
CA PRO C 247 -31.91 21.66 -72.09
C PRO C 247 -30.38 21.70 -72.02
N ILE C 248 -29.80 20.80 -71.25
CA ILE C 248 -28.36 20.75 -71.09
C ILE C 248 -27.84 19.33 -71.33
N LEU C 249 -26.85 19.19 -72.23
CA LEU C 249 -26.28 17.90 -72.59
C LEU C 249 -25.10 17.50 -71.71
N MET C 250 -24.74 16.19 -71.71
CA MET C 250 -23.64 15.66 -70.92
C MET C 250 -22.33 16.40 -71.20
N GLY C 251 -21.80 17.06 -70.18
CA GLY C 251 -20.54 17.81 -70.28
C GLY C 251 -20.69 19.28 -70.61
N GLU C 252 -21.92 19.71 -70.92
CA GLU C 252 -22.21 21.10 -71.24
C GLU C 252 -22.32 21.95 -69.99
N ARG C 253 -22.04 23.24 -70.14
CA ARG C 253 -22.12 24.17 -69.04
C ARG C 253 -22.89 25.39 -69.45
N PHE C 254 -23.76 25.85 -68.58
CA PHE C 254 -24.50 27.07 -68.85
C PHE C 254 -24.51 27.93 -67.59
N GLU C 255 -24.02 29.17 -67.70
CA GLU C 255 -24.06 30.10 -66.58
C GLU C 255 -25.38 30.86 -66.72
N VAL C 256 -26.28 30.77 -65.72
CA VAL C 256 -27.58 31.43 -65.82
C VAL C 256 -27.82 32.42 -64.67
N LEU C 257 -28.67 33.42 -64.90
CA LEU C 257 -29.02 34.39 -63.86
C LEU C 257 -30.49 34.23 -63.53
N VAL C 258 -30.83 34.25 -62.24
CA VAL C 258 -32.22 34.12 -61.83
C VAL C 258 -32.59 35.25 -60.85
N ASP C 259 -33.77 35.86 -61.02
CA ASP C 259 -34.23 37.01 -60.25
C ASP C 259 -34.73 36.68 -58.84
N THR C 260 -33.87 36.82 -57.83
CA THR C 260 -34.28 36.55 -56.44
C THR C 260 -34.78 37.79 -55.69
N ARG C 261 -34.98 38.93 -56.41
CA ARG C 261 -35.42 40.20 -55.84
C ARG C 261 -36.71 40.08 -55.01
N ASP C 262 -37.70 39.30 -55.49
CA ASP C 262 -38.96 39.12 -54.78
C ASP C 262 -38.87 38.32 -53.46
N GLY C 263 -37.69 37.75 -53.16
CA GLY C 263 -37.44 36.99 -51.94
C GLY C 263 -38.21 35.69 -51.78
N LYS C 264 -38.99 35.31 -52.79
CA LYS C 264 -39.77 34.07 -52.74
C LYS C 264 -38.90 32.87 -53.00
N ALA C 265 -39.08 31.79 -52.22
CA ALA C 265 -38.32 30.56 -52.42
C ALA C 265 -38.87 29.79 -53.63
N PHE C 266 -37.99 29.11 -54.36
CA PHE C 266 -38.37 28.37 -55.56
C PHE C 266 -37.38 27.21 -55.83
N ASP C 267 -37.75 26.28 -56.72
CA ASP C 267 -36.91 25.15 -57.04
C ASP C 267 -36.37 25.20 -58.46
N ILE C 268 -35.17 24.65 -58.64
CA ILE C 268 -34.60 24.45 -59.95
C ILE C 268 -35.00 23.01 -60.24
N ILE C 269 -35.85 22.81 -61.24
CA ILE C 269 -36.35 21.49 -61.58
C ILE C 269 -35.81 21.00 -62.92
N THR C 270 -35.86 19.68 -63.12
CA THR C 270 -35.49 19.08 -64.40
C THR C 270 -36.73 18.42 -64.95
N LEU C 271 -37.09 18.77 -66.16
CA LEU C 271 -38.27 18.25 -66.81
C LEU C 271 -37.94 16.96 -67.54
N PRO C 272 -38.90 16.01 -67.60
CA PRO C 272 -38.63 14.75 -68.30
C PRO C 272 -38.29 15.00 -69.77
N VAL C 273 -37.18 14.39 -70.20
CA VAL C 273 -36.67 14.51 -71.56
C VAL C 273 -37.05 13.30 -72.41
N LYS C 274 -37.08 13.47 -73.75
CA LYS C 274 -37.38 12.36 -74.64
C LYS C 274 -36.10 11.71 -75.08
N GLN C 275 -35.50 10.95 -74.16
CA GLN C 275 -34.27 10.23 -74.39
C GLN C 275 -34.42 8.81 -73.83
N MET C 276 -33.97 7.83 -74.59
CA MET C 276 -34.08 6.44 -74.22
C MET C 276 -33.41 6.12 -72.89
N GLY C 277 -34.18 5.47 -72.01
CA GLY C 277 -33.74 5.06 -70.67
C GLY C 277 -33.88 6.14 -69.62
N MET C 278 -34.12 7.39 -70.02
CA MET C 278 -34.17 8.51 -69.09
C MET C 278 -35.55 8.86 -68.54
N THR C 279 -36.60 8.14 -68.99
CA THR C 279 -37.96 8.45 -68.57
C THR C 279 -38.49 7.63 -67.41
N LEU C 280 -37.59 7.00 -66.65
CA LEU C 280 -37.99 6.20 -65.50
C LEU C 280 -37.91 7.03 -64.21
N PRO C 281 -38.71 6.68 -63.19
CA PRO C 281 -38.66 7.44 -61.93
C PRO C 281 -37.26 7.49 -61.31
N PRO C 282 -36.91 8.61 -60.65
CA PRO C 282 -37.74 9.81 -60.37
C PRO C 282 -37.91 10.80 -61.52
N PHE C 283 -37.34 10.49 -62.67
CA PHE C 283 -37.32 11.41 -63.80
C PHE C 283 -38.55 11.37 -64.69
N ASP C 284 -39.53 10.51 -64.39
CA ASP C 284 -40.77 10.39 -65.16
C ASP C 284 -41.65 11.64 -65.09
N ARG C 285 -41.46 12.46 -64.05
CA ARG C 285 -42.14 13.75 -63.86
C ARG C 285 -41.13 14.86 -63.50
N ALA C 286 -41.57 16.14 -63.39
CA ALA C 286 -40.65 17.24 -63.06
C ALA C 286 -39.98 16.97 -61.71
N LEU C 287 -38.65 17.08 -61.67
CA LEU C 287 -37.91 16.74 -60.47
C LEU C 287 -37.12 17.92 -59.93
N PRO C 288 -37.42 18.38 -58.71
CA PRO C 288 -36.63 19.47 -58.12
C PRO C 288 -35.24 19.00 -57.72
N VAL C 289 -34.21 19.65 -58.25
CA VAL C 289 -32.83 19.29 -57.97
C VAL C 289 -32.12 20.28 -57.04
N LEU C 290 -32.68 21.49 -56.84
CA LEU C 290 -32.06 22.48 -55.98
C LEU C 290 -33.08 23.47 -55.42
N HIS C 291 -33.16 23.58 -54.08
CA HIS C 291 -34.09 24.51 -53.47
C HIS C 291 -33.41 25.84 -53.19
N ILE C 292 -33.90 26.93 -53.81
CA ILE C 292 -33.33 28.24 -53.61
C ILE C 292 -34.15 29.01 -52.59
N GLN C 293 -33.54 29.37 -51.46
CA GLN C 293 -34.20 30.14 -50.42
C GLN C 293 -33.52 31.49 -50.24
N PRO C 294 -34.17 32.57 -50.71
CA PRO C 294 -33.56 33.90 -50.59
C PRO C 294 -33.50 34.40 -49.13
N THR C 295 -32.30 34.87 -48.70
CA THR C 295 -32.06 35.38 -47.35
C THR C 295 -32.52 36.86 -47.23
N LEU C 296 -32.52 37.43 -45.99
CA LEU C 296 -32.85 38.85 -45.84
C LEU C 296 -31.74 39.77 -46.43
N LYS C 297 -30.55 39.18 -46.73
CA LYS C 297 -29.43 39.87 -47.34
C LYS C 297 -29.71 40.28 -48.79
N SER C 298 -28.88 41.19 -49.34
CA SER C 298 -29.08 41.63 -50.71
C SER C 298 -27.76 41.91 -51.42
N ASN C 299 -27.82 42.05 -52.75
CA ASN C 299 -26.65 42.37 -53.56
C ASN C 299 -27.00 43.34 -54.68
N GLU C 300 -26.00 44.09 -55.16
CA GLU C 300 -26.23 45.02 -56.25
C GLU C 300 -25.75 44.47 -57.59
N ALA C 301 -25.91 43.16 -57.79
CA ALA C 301 -25.61 42.54 -59.07
C ALA C 301 -26.79 42.83 -60.00
N LYS C 302 -26.51 42.96 -61.31
CA LYS C 302 -27.54 43.26 -62.30
C LYS C 302 -27.33 42.48 -63.60
N LEU C 303 -28.42 42.26 -64.37
CA LEU C 303 -28.40 41.56 -65.65
C LEU C 303 -28.07 42.59 -66.75
N PRO C 304 -26.82 42.63 -67.23
CA PRO C 304 -26.45 43.63 -68.24
C PRO C 304 -27.15 43.43 -69.57
N ASP C 305 -27.46 44.53 -70.27
CA ASP C 305 -28.09 44.46 -71.58
C ASP C 305 -27.16 43.79 -72.62
N ALA C 306 -25.85 43.99 -72.47
CA ALA C 306 -24.84 43.37 -73.29
C ALA C 306 -23.77 42.81 -72.36
N LEU C 307 -23.33 41.58 -72.59
CA LEU C 307 -22.33 40.94 -71.74
C LEU C 307 -20.91 41.20 -72.28
N VAL C 308 -20.44 40.41 -73.25
CA VAL C 308 -19.10 40.58 -73.80
C VAL C 308 -19.17 40.68 -75.33
N ASN C 309 -18.06 41.06 -75.98
CA ASN C 309 -18.02 41.14 -77.42
C ASN C 309 -18.07 39.72 -77.98
N MET C 310 -19.16 39.40 -78.67
CA MET C 310 -19.28 38.09 -79.31
C MET C 310 -18.98 38.29 -80.78
N PRO C 311 -17.81 37.82 -81.24
CA PRO C 311 -17.49 37.97 -82.66
C PRO C 311 -18.50 37.29 -83.57
N ALA C 312 -18.61 37.78 -84.81
CA ALA C 312 -19.50 37.15 -85.78
C ALA C 312 -18.85 35.86 -86.28
N VAL C 313 -19.67 34.93 -86.77
CA VAL C 313 -19.14 33.68 -87.30
C VAL C 313 -18.47 34.00 -88.62
N PRO C 314 -17.14 33.83 -88.72
CA PRO C 314 -16.47 34.18 -89.98
C PRO C 314 -16.97 33.32 -91.13
N ALA C 315 -17.09 33.93 -92.32
CA ALA C 315 -17.53 33.19 -93.48
C ALA C 315 -16.30 32.44 -93.98
N ALA C 316 -16.12 31.21 -93.51
CA ALA C 316 -14.98 30.40 -93.92
C ALA C 316 -15.32 29.90 -95.32
N ASP C 317 -14.73 30.53 -96.34
CA ASP C 317 -15.09 30.26 -97.71
C ASP C 317 -14.62 28.91 -98.27
N ASN C 318 -13.30 28.70 -98.39
CA ASN C 318 -12.81 27.46 -98.97
C ASN C 318 -12.02 26.64 -97.98
N VAL C 319 -12.52 26.57 -96.76
CA VAL C 319 -11.87 25.80 -95.71
C VAL C 319 -12.06 24.31 -95.91
N LYS C 320 -11.14 23.54 -95.30
CA LYS C 320 -11.23 22.09 -95.33
C LYS C 320 -12.45 21.64 -94.55
N THR C 321 -13.05 20.56 -95.05
CA THR C 321 -14.24 19.94 -94.49
C THR C 321 -13.92 18.54 -93.97
N ARG C 322 -14.61 18.09 -92.91
CA ARG C 322 -14.38 16.75 -92.35
C ARG C 322 -15.73 16.10 -92.14
N TRP C 323 -15.92 14.87 -92.61
CA TRP C 323 -17.17 14.17 -92.32
C TRP C 323 -16.90 13.16 -91.23
N LEU C 324 -17.55 13.34 -90.07
CA LEU C 324 -17.40 12.40 -88.97
C LEU C 324 -18.71 11.65 -88.80
N GLN C 325 -18.73 10.39 -89.23
CA GLN C 325 -19.93 9.58 -89.17
C GLN C 325 -19.98 8.69 -87.95
N LEU C 326 -20.82 9.06 -86.98
CA LEU C 326 -20.98 8.24 -85.79
C LEU C 326 -21.81 7.04 -86.20
N MET C 327 -21.42 5.85 -85.74
CA MET C 327 -22.10 4.60 -86.11
C MET C 327 -22.32 3.71 -84.91
N MET C 328 -23.48 3.05 -84.86
CA MET C 328 -23.76 2.11 -83.78
C MET C 328 -24.13 0.76 -84.39
N ASP C 329 -23.60 -0.38 -83.84
CA ASP C 329 -23.94 -1.70 -84.41
C ASP C 329 -25.43 -1.92 -84.24
N PRO C 330 -26.20 -2.02 -85.34
CA PRO C 330 -27.66 -2.17 -85.19
C PRO C 330 -28.05 -3.38 -84.39
N GLN C 331 -27.30 -4.48 -84.52
CA GLN C 331 -27.60 -5.70 -83.80
C GLN C 331 -27.42 -5.49 -82.31
N LEU C 332 -26.29 -4.88 -81.93
CA LEU C 332 -25.98 -4.62 -80.52
C LEU C 332 -26.93 -3.60 -79.91
N ASP C 333 -27.25 -2.56 -80.69
CA ASP C 333 -28.15 -1.47 -80.35
C ASP C 333 -29.52 -2.05 -80.07
N MET C 334 -30.02 -2.91 -80.97
CA MET C 334 -31.32 -3.54 -80.82
C MET C 334 -31.39 -4.42 -79.59
N MET C 335 -30.38 -5.26 -79.37
CA MET C 335 -30.31 -6.11 -78.18
C MET C 335 -30.29 -5.27 -76.91
N GLY C 336 -29.57 -4.15 -76.94
CA GLY C 336 -29.46 -3.24 -75.82
C GLY C 336 -30.81 -2.70 -75.38
N MET C 337 -31.59 -2.17 -76.34
CA MET C 337 -32.90 -1.63 -75.99
C MET C 337 -33.94 -2.73 -75.74
N GLN C 338 -33.76 -3.93 -76.29
CA GLN C 338 -34.67 -5.05 -76.00
C GLN C 338 -34.46 -5.43 -74.51
N MET C 339 -33.20 -5.53 -74.10
CA MET C 339 -32.82 -5.83 -72.72
C MET C 339 -33.26 -4.73 -71.75
N MET C 340 -33.25 -3.47 -72.21
CA MET C 340 -33.68 -2.34 -71.39
C MET C 340 -35.18 -2.41 -71.19
N MET C 341 -35.93 -2.73 -72.24
CA MET C 341 -37.38 -2.88 -72.17
C MET C 341 -37.77 -4.01 -71.25
N GLN C 342 -37.01 -5.11 -71.28
CA GLN C 342 -37.29 -6.25 -70.45
C GLN C 342 -37.00 -5.99 -68.98
N ARG C 343 -35.88 -5.34 -68.69
CA ARG C 343 -35.45 -5.06 -67.32
C ARG C 343 -36.19 -3.89 -66.67
N TYR C 344 -36.52 -2.86 -67.43
CA TYR C 344 -37.15 -1.66 -66.87
C TYR C 344 -38.57 -1.38 -67.30
N GLY C 345 -39.10 -2.13 -68.26
CA GLY C 345 -40.45 -1.91 -68.75
C GLY C 345 -40.50 -1.02 -69.97
N MET C 346 -41.65 -0.97 -70.63
CA MET C 346 -41.85 -0.16 -71.83
C MET C 346 -41.69 1.35 -71.61
N ALA C 347 -41.76 1.80 -70.34
CA ALA C 347 -41.60 3.20 -69.95
C ALA C 347 -40.20 3.73 -70.32
N SER C 348 -39.19 2.84 -70.29
CA SER C 348 -37.81 3.16 -70.64
C SER C 348 -37.62 3.57 -72.09
N MET C 349 -38.59 3.30 -72.96
CA MET C 349 -38.46 3.66 -74.37
C MET C 349 -38.78 5.10 -74.70
N ALA C 350 -39.27 5.89 -73.74
CA ALA C 350 -39.65 7.29 -73.94
C ALA C 350 -40.55 7.51 -75.16
N GLY C 351 -41.35 6.50 -75.51
CA GLY C 351 -42.26 6.56 -76.65
C GLY C 351 -41.57 6.47 -78.00
N MET C 352 -40.63 5.53 -78.14
CA MET C 352 -39.87 5.37 -79.39
C MET C 352 -39.77 3.90 -79.88
N ASP C 353 -38.98 3.63 -80.96
CA ASP C 353 -38.84 2.30 -81.54
C ASP C 353 -37.45 1.69 -81.33
N SER C 394 -22.45 -3.90 -92.44
CA SER C 394 -21.46 -4.33 -91.43
C SER C 394 -22.09 -4.97 -90.14
N ALA C 395 -21.25 -5.62 -89.27
CA ALA C 395 -21.72 -6.31 -88.08
C ALA C 395 -20.64 -6.28 -86.90
N GLY C 396 -20.74 -7.14 -85.86
CA GLY C 396 -19.77 -7.19 -84.76
C GLY C 396 -20.03 -8.25 -83.70
N TYR C 397 -21.00 -7.98 -82.80
CA TYR C 397 -21.34 -8.68 -81.54
C TYR C 397 -20.31 -8.33 -80.42
N ASP C 398 -19.18 -7.73 -80.80
CA ASP C 398 -18.11 -7.21 -79.98
C ASP C 398 -18.63 -5.94 -79.33
N PHE C 399 -19.34 -6.08 -78.21
CA PHE C 399 -19.98 -4.96 -77.54
C PHE C 399 -19.01 -3.88 -77.08
N MET C 400 -17.76 -4.24 -76.78
CA MET C 400 -16.78 -3.25 -76.35
C MET C 400 -16.24 -2.38 -77.47
N HIS C 401 -16.58 -2.69 -78.74
CA HIS C 401 -16.17 -1.95 -79.95
C HIS C 401 -17.32 -1.84 -80.95
N GLY C 402 -18.57 -1.86 -80.47
CA GLY C 402 -19.73 -1.78 -81.36
C GLY C 402 -20.00 -0.38 -81.87
N ASN C 403 -19.65 0.61 -81.07
CA ASN C 403 -19.87 2.01 -81.42
C ASN C 403 -18.63 2.56 -82.05
N LYS C 404 -18.75 3.15 -83.25
CA LYS C 404 -17.60 3.60 -84.01
C LYS C 404 -17.81 5.01 -84.59
N ILE C 405 -16.75 5.55 -85.21
CA ILE C 405 -16.74 6.81 -85.95
C ILE C 405 -16.02 6.50 -87.24
N ASN C 406 -16.67 6.73 -88.39
CA ASN C 406 -16.10 6.46 -89.71
C ASN C 406 -15.68 5.00 -89.91
N GLY C 407 -16.44 4.09 -89.33
CA GLY C 407 -16.16 2.67 -89.47
C GLY C 407 -15.17 2.10 -88.47
N ILE C 408 -14.47 2.96 -87.74
CA ILE C 408 -13.47 2.51 -86.77
C ILE C 408 -13.86 2.74 -85.32
N ALA C 409 -13.76 1.69 -84.49
CA ALA C 409 -13.99 1.83 -83.07
C ALA C 409 -12.63 2.28 -82.55
N PHE C 410 -12.55 3.51 -81.99
CA PHE C 410 -11.36 4.21 -81.52
C PHE C 410 -10.03 3.42 -81.52
N ASP C 411 -9.15 3.74 -82.47
CA ASP C 411 -7.82 3.16 -82.56
C ASP C 411 -6.85 4.27 -82.15
N MET C 412 -6.29 4.18 -80.93
CA MET C 412 -5.37 5.19 -80.40
C MET C 412 -4.14 5.40 -81.26
N ALA C 413 -3.66 4.31 -81.88
CA ALA C 413 -2.48 4.34 -82.72
C ALA C 413 -2.70 4.98 -84.08
N LYS C 414 -3.97 5.13 -84.52
CA LYS C 414 -4.23 5.69 -85.84
C LYS C 414 -5.11 6.93 -85.84
N PRO C 415 -4.52 8.12 -85.69
CA PRO C 415 -5.31 9.36 -85.77
C PRO C 415 -5.86 9.53 -87.19
N MET C 416 -7.09 10.01 -87.30
CA MET C 416 -7.76 10.12 -88.57
C MET C 416 -7.18 11.12 -89.53
N PHE C 417 -6.67 12.23 -89.03
CA PHE C 417 -6.12 13.27 -89.90
C PHE C 417 -5.29 14.31 -89.13
N ASP C 418 -4.58 15.17 -89.88
CA ASP C 418 -3.79 16.23 -89.30
C ASP C 418 -4.39 17.57 -89.73
N VAL C 419 -4.54 18.50 -88.78
CA VAL C 419 -5.08 19.82 -89.06
C VAL C 419 -3.97 20.85 -88.91
N LYS C 420 -3.90 21.81 -89.83
CA LYS C 420 -2.91 22.87 -89.76
C LYS C 420 -3.34 23.84 -88.64
N ARG C 421 -2.43 24.14 -87.71
CA ARG C 421 -2.70 25.03 -86.58
C ARG C 421 -3.16 26.40 -87.05
N GLY C 422 -4.12 26.96 -86.34
CA GLY C 422 -4.63 28.29 -86.64
C GLY C 422 -5.45 28.41 -87.90
N THR C 423 -5.92 27.27 -88.44
CA THR C 423 -6.75 27.30 -89.65
C THR C 423 -8.18 26.90 -89.32
N TYR C 424 -9.14 27.46 -90.06
CA TYR C 424 -10.54 27.13 -89.85
C TYR C 424 -10.91 25.87 -90.63
N GLU C 425 -11.80 25.07 -90.07
CA GLU C 425 -12.32 23.86 -90.69
C GLU C 425 -13.82 23.75 -90.42
N LYS C 426 -14.55 23.16 -91.36
CA LYS C 426 -15.98 23.00 -91.26
C LYS C 426 -16.27 21.51 -91.07
N TRP C 427 -16.48 21.09 -89.83
CA TRP C 427 -16.71 19.68 -89.51
C TRP C 427 -18.18 19.32 -89.47
N THR C 428 -18.58 18.30 -90.23
CA THR C 428 -19.95 17.81 -90.18
C THR C 428 -19.96 16.49 -89.43
N ILE C 429 -20.69 16.44 -88.30
CA ILE C 429 -20.81 15.22 -87.50
C ILE C 429 -22.21 14.68 -87.68
N SER C 430 -22.32 13.45 -88.15
CA SER C 430 -23.62 12.85 -88.42
C SER C 430 -24.01 11.72 -87.50
N GLY C 431 -25.29 11.62 -87.25
CA GLY C 431 -25.83 10.57 -86.40
C GLY C 431 -27.03 9.90 -87.02
N GLU C 432 -27.11 9.88 -88.37
CA GLU C 432 -28.19 9.21 -89.10
C GLU C 432 -28.11 7.71 -88.88
N GLY C 433 -29.19 7.01 -89.17
CA GLY C 433 -29.26 5.55 -89.00
C GLY C 433 -28.93 5.11 -87.60
N ASP C 434 -29.45 5.87 -86.65
CA ASP C 434 -29.19 5.75 -85.24
C ASP C 434 -30.07 6.82 -84.60
N MET C 435 -30.88 6.44 -83.59
CA MET C 435 -31.73 7.44 -82.94
C MET C 435 -31.20 7.94 -81.58
N MET C 436 -30.04 7.44 -81.15
CA MET C 436 -29.47 7.84 -79.88
C MET C 436 -28.94 9.29 -79.89
N LEU C 437 -28.83 9.86 -78.67
CA LEU C 437 -28.35 11.21 -78.45
C LEU C 437 -26.84 11.17 -78.32
N HIS C 438 -26.16 12.00 -79.10
CA HIS C 438 -24.72 12.05 -79.08
C HIS C 438 -24.20 13.46 -78.90
N PRO C 439 -23.91 13.88 -77.66
CA PRO C 439 -23.33 15.22 -77.46
C PRO C 439 -21.84 15.14 -77.89
N PHE C 440 -21.53 15.61 -79.10
CA PHE C 440 -20.18 15.53 -79.63
C PHE C 440 -19.19 16.56 -79.07
N HIS C 441 -18.19 16.10 -78.27
CA HIS C 441 -17.17 16.95 -77.66
C HIS C 441 -15.90 16.93 -78.50
N ILE C 442 -15.30 18.10 -78.72
CA ILE C 442 -14.04 18.22 -79.45
C ILE C 442 -13.00 18.82 -78.53
N HIS C 443 -11.86 18.14 -78.35
CA HIS C 443 -10.80 18.63 -77.47
C HIS C 443 -9.99 19.79 -78.08
N GLY C 444 -9.35 20.57 -77.20
CA GLY C 444 -8.45 21.66 -77.54
C GLY C 444 -8.97 22.86 -78.30
N THR C 445 -10.28 23.11 -78.26
CA THR C 445 -10.86 24.26 -78.97
C THR C 445 -12.23 24.64 -78.40
N GLN C 446 -12.69 25.82 -78.79
CA GLN C 446 -14.03 26.32 -78.55
C GLN C 446 -14.52 26.70 -79.94
N PHE C 447 -15.65 26.16 -80.36
CA PHE C 447 -16.15 26.38 -81.71
C PHE C 447 -17.50 27.09 -81.76
N ARG C 448 -17.94 27.44 -82.98
CA ARG C 448 -19.23 28.04 -83.20
C ARG C 448 -20.05 27.03 -83.99
N ILE C 449 -21.24 26.71 -83.53
CA ILE C 449 -22.11 25.77 -84.23
C ILE C 449 -22.72 26.48 -85.42
N LEU C 450 -22.60 25.89 -86.61
CA LEU C 450 -23.22 26.45 -87.82
C LEU C 450 -24.62 25.85 -87.95
N SER C 451 -24.73 24.54 -87.76
CA SER C 451 -25.99 23.82 -87.82
C SER C 451 -26.02 22.83 -86.68
N GLU C 452 -27.13 22.77 -85.94
CA GLU C 452 -27.25 21.80 -84.87
C GLU C 452 -28.41 20.89 -85.18
N ASN C 453 -28.09 19.68 -85.66
CA ASN C 453 -29.04 18.67 -86.05
C ASN C 453 -30.05 19.15 -87.11
N GLY C 454 -29.56 19.86 -88.12
CA GLY C 454 -30.39 20.36 -89.20
C GLY C 454 -30.72 21.83 -89.08
N LYS C 455 -31.46 22.19 -88.04
CA LYS C 455 -31.82 23.58 -87.80
C LYS C 455 -30.62 24.38 -87.25
N PRO C 456 -30.58 25.72 -87.43
CA PRO C 456 -29.47 26.51 -86.88
C PRO C 456 -29.43 26.48 -85.35
N PRO C 457 -28.30 26.86 -84.72
CA PRO C 457 -28.23 26.80 -83.26
C PRO C 457 -29.20 27.74 -82.58
N ALA C 458 -29.59 27.37 -81.36
CA ALA C 458 -30.44 28.20 -80.51
C ALA C 458 -29.68 29.50 -80.16
N ALA C 459 -30.41 30.52 -79.67
CA ALA C 459 -29.79 31.81 -79.31
C ALA C 459 -28.62 31.63 -78.32
N HIS C 460 -28.81 30.85 -77.24
CA HIS C 460 -27.77 30.61 -76.25
C HIS C 460 -26.71 29.64 -76.78
N ARG C 461 -27.13 28.64 -77.54
CA ARG C 461 -26.19 27.66 -78.09
C ARG C 461 -25.31 28.22 -79.25
N SER C 462 -25.60 29.43 -79.74
CA SER C 462 -24.83 30.00 -80.84
C SER C 462 -23.52 30.68 -80.42
N GLY C 463 -23.18 30.63 -79.14
CA GLY C 463 -21.95 31.23 -78.66
C GLY C 463 -20.75 30.32 -78.80
N TRP C 464 -19.89 30.31 -77.77
CA TRP C 464 -18.73 29.44 -77.77
C TRP C 464 -19.08 28.11 -77.12
N LYS C 465 -18.90 27.01 -77.86
CA LYS C 465 -19.23 25.66 -77.38
C LYS C 465 -18.07 24.69 -77.59
N ASP C 466 -18.10 23.55 -76.87
CA ASP C 466 -17.19 22.42 -77.07
C ASP C 466 -17.94 21.09 -77.27
N THR C 467 -19.28 21.12 -77.14
CA THR C 467 -20.18 20.00 -77.31
C THR C 467 -21.29 20.44 -78.29
N VAL C 468 -21.69 19.56 -79.20
CA VAL C 468 -22.76 19.86 -80.16
C VAL C 468 -23.73 18.66 -80.22
N ARG C 469 -25.04 18.94 -80.19
CA ARG C 469 -26.04 17.88 -80.23
C ARG C 469 -26.10 17.18 -81.58
N VAL C 470 -25.96 15.86 -81.58
CA VAL C 470 -26.08 15.03 -82.77
C VAL C 470 -27.09 13.95 -82.38
N GLU C 471 -28.34 14.05 -82.85
CA GLU C 471 -29.39 13.13 -82.45
C GLU C 471 -30.25 12.77 -83.63
N GLY C 472 -29.83 11.75 -84.39
CA GLY C 472 -30.60 11.28 -85.53
C GLY C 472 -30.27 11.94 -86.86
N TRP C 473 -29.88 13.23 -86.85
CA TRP C 473 -29.53 13.91 -88.10
C TRP C 473 -28.06 14.46 -88.07
N ARG C 474 -27.77 15.64 -88.67
CA ARG C 474 -26.40 16.13 -88.77
C ARG C 474 -26.21 17.50 -88.22
N SER C 475 -25.06 17.70 -87.61
CA SER C 475 -24.63 19.00 -87.13
C SER C 475 -23.34 19.43 -87.90
N GLU C 476 -23.08 20.74 -87.97
CA GLU C 476 -21.92 21.31 -88.64
C GLU C 476 -21.32 22.36 -87.72
N VAL C 477 -20.00 22.30 -87.49
CA VAL C 477 -19.33 23.27 -86.61
C VAL C 477 -18.16 23.92 -87.30
N LEU C 478 -17.82 25.14 -86.86
CA LEU C 478 -16.67 25.85 -87.41
C LEU C 478 -15.56 25.80 -86.38
N VAL C 479 -14.52 24.99 -86.63
CA VAL C 479 -13.43 24.82 -85.66
C VAL C 479 -12.11 25.45 -86.08
N LYS C 480 -11.26 25.76 -85.10
CA LYS C 480 -9.93 26.32 -85.33
C LYS C 480 -9.05 25.91 -84.16
N PHE C 481 -7.96 25.20 -84.42
CA PHE C 481 -7.08 24.72 -83.35
C PHE C 481 -5.85 25.58 -83.23
N ASP C 482 -5.84 26.50 -82.25
CA ASP C 482 -4.73 27.42 -82.01
C ASP C 482 -3.52 26.78 -81.32
N HIS C 483 -3.62 25.53 -80.88
CA HIS C 483 -2.52 24.85 -80.19
C HIS C 483 -2.26 23.50 -80.84
N GLU C 484 -0.98 23.11 -80.95
CA GLU C 484 -0.59 21.85 -81.55
C GLU C 484 -0.87 20.63 -80.68
N ALA C 485 -1.04 19.46 -81.32
CA ALA C 485 -1.23 18.18 -80.66
C ALA C 485 -0.51 17.12 -81.52
N PRO C 486 0.63 16.61 -81.05
CA PRO C 486 1.39 15.65 -81.86
C PRO C 486 0.81 14.24 -81.84
N LYS C 487 1.35 13.32 -82.65
CA LYS C 487 0.87 11.93 -82.70
C LYS C 487 0.89 11.27 -81.31
N GLU C 488 1.90 11.62 -80.51
CA GLU C 488 2.18 11.09 -79.17
C GLU C 488 1.22 11.62 -78.11
N ARG C 489 0.65 12.82 -78.32
CA ARG C 489 -0.31 13.42 -77.40
C ARG C 489 -1.39 14.08 -78.26
N ALA C 490 -2.11 13.26 -79.04
CA ALA C 490 -3.11 13.77 -79.97
C ALA C 490 -4.41 14.22 -79.31
N TYR C 491 -5.15 15.11 -79.98
CA TYR C 491 -6.46 15.57 -79.52
C TYR C 491 -7.50 14.47 -79.80
N MET C 492 -8.68 14.58 -79.16
CA MET C 492 -9.75 13.64 -79.42
C MET C 492 -11.07 14.36 -79.67
N ALA C 493 -12.00 13.65 -80.28
CA ALA C 493 -13.35 14.15 -80.53
C ALA C 493 -14.20 12.92 -80.37
N HIS C 494 -15.15 12.99 -79.45
CA HIS C 494 -15.94 11.83 -79.09
C HIS C 494 -17.36 12.17 -78.64
N CYS C 495 -18.20 11.15 -78.53
CA CYS C 495 -19.53 11.32 -77.99
C CYS C 495 -19.37 11.43 -76.48
N HIS C 496 -20.04 12.40 -75.84
CA HIS C 496 -19.93 12.56 -74.40
C HIS C 496 -20.91 11.68 -73.61
N LEU C 497 -21.66 10.78 -74.28
CA LEU C 497 -22.45 9.77 -73.59
C LEU C 497 -21.36 8.74 -73.35
N LEU C 498 -20.72 8.82 -72.18
CA LEU C 498 -19.54 8.07 -71.78
C LEU C 498 -19.51 6.60 -72.19
N GLU C 499 -20.65 5.92 -72.16
CA GLU C 499 -20.68 4.51 -72.54
C GLU C 499 -20.47 4.31 -74.05
N HIS C 500 -20.88 5.28 -74.88
CA HIS C 500 -20.63 5.23 -76.32
C HIS C 500 -19.13 5.44 -76.57
N GLU C 501 -18.52 6.38 -75.86
CA GLU C 501 -17.11 6.65 -75.96
C GLU C 501 -16.29 5.40 -75.53
N ASP C 502 -16.67 4.77 -74.42
CA ASP C 502 -15.98 3.59 -73.92
C ASP C 502 -16.13 2.36 -74.80
N THR C 503 -17.14 2.35 -75.66
CA THR C 503 -17.35 1.22 -76.57
C THR C 503 -16.94 1.58 -78.02
N GLY C 504 -16.02 2.53 -78.19
CA GLY C 504 -15.45 2.86 -79.47
C GLY C 504 -15.77 4.19 -80.12
N MET C 505 -16.88 4.84 -79.76
CA MET C 505 -17.28 6.09 -80.42
C MET C 505 -16.43 7.31 -80.01
N MET C 506 -15.17 7.30 -80.43
CA MET C 506 -14.15 8.30 -80.18
C MET C 506 -13.10 8.24 -81.32
N MET C 507 -12.53 9.39 -81.69
CA MET C 507 -11.49 9.43 -82.71
C MET C 507 -10.42 10.40 -82.31
N SER C 508 -9.18 10.16 -82.75
CA SER C 508 -8.09 11.07 -82.44
C SER C 508 -7.60 11.78 -83.70
N PHE C 509 -7.01 12.96 -83.53
CA PHE C 509 -6.48 13.73 -84.64
C PHE C 509 -5.33 14.62 -84.16
N THR C 510 -4.40 14.91 -85.06
CA THR C 510 -3.24 15.74 -84.72
C THR C 510 -3.36 17.14 -85.26
N VAL C 511 -2.65 18.08 -84.63
CA VAL C 511 -2.62 19.48 -85.07
C VAL C 511 -1.16 19.90 -85.09
N SER C 512 -0.70 20.45 -86.23
CA SER C 512 0.70 20.84 -86.38
C SER C 512 0.93 22.11 -87.23
N ALA D 1 29.76 -6.83 31.81
CA ALA D 1 28.63 -6.01 31.40
C ALA D 1 27.88 -5.38 32.60
N GLU D 2 27.28 -4.19 32.39
CA GLU D 2 26.53 -3.55 33.46
C GLU D 2 25.04 -3.73 33.29
N HIS D 3 24.49 -4.61 34.12
CA HIS D 3 23.08 -5.00 34.13
C HIS D 3 22.27 -4.00 34.94
N PRO D 4 21.02 -3.73 34.52
CA PRO D 4 20.19 -2.79 35.29
C PRO D 4 19.79 -3.34 36.66
N THR D 5 19.50 -2.45 37.61
CA THR D 5 19.12 -2.87 38.96
C THR D 5 17.77 -3.57 38.94
N LEU D 6 17.69 -4.77 39.57
CA LEU D 6 16.46 -5.54 39.66
C LEU D 6 15.41 -4.73 40.43
N PRO D 7 14.29 -4.39 39.79
CA PRO D 7 13.26 -3.57 40.46
C PRO D 7 12.56 -4.32 41.58
N ILE D 8 12.27 -3.64 42.69
CA ILE D 8 11.58 -4.26 43.79
C ILE D 8 10.17 -3.71 43.93
N PRO D 9 9.16 -4.58 43.82
CA PRO D 9 7.77 -4.12 43.96
C PRO D 9 7.52 -3.45 45.31
N ALA D 10 6.85 -2.31 45.28
CA ALA D 10 6.56 -1.57 46.49
C ALA D 10 5.63 -2.35 47.40
N LEU D 11 6.03 -2.52 48.67
CA LEU D 11 5.21 -3.22 49.64
C LEU D 11 3.94 -2.40 49.91
N LEU D 12 2.80 -3.08 49.97
CA LEU D 12 1.52 -2.41 50.17
C LEU D 12 0.70 -3.06 51.27
N THR D 13 0.73 -2.45 52.47
CA THR D 13 -0.01 -2.92 53.64
C THR D 13 -1.38 -2.22 53.72
N PRO D 14 -2.36 -2.83 54.42
CA PRO D 14 -3.67 -2.18 54.53
C PRO D 14 -3.61 -0.88 55.32
N ASP D 15 -4.39 0.12 54.90
CA ASP D 15 -4.41 1.41 55.56
C ASP D 15 -5.14 1.37 56.94
N ALA D 16 -5.39 2.54 57.56
CA ALA D 16 -6.06 2.64 58.85
C ALA D 16 -7.47 2.07 58.79
N ALA D 17 -8.19 2.34 57.71
CA ALA D 17 -9.55 1.80 57.55
C ALA D 17 -9.58 0.29 57.13
N GLY D 18 -8.41 -0.32 56.93
CA GLY D 18 -8.28 -1.73 56.58
C GLY D 18 -8.55 -1.99 55.11
N LYS D 19 -8.01 -1.12 54.25
CA LYS D 19 -8.22 -1.20 52.81
C LYS D 19 -6.89 -1.12 52.03
N ILE D 20 -6.88 -1.64 50.80
CA ILE D 20 -5.73 -1.56 49.91
C ILE D 20 -6.26 -1.09 48.56
N ALA D 21 -5.71 0.01 48.03
CA ALA D 21 -6.16 0.54 46.75
C ALA D 21 -5.29 0.09 45.58
N LEU D 22 -5.89 -0.62 44.62
CA LEU D 22 -5.17 -1.10 43.44
C LEU D 22 -5.67 -0.42 42.20
N ASN D 23 -4.76 0.10 41.39
CA ASN D 23 -5.14 0.79 40.16
C ASN D 23 -4.60 0.09 38.93
N VAL D 24 -5.49 -0.58 38.19
CA VAL D 24 -5.11 -1.24 36.96
C VAL D 24 -5.07 -0.14 35.91
N GLN D 25 -3.88 0.39 35.63
CA GLN D 25 -3.75 1.50 34.68
C GLN D 25 -2.89 1.14 33.46
N THR D 26 -2.86 2.02 32.45
CA THR D 26 -1.99 1.81 31.29
C THR D 26 -0.59 2.43 31.59
N GLY D 27 0.41 2.03 30.82
CA GLY D 27 1.75 2.56 30.98
C GLY D 27 2.63 2.28 29.79
N SER D 28 3.96 2.22 30.04
CA SER D 28 4.92 1.93 28.98
C SER D 28 6.27 1.45 29.54
N MET D 29 7.02 0.66 28.75
CA MET D 29 8.33 0.11 29.17
C MET D 29 9.36 0.16 28.04
N LYS D 30 10.61 0.50 28.38
CA LYS D 30 11.68 0.61 27.40
C LYS D 30 12.41 -0.71 27.23
N TRP D 31 12.03 -1.51 26.22
CA TRP D 31 12.69 -2.79 25.98
C TRP D 31 13.40 -2.79 24.64
N LYS D 32 12.76 -2.21 23.63
CA LYS D 32 13.36 -2.12 22.30
C LYS D 32 14.16 -0.81 22.16
N ALA D 33 15.17 -0.83 21.30
CA ALA D 33 16.01 0.33 21.03
C ALA D 33 15.19 1.50 20.48
N GLY D 34 14.99 2.51 21.32
CA GLY D 34 14.25 3.72 20.93
C GLY D 34 12.74 3.61 21.03
N MET D 35 12.19 2.43 20.68
CA MET D 35 10.76 2.20 20.74
C MET D 35 10.32 1.89 22.16
N GLN D 36 9.27 2.57 22.60
CA GLN D 36 8.72 2.40 23.93
C GLN D 36 7.48 1.53 23.82
N THR D 37 7.47 0.36 24.49
CA THR D 37 6.36 -0.60 24.44
C THR D 37 5.16 -0.18 25.29
N PRO D 38 3.95 -0.13 24.70
CA PRO D 38 2.76 0.20 25.50
C PRO D 38 2.41 -0.99 26.39
N THR D 39 2.32 -0.78 27.70
CA THR D 39 2.07 -1.87 28.65
C THR D 39 0.86 -1.57 29.60
N TRP D 40 0.53 -2.53 30.49
CA TRP D 40 -0.53 -2.48 31.49
C TRP D 40 0.04 -2.90 32.84
N GLY D 41 -0.38 -2.22 33.90
CA GLY D 41 0.12 -2.55 35.24
C GLY D 41 -0.75 -2.08 36.37
N ILE D 42 -0.70 -2.79 37.50
CA ILE D 42 -1.43 -2.42 38.71
C ILE D 42 -0.48 -1.55 39.52
N ASN D 43 -0.87 -0.26 39.76
CA ASN D 43 -0.07 0.74 40.47
C ASN D 43 1.31 0.86 39.82
N GLY D 44 1.33 1.06 38.51
CA GLY D 44 2.58 1.16 37.77
C GLY D 44 2.41 0.92 36.29
N PRO D 45 3.52 0.97 35.54
CA PRO D 45 3.43 0.71 34.09
C PRO D 45 3.43 -0.79 33.73
N LEU D 46 3.84 -1.66 34.66
CA LEU D 46 3.94 -3.10 34.45
C LEU D 46 3.93 -3.81 35.79
N LEU D 47 3.35 -5.03 35.83
CA LEU D 47 3.22 -5.88 37.01
C LEU D 47 2.53 -5.09 38.15
N GLY D 48 2.86 -5.35 39.41
CA GLY D 48 2.21 -4.64 40.50
C GLY D 48 2.90 -4.64 41.84
N PRO D 49 2.21 -4.12 42.83
CA PRO D 49 2.78 -4.06 44.17
C PRO D 49 2.77 -5.42 44.88
N ALA D 50 3.51 -5.52 45.98
CA ALA D 50 3.53 -6.72 46.79
C ALA D 50 2.63 -6.43 47.99
N MET D 51 1.39 -6.90 47.96
CA MET D 51 0.47 -6.67 49.07
C MET D 51 0.87 -7.55 50.26
N ARG D 52 1.37 -6.95 51.34
CA ARG D 52 1.75 -7.72 52.52
C ARG D 52 0.57 -7.80 53.49
N LEU D 53 0.12 -9.02 53.75
CA LEU D 53 -1.02 -9.25 54.63
C LEU D 53 -0.64 -10.17 55.79
N GLN D 54 -1.24 -9.92 56.97
CA GLN D 54 -0.97 -10.73 58.15
C GLN D 54 -2.11 -11.71 58.37
N ARG D 55 -1.77 -12.97 58.71
CA ARG D 55 -2.78 -13.99 58.94
C ARG D 55 -3.77 -13.61 60.05
N GLY D 56 -5.05 -13.74 59.76
CA GLY D 56 -6.10 -13.41 60.71
C GLY D 56 -6.73 -12.05 60.47
N LYS D 57 -5.96 -11.12 59.90
CA LYS D 57 -6.45 -9.77 59.66
C LYS D 57 -7.34 -9.65 58.42
N ASP D 58 -8.42 -8.87 58.53
CA ASP D 58 -9.32 -8.62 57.41
C ASP D 58 -8.79 -7.49 56.54
N VAL D 59 -9.15 -7.49 55.24
CA VAL D 59 -8.74 -6.45 54.29
C VAL D 59 -9.74 -6.36 53.14
N ALA D 60 -10.01 -5.15 52.65
CA ALA D 60 -10.90 -4.97 51.52
C ALA D 60 -10.06 -4.35 50.39
N ILE D 61 -9.85 -5.11 49.31
CA ILE D 61 -9.05 -4.62 48.19
C ILE D 61 -9.92 -3.91 47.17
N ASN D 62 -9.59 -2.64 46.89
CA ASN D 62 -10.34 -1.80 45.98
C ASN D 62 -9.68 -1.68 44.62
N VAL D 63 -10.09 -2.53 43.68
CA VAL D 63 -9.54 -2.56 42.33
C VAL D 63 -10.27 -1.60 41.42
N THR D 64 -9.62 -0.49 41.09
CA THR D 64 -10.22 0.53 40.22
C THR D 64 -9.66 0.34 38.79
N ASN D 65 -10.55 0.38 37.78
CA ASN D 65 -10.13 0.14 36.41
C ASN D 65 -9.83 1.39 35.59
N ALA D 66 -8.54 1.70 35.42
CA ALA D 66 -8.12 2.81 34.57
C ALA D 66 -7.68 2.28 33.18
N LEU D 67 -8.28 1.16 32.73
CA LEU D 67 -7.99 0.52 31.44
C LEU D 67 -9.13 0.82 30.47
N PRO D 68 -8.84 0.79 29.14
CA PRO D 68 -9.91 1.03 28.16
C PRO D 68 -10.91 -0.13 28.00
N GLU D 69 -10.52 -1.35 28.39
CA GLU D 69 -11.40 -2.51 28.32
C GLU D 69 -11.57 -3.20 29.67
N ALA D 70 -12.64 -3.99 29.82
CA ALA D 70 -12.93 -4.66 31.08
C ALA D 70 -11.88 -5.68 31.46
N THR D 71 -11.71 -5.90 32.76
CA THR D 71 -10.75 -6.85 33.30
C THR D 71 -11.30 -7.43 34.62
N THR D 72 -10.64 -8.47 35.16
CA THR D 72 -11.00 -9.09 36.43
C THR D 72 -9.70 -9.26 37.28
N MET D 73 -9.79 -9.79 38.52
CA MET D 73 -8.59 -9.97 39.35
C MET D 73 -8.64 -11.22 40.26
N HIS D 74 -7.98 -12.29 39.85
CA HIS D 74 -7.91 -13.55 40.61
C HIS D 74 -6.82 -13.49 41.67
N TRP D 75 -7.12 -13.88 42.90
CA TRP D 75 -6.14 -13.90 43.97
C TRP D 75 -5.60 -15.30 44.06
N HIS D 76 -4.66 -15.63 43.17
CA HIS D 76 -4.05 -16.95 43.03
C HIS D 76 -3.42 -17.46 44.32
N GLY D 77 -3.91 -18.58 44.81
CA GLY D 77 -3.40 -19.23 46.02
C GLY D 77 -4.14 -18.88 47.30
N MET D 78 -5.11 -17.96 47.23
CA MET D 78 -5.86 -17.54 48.41
C MET D 78 -7.02 -18.46 48.78
N GLU D 79 -7.02 -18.94 50.04
CA GLU D 79 -8.10 -19.77 50.59
C GLU D 79 -9.17 -18.82 51.09
N ILE D 80 -9.99 -18.32 50.16
CA ILE D 80 -11.05 -17.34 50.39
C ILE D 80 -12.38 -17.82 49.77
N PRO D 81 -13.54 -17.24 50.16
CA PRO D 81 -14.80 -17.65 49.52
C PRO D 81 -14.86 -17.23 48.05
N GLY D 82 -15.66 -17.93 47.25
CA GLY D 82 -15.83 -17.63 45.84
C GLY D 82 -16.32 -16.23 45.58
N THR D 83 -17.09 -15.68 46.54
CA THR D 83 -17.64 -14.33 46.53
C THR D 83 -16.58 -13.23 46.74
N SER D 84 -15.29 -13.59 46.78
CA SER D 84 -14.20 -12.64 46.98
C SER D 84 -13.05 -12.83 45.99
N ASP D 85 -13.08 -13.89 45.15
CA ASP D 85 -11.99 -14.19 44.24
C ASP D 85 -11.99 -13.41 42.95
N GLY D 86 -13.18 -13.11 42.43
CA GLY D 86 -13.29 -12.35 41.19
C GLY D 86 -12.66 -12.98 39.95
N GLY D 87 -13.49 -13.58 39.13
CA GLY D 87 -13.09 -14.18 37.87
C GLY D 87 -14.03 -13.68 36.78
N PRO D 88 -14.47 -14.57 35.87
CA PRO D 88 -15.39 -14.13 34.81
C PRO D 88 -16.79 -13.75 35.30
N GLN D 89 -17.15 -14.10 36.54
CA GLN D 89 -18.45 -13.72 37.09
C GLN D 89 -18.39 -12.41 37.91
N ALA D 90 -17.22 -11.74 37.93
CA ALA D 90 -17.01 -10.50 38.67
C ALA D 90 -16.17 -9.57 37.82
N VAL D 91 -16.76 -9.16 36.69
CA VAL D 91 -16.10 -8.29 35.72
C VAL D 91 -16.06 -6.85 36.15
N ILE D 92 -14.85 -6.27 36.15
CA ILE D 92 -14.62 -4.87 36.50
C ILE D 92 -14.64 -4.07 35.20
N GLU D 93 -15.77 -3.40 34.90
CA GLU D 93 -15.91 -2.61 33.67
C GLU D 93 -15.00 -1.38 33.68
N PRO D 94 -14.59 -0.88 32.49
CA PRO D 94 -13.72 0.31 32.47
C PRO D 94 -14.25 1.50 33.25
N GLY D 95 -13.38 2.11 34.03
CA GLY D 95 -13.72 3.25 34.87
C GLY D 95 -14.41 2.93 36.18
N LYS D 96 -14.79 1.65 36.38
CA LYS D 96 -15.48 1.26 37.60
C LYS D 96 -14.53 0.63 38.64
N MET D 97 -15.00 0.49 39.89
CA MET D 97 -14.19 -0.07 40.96
C MET D 97 -14.91 -1.29 41.57
N TRP D 98 -14.15 -2.36 41.81
CA TRP D 98 -14.68 -3.58 42.39
C TRP D 98 -13.96 -3.83 43.73
N THR D 99 -14.73 -4.23 44.76
CA THR D 99 -14.16 -4.48 46.08
C THR D 99 -14.13 -5.96 46.39
N ALA D 100 -13.04 -6.43 46.98
CA ALA D 100 -12.88 -7.83 47.37
C ALA D 100 -12.53 -7.92 48.85
N GLU D 101 -13.46 -8.43 49.67
CA GLU D 101 -13.21 -8.57 51.11
C GLU D 101 -12.59 -9.91 51.44
N ILE D 102 -11.37 -9.89 51.96
CA ILE D 102 -10.62 -11.09 52.28
C ILE D 102 -10.23 -11.14 53.76
N LYS D 103 -10.50 -12.27 54.43
CA LYS D 103 -10.04 -12.46 55.79
C LYS D 103 -8.97 -13.53 55.68
N VAL D 104 -7.70 -13.15 55.78
CA VAL D 104 -6.57 -14.07 55.63
C VAL D 104 -6.64 -15.25 56.59
N ASP D 105 -6.70 -16.48 56.05
CA ASP D 105 -6.78 -17.67 56.89
C ASP D 105 -5.99 -18.81 56.26
N GLN D 106 -4.67 -18.66 56.19
CA GLN D 106 -3.77 -19.65 55.62
C GLN D 106 -2.32 -19.40 56.02
N PRO D 107 -1.45 -20.43 55.99
CA PRO D 107 -0.04 -20.22 56.37
C PRO D 107 0.71 -19.12 55.62
N ALA D 108 1.92 -18.75 56.11
CA ALA D 108 2.74 -17.72 55.48
C ALA D 108 3.19 -18.23 54.14
N THR D 109 2.97 -17.43 53.08
CA THR D 109 3.23 -17.87 51.71
C THR D 109 3.52 -16.71 50.75
N THR D 110 4.09 -17.03 49.58
CA THR D 110 4.22 -16.06 48.51
C THR D 110 3.11 -16.40 47.53
N ALA D 111 1.95 -15.78 47.68
CA ALA D 111 0.82 -15.95 46.77
C ALA D 111 0.92 -14.83 45.68
N TRP D 112 0.04 -14.81 44.66
CA TRP D 112 0.09 -13.75 43.64
C TRP D 112 -1.29 -13.42 43.07
N PHE D 113 -1.39 -12.36 42.28
CA PHE D 113 -2.66 -11.97 41.67
C PHE D 113 -2.49 -11.59 40.23
N HIS D 114 -3.52 -11.82 39.43
CA HIS D 114 -3.49 -11.56 38.00
C HIS D 114 -4.93 -11.60 37.44
N PRO D 115 -5.18 -11.03 36.25
CA PRO D 115 -6.54 -11.09 35.68
C PRO D 115 -6.97 -12.51 35.31
N HIS D 116 -8.27 -12.76 35.32
CA HIS D 116 -8.84 -14.05 34.96
C HIS D 116 -10.02 -13.80 34.02
N THR D 117 -9.83 -12.93 33.03
CA THR D 117 -10.87 -12.53 32.08
C THR D 117 -11.17 -13.65 31.08
N HIS D 118 -12.47 -13.94 30.88
CA HIS D 118 -12.95 -14.98 29.96
C HIS D 118 -12.38 -14.81 28.56
N GLY D 119 -11.61 -15.81 28.13
CA GLY D 119 -10.99 -15.84 26.81
C GLY D 119 -9.94 -14.78 26.55
N LEU D 120 -9.59 -13.99 27.58
CA LEU D 120 -8.60 -12.93 27.46
C LEU D 120 -7.52 -12.96 28.53
N THR D 121 -7.53 -13.94 29.44
CA THR D 121 -6.55 -14.08 30.52
C THR D 121 -5.11 -14.03 30.01
N GLY D 122 -4.84 -14.76 28.94
CA GLY D 122 -3.52 -14.79 28.33
C GLY D 122 -3.12 -13.42 27.82
N ARG D 123 -4.02 -12.77 27.09
CA ARG D 123 -3.79 -11.44 26.56
C ARG D 123 -3.51 -10.41 27.65
N GLN D 124 -4.36 -10.37 28.68
CA GLN D 124 -4.25 -9.43 29.77
C GLN D 124 -3.04 -9.68 30.67
N VAL D 125 -2.63 -10.95 30.82
CA VAL D 125 -1.45 -11.24 31.65
C VAL D 125 -0.21 -10.82 30.86
N ALA D 126 -0.17 -11.12 29.53
CA ALA D 126 0.92 -10.74 28.60
C ALA D 126 1.10 -9.22 28.54
N MET D 127 0.01 -8.47 28.73
CA MET D 127 0.10 -7.02 28.76
C MET D 127 0.88 -6.47 29.96
N GLY D 128 1.20 -7.33 30.92
CA GLY D 128 1.97 -6.93 32.08
C GLY D 128 1.23 -7.08 33.39
N LEU D 129 -0.12 -7.18 33.35
CA LEU D 129 -0.90 -7.29 34.58
C LEU D 129 -0.46 -8.46 35.47
N GLY D 130 -0.17 -8.13 36.72
CA GLY D 130 0.30 -9.08 37.72
C GLY D 130 0.55 -8.42 39.06
N GLY D 131 1.12 -9.17 39.98
CA GLY D 131 1.43 -8.67 41.31
C GLY D 131 1.57 -9.76 42.34
N LEU D 132 2.14 -9.42 43.51
CA LEU D 132 2.36 -10.41 44.55
C LEU D 132 1.53 -10.21 45.81
N ILE D 133 1.38 -11.28 46.59
CA ILE D 133 0.66 -11.30 47.85
C ILE D 133 1.55 -11.99 48.87
N ILE D 134 2.17 -11.21 49.76
CA ILE D 134 3.04 -11.77 50.78
C ILE D 134 2.28 -11.98 52.08
N ILE D 135 2.02 -13.24 52.43
CA ILE D 135 1.32 -13.54 53.67
C ILE D 135 2.31 -13.87 54.76
N ASP D 136 2.13 -13.28 55.94
CA ASP D 136 2.98 -13.51 57.10
C ASP D 136 2.15 -14.13 58.21
N ASP D 137 2.70 -15.11 58.92
CA ASP D 137 2.03 -15.70 60.07
C ASP D 137 2.98 -15.72 61.30
N GLU D 138 2.48 -16.13 62.47
CA GLU D 138 3.29 -16.16 63.68
C GLU D 138 4.43 -17.19 63.65
N GLU D 139 4.11 -18.43 63.23
CA GLU D 139 5.05 -19.56 63.16
C GLU D 139 6.30 -19.26 62.31
N SER D 140 6.11 -18.60 61.16
CA SER D 140 7.18 -18.28 60.22
C SER D 140 8.08 -17.15 60.70
N THR D 141 7.49 -16.13 61.35
CA THR D 141 8.21 -14.96 61.85
C THR D 141 9.37 -15.34 62.81
N LYS D 142 9.15 -16.38 63.62
CA LYS D 142 10.13 -16.90 64.57
C LYS D 142 11.39 -17.49 63.90
N LEU D 143 11.31 -17.81 62.61
CA LEU D 143 12.43 -18.43 61.89
C LEU D 143 13.52 -17.44 61.49
N PRO D 144 14.78 -17.88 61.48
CA PRO D 144 15.89 -16.98 61.11
C PRO D 144 16.07 -16.80 59.59
N LEU D 145 14.97 -16.63 58.85
CA LEU D 145 15.04 -16.46 57.40
C LEU D 145 15.20 -14.99 57.03
N PRO D 146 15.84 -14.69 55.89
CA PRO D 146 15.98 -13.29 55.45
C PRO D 146 14.63 -12.57 55.37
N LYS D 147 14.48 -11.45 56.09
CA LYS D 147 13.22 -10.72 56.14
C LYS D 147 13.26 -9.33 55.54
N GLU D 148 14.46 -8.77 55.34
CA GLU D 148 14.60 -7.42 54.79
C GLU D 148 14.22 -7.41 53.33
N TRP D 149 12.98 -6.98 53.06
CA TRP D 149 12.39 -6.90 51.74
C TRP D 149 13.25 -6.10 50.78
N GLY D 150 13.45 -6.62 49.58
CA GLY D 150 14.26 -5.96 48.57
C GLY D 150 15.75 -5.95 48.83
N VAL D 151 16.18 -6.55 49.94
CA VAL D 151 17.60 -6.61 50.29
C VAL D 151 18.05 -8.07 50.35
N ASP D 152 17.43 -8.89 51.22
CA ASP D 152 17.75 -10.31 51.33
C ASP D 152 16.52 -11.21 51.12
N ASP D 153 15.29 -10.64 51.17
CA ASP D 153 14.02 -11.32 50.92
C ASP D 153 13.52 -10.66 49.64
N VAL D 154 13.92 -11.22 48.50
CA VAL D 154 13.67 -10.62 47.19
C VAL D 154 12.71 -11.41 46.28
N PRO D 155 11.68 -10.72 45.74
CA PRO D 155 10.77 -11.40 44.79
C PRO D 155 11.35 -11.46 43.37
N VAL D 156 11.20 -12.62 42.70
CA VAL D 156 11.71 -12.78 41.35
C VAL D 156 10.59 -13.27 40.42
N ILE D 157 9.90 -12.33 39.73
CA ILE D 157 8.82 -12.67 38.81
C ILE D 157 9.39 -12.89 37.42
N LEU D 158 9.49 -14.14 37.01
CA LEU D 158 10.05 -14.50 35.73
C LEU D 158 8.99 -14.64 34.66
N GLN D 159 9.00 -13.75 33.67
CA GLN D 159 8.03 -13.80 32.58
C GLN D 159 8.75 -13.67 31.25
N ASP D 160 8.24 -14.34 30.21
CA ASP D 160 8.82 -14.22 28.87
C ASP D 160 7.82 -13.44 28.00
N LYS D 161 8.33 -12.59 27.11
CA LYS D 161 7.47 -11.82 26.22
C LYS D 161 8.04 -11.79 24.81
N ARG D 162 7.19 -11.42 23.84
CA ARG D 162 7.62 -11.29 22.47
C ARG D 162 7.16 -9.95 21.98
N LEU D 163 8.05 -9.20 21.32
CA LEU D 163 7.68 -7.90 20.78
C LEU D 163 7.70 -7.94 19.25
N ASP D 164 6.95 -7.03 18.61
CA ASP D 164 6.89 -6.96 17.14
C ASP D 164 7.85 -5.84 16.63
N ALA D 165 7.92 -5.64 15.31
CA ALA D 165 8.78 -4.63 14.72
C ALA D 165 8.56 -3.23 15.31
N LYS D 166 7.30 -2.88 15.59
CA LYS D 166 6.94 -1.57 16.15
C LYS D 166 7.16 -1.44 17.68
N GLY D 167 7.66 -2.48 18.33
CA GLY D 167 7.89 -2.44 19.77
C GLY D 167 6.75 -2.89 20.65
N HIS D 168 5.55 -3.09 20.07
CA HIS D 168 4.36 -3.54 20.79
C HIS D 168 4.49 -5.01 21.23
N ILE D 169 3.70 -5.41 22.24
CA ILE D 169 3.68 -6.78 22.71
C ILE D 169 2.97 -7.60 21.65
N ASP D 170 3.71 -8.50 21.00
CA ASP D 170 3.15 -9.31 19.94
C ASP D 170 2.37 -10.50 20.51
N TYR D 171 1.18 -10.22 21.07
CA TYR D 171 0.34 -11.29 21.61
C TYR D 171 -0.60 -11.83 20.55
N GLN D 172 -0.65 -13.16 20.42
CA GLN D 172 -1.54 -13.79 19.46
C GLN D 172 -2.26 -14.97 20.10
N LEU D 173 -3.58 -15.09 19.89
CA LEU D 173 -4.31 -16.28 20.33
C LEU D 173 -4.72 -16.93 19.03
N ASP D 174 -3.76 -17.57 18.40
CA ASP D 174 -3.92 -18.18 17.10
C ASP D 174 -3.84 -19.72 17.14
N ILE D 175 -3.82 -20.37 15.97
CA ILE D 175 -3.69 -21.82 15.88
C ILE D 175 -2.45 -22.36 16.61
N ILE D 176 -1.33 -21.62 16.60
CA ILE D 176 -0.12 -22.07 17.29
C ILE D 176 -0.26 -21.91 18.80
N THR D 177 -0.55 -20.70 19.27
CA THR D 177 -0.62 -20.47 20.71
C THR D 177 -1.78 -21.22 21.37
N ALA D 178 -2.84 -21.56 20.65
CA ALA D 178 -3.92 -22.36 21.27
C ALA D 178 -3.43 -23.76 21.61
N ALA D 179 -2.44 -24.29 20.87
CA ALA D 179 -1.92 -25.61 21.11
C ALA D 179 -0.69 -25.64 22.05
N VAL D 180 0.33 -24.82 21.77
CA VAL D 180 1.56 -24.83 22.57
C VAL D 180 1.69 -23.67 23.56
N GLY D 181 0.87 -22.65 23.41
CA GLY D 181 0.91 -21.49 24.28
C GLY D 181 1.68 -20.34 23.68
N TRP D 182 1.60 -19.17 24.32
CA TRP D 182 2.28 -17.98 23.88
C TRP D 182 3.67 -17.92 24.47
N PHE D 183 4.69 -18.16 23.64
CA PHE D 183 6.07 -18.09 24.08
C PHE D 183 6.76 -16.91 23.40
N GLY D 184 7.80 -16.39 24.02
CA GLY D 184 8.53 -15.25 23.48
C GLY D 184 10.02 -15.47 23.36
N ASP D 185 10.70 -14.43 22.91
CA ASP D 185 12.16 -14.46 22.76
C ASP D 185 12.87 -13.45 23.69
N MET D 186 12.16 -12.86 24.65
CA MET D 186 12.71 -11.89 25.57
C MET D 186 12.42 -12.37 26.99
N MET D 187 13.45 -12.43 27.85
CA MET D 187 13.26 -12.91 29.21
C MET D 187 13.29 -11.82 30.27
N LEU D 188 12.12 -11.48 30.78
CA LEU D 188 11.99 -10.45 31.81
C LEU D 188 12.03 -11.03 33.21
N THR D 189 12.74 -10.34 34.10
CA THR D 189 12.89 -10.68 35.52
C THR D 189 12.41 -9.43 36.22
N ASN D 190 11.17 -9.45 36.70
CA ASN D 190 10.55 -8.25 37.27
C ASN D 190 10.41 -7.13 36.22
N GLY D 191 10.19 -7.53 34.97
CA GLY D 191 10.03 -6.63 33.84
C GLY D 191 11.33 -6.07 33.29
N THR D 192 12.46 -6.66 33.65
CA THR D 192 13.76 -6.17 33.23
C THR D 192 14.58 -7.28 32.60
N VAL D 193 15.26 -7.00 31.48
CA VAL D 193 16.10 -8.02 30.84
C VAL D 193 17.45 -8.15 31.57
N TYR D 194 17.73 -9.34 32.12
CA TYR D 194 18.98 -9.67 32.84
C TYR D 194 19.34 -8.65 33.95
N PRO D 195 18.50 -8.48 34.99
CA PRO D 195 18.85 -7.53 36.04
C PRO D 195 19.97 -8.02 36.96
N GLN D 196 20.37 -7.16 37.91
CA GLN D 196 21.41 -7.47 38.87
C GLN D 196 20.97 -7.03 40.27
N HIS D 197 21.12 -7.94 41.25
CA HIS D 197 20.74 -7.62 42.61
C HIS D 197 21.93 -7.66 43.57
N LEU D 198 22.06 -6.63 44.41
CA LEU D 198 23.13 -6.53 45.38
C LEU D 198 22.64 -7.05 46.72
N ALA D 199 23.13 -8.21 47.14
CA ALA D 199 22.67 -8.82 48.38
C ALA D 199 23.76 -8.98 49.45
N PRO D 200 23.39 -8.88 50.74
CA PRO D 200 24.39 -9.09 51.80
C PRO D 200 24.89 -10.54 51.87
N ARG D 201 26.10 -10.72 52.42
CA ARG D 201 26.68 -12.07 52.56
C ARG D 201 25.97 -12.84 53.66
N GLY D 202 25.66 -14.07 53.36
CA GLY D 202 24.97 -14.96 54.28
C GLY D 202 23.99 -15.83 53.54
N TRP D 203 22.71 -15.55 53.73
CA TRP D 203 21.66 -16.28 53.02
C TRP D 203 20.78 -15.32 52.26
N LEU D 204 20.46 -15.68 51.01
CA LEU D 204 19.59 -14.86 50.16
C LEU D 204 18.29 -15.62 49.88
N ARG D 205 17.15 -15.02 50.24
CA ARG D 205 15.83 -15.59 50.04
C ARG D 205 15.21 -15.05 48.76
N LEU D 206 14.91 -15.94 47.82
CA LEU D 206 14.32 -15.56 46.55
C LEU D 206 12.92 -16.12 46.40
N ARG D 207 11.91 -15.25 46.39
CA ARG D 207 10.52 -15.67 46.21
C ARG D 207 10.25 -15.74 44.71
N PHE D 208 10.53 -16.89 44.11
CA PHE D 208 10.30 -17.11 42.69
C PHE D 208 8.84 -17.24 42.35
N LEU D 209 8.46 -16.85 41.11
CA LEU D 209 7.12 -16.93 40.54
C LEU D 209 7.29 -17.03 39.03
N ASN D 210 6.71 -18.07 38.43
CA ASN D 210 6.77 -18.23 36.99
C ASN D 210 5.55 -17.52 36.45
N GLY D 211 5.72 -16.29 36.03
CA GLY D 211 4.63 -15.50 35.47
C GLY D 211 4.48 -15.63 33.96
N CYS D 212 5.03 -16.69 33.38
CA CYS D 212 4.91 -16.93 31.94
C CYS D 212 3.50 -17.42 31.61
N ASN D 213 3.04 -17.13 30.41
CA ASN D 213 1.73 -17.60 29.96
C ASN D 213 1.79 -19.10 29.72
N ALA D 214 2.87 -19.58 29.08
CA ALA D 214 2.99 -20.98 28.74
C ALA D 214 4.37 -21.59 28.96
N ARG D 215 5.38 -20.79 29.30
CA ARG D 215 6.74 -21.28 29.47
C ARG D 215 7.04 -21.86 30.85
N SER D 216 7.52 -23.12 30.89
CA SER D 216 7.97 -23.72 32.14
C SER D 216 9.46 -23.45 32.25
N LEU D 217 9.92 -23.18 33.47
CA LEU D 217 11.32 -22.86 33.69
C LEU D 217 12.03 -23.93 34.51
N ASN D 218 13.36 -23.95 34.47
CA ASN D 218 14.16 -24.88 35.26
C ASN D 218 15.32 -24.11 35.84
N LEU D 219 15.09 -23.50 37.00
CA LEU D 219 16.05 -22.65 37.67
C LEU D 219 17.23 -23.40 38.28
N ALA D 220 18.41 -22.79 38.23
CA ALA D 220 19.68 -23.35 38.71
C ALA D 220 20.73 -22.19 38.88
N THR D 221 21.96 -22.47 39.39
CA THR D 221 22.98 -21.44 39.50
C THR D 221 24.08 -21.65 38.47
N SER D 222 24.77 -20.56 38.08
CA SER D 222 25.82 -20.58 37.07
C SER D 222 27.02 -21.43 37.48
N ASP D 223 27.40 -21.38 38.76
CA ASP D 223 28.55 -22.14 39.30
C ASP D 223 28.22 -23.53 39.86
N GLY D 224 26.94 -23.89 39.88
CA GLY D 224 26.52 -25.19 40.39
C GLY D 224 26.16 -25.23 41.85
N ARG D 225 26.20 -24.07 42.54
CA ARG D 225 25.86 -24.02 43.96
C ARG D 225 24.39 -24.39 44.16
N PRO D 226 24.10 -25.21 45.17
CA PRO D 226 22.71 -25.67 45.37
C PRO D 226 21.73 -24.57 45.76
N LEU D 227 20.46 -24.86 45.48
CA LEU D 227 19.32 -24.03 45.82
C LEU D 227 18.55 -24.78 46.89
N TYR D 228 18.29 -24.12 48.02
CA TYR D 228 17.61 -24.76 49.14
C TYR D 228 16.15 -24.35 49.16
N VAL D 229 15.28 -25.24 48.69
CA VAL D 229 13.85 -24.95 48.63
C VAL D 229 13.22 -24.94 50.01
N VAL D 230 12.78 -23.77 50.46
CA VAL D 230 12.17 -23.65 51.77
C VAL D 230 10.65 -23.42 51.74
N GLY D 231 10.09 -23.09 50.58
CA GLY D 231 8.67 -22.85 50.46
C GLY D 231 8.10 -23.23 49.11
N SER D 232 6.81 -23.60 49.11
CA SER D 232 6.06 -23.98 47.90
C SER D 232 4.80 -23.08 47.75
N ASP D 233 3.98 -23.31 46.71
CA ASP D 233 2.79 -22.55 46.35
C ASP D 233 1.92 -22.04 47.51
N GLY D 234 1.86 -22.79 48.61
CA GLY D 234 1.03 -22.39 49.73
C GLY D 234 1.59 -22.53 51.14
N GLY D 235 2.85 -22.18 51.32
CA GLY D 235 3.47 -22.21 52.64
C GLY D 235 4.85 -22.82 52.63
N LEU D 236 5.55 -22.69 53.77
CA LEU D 236 6.89 -23.27 53.88
C LEU D 236 6.81 -24.79 53.99
N LEU D 237 7.89 -25.47 53.61
CA LEU D 237 7.99 -26.92 53.74
C LEU D 237 8.29 -27.30 55.22
N GLY D 238 8.25 -28.59 55.53
CA GLY D 238 8.59 -29.05 56.87
C GLY D 238 10.07 -28.85 57.18
N GLU D 239 10.91 -29.01 56.15
CA GLU D 239 12.36 -28.86 56.20
C GLU D 239 12.87 -28.53 54.78
N PRO D 240 14.01 -27.83 54.66
CA PRO D 240 14.52 -27.45 53.33
C PRO D 240 14.93 -28.61 52.45
N VAL D 241 14.91 -28.39 51.13
CA VAL D 241 15.28 -29.42 50.16
C VAL D 241 16.45 -28.95 49.30
N LYS D 242 17.58 -29.68 49.35
CA LYS D 242 18.75 -29.32 48.58
C LYS D 242 18.60 -29.77 47.13
N LEU D 243 18.66 -28.83 46.19
CA LEU D 243 18.50 -29.12 44.76
C LEU D 243 19.55 -28.43 43.93
N THR D 244 19.94 -29.05 42.82
CA THR D 244 20.84 -28.40 41.87
C THR D 244 19.97 -27.71 40.79
N GLU D 245 18.87 -28.37 40.37
CA GLU D 245 17.89 -27.87 39.39
C GLU D 245 16.52 -27.75 40.05
N LEU D 246 15.78 -26.68 39.75
CA LEU D 246 14.44 -26.46 40.27
C LEU D 246 13.47 -26.13 39.16
N PRO D 247 12.71 -27.13 38.69
CA PRO D 247 11.68 -26.85 37.68
C PRO D 247 10.50 -26.13 38.31
N ILE D 248 10.03 -25.04 37.68
CA ILE D 248 8.91 -24.24 38.17
C ILE D 248 7.86 -24.04 37.06
N LEU D 249 6.59 -24.41 37.32
CA LEU D 249 5.49 -24.32 36.35
C LEU D 249 4.77 -22.97 36.38
N MET D 250 4.01 -22.66 35.31
CA MET D 250 3.27 -21.40 35.19
C MET D 250 2.33 -21.17 36.37
N GLY D 251 2.48 -20.04 37.03
CA GLY D 251 1.63 -19.70 38.17
C GLY D 251 2.11 -20.22 39.51
N GLU D 252 3.09 -21.14 39.49
CA GLU D 252 3.67 -21.71 40.69
C GLU D 252 4.75 -20.80 41.26
N ARG D 253 5.11 -21.01 42.54
CA ARG D 253 6.22 -20.30 43.14
C ARG D 253 6.98 -21.16 44.15
N PHE D 254 8.26 -20.86 44.32
CA PHE D 254 9.12 -21.58 45.25
C PHE D 254 10.02 -20.59 45.94
N GLU D 255 9.95 -20.50 47.27
CA GLU D 255 10.84 -19.64 48.06
C GLU D 255 12.14 -20.42 48.27
N VAL D 256 13.29 -19.91 47.78
CA VAL D 256 14.56 -20.65 47.92
C VAL D 256 15.63 -19.85 48.68
N LEU D 257 16.59 -20.54 49.28
CA LEU D 257 17.69 -19.90 49.97
C LEU D 257 18.99 -20.21 49.24
N VAL D 258 19.81 -19.19 49.03
CA VAL D 258 21.10 -19.37 48.36
C VAL D 258 22.24 -18.84 49.26
N ASP D 259 23.36 -19.57 49.31
CA ASP D 259 24.51 -19.24 50.16
C ASP D 259 25.43 -18.17 49.57
N THR D 260 25.25 -16.91 49.98
CA THR D 260 26.10 -15.83 49.52
C THR D 260 27.32 -15.54 50.42
N ARG D 261 27.57 -16.41 51.42
CA ARG D 261 28.66 -16.27 52.38
C ARG D 261 30.03 -16.08 51.75
N ASP D 262 30.33 -16.82 50.67
CA ASP D 262 31.62 -16.72 49.99
C ASP D 262 31.85 -15.39 49.22
N GLY D 263 30.81 -14.56 49.12
CA GLY D 263 30.89 -13.26 48.46
C GLY D 263 31.12 -13.28 46.95
N LYS D 264 31.20 -14.47 46.35
CA LYS D 264 31.40 -14.61 44.91
C LYS D 264 30.11 -14.31 44.15
N ALA D 265 30.20 -13.54 43.06
CA ALA D 265 29.04 -13.24 42.24
C ALA D 265 28.67 -14.46 41.39
N PHE D 266 27.37 -14.65 41.16
CA PHE D 266 26.86 -15.80 40.40
C PHE D 266 25.52 -15.46 39.73
N ASP D 267 25.09 -16.30 38.78
CA ASP D 267 23.83 -16.07 38.08
C ASP D 267 22.77 -17.10 38.42
N ILE D 268 21.52 -16.66 38.40
CA ILE D 268 20.38 -17.57 38.52
C ILE D 268 20.05 -17.81 37.06
N ILE D 269 20.21 -19.05 36.62
CA ILE D 269 19.99 -19.40 35.22
C ILE D 269 18.76 -20.29 35.03
N THR D 270 18.23 -20.34 33.81
CA THR D 270 17.14 -21.22 33.48
C THR D 270 17.66 -22.17 32.42
N LEU D 271 17.54 -23.45 32.69
CA LEU D 271 18.02 -24.48 31.79
C LEU D 271 16.95 -24.82 30.76
N PRO D 272 17.37 -25.19 29.55
CA PRO D 272 16.38 -25.55 28.52
C PRO D 272 15.51 -26.73 28.95
N VAL D 273 14.19 -26.55 28.87
CA VAL D 273 13.21 -27.57 29.26
C VAL D 273 12.71 -28.36 28.06
N LYS D 274 12.19 -29.58 28.28
CA LYS D 274 11.62 -30.36 27.19
C LYS D 274 10.13 -30.09 27.08
N GLN D 275 9.81 -28.92 26.55
CA GLN D 275 8.44 -28.47 26.36
C GLN D 275 8.33 -27.87 24.97
N MET D 276 7.27 -28.23 24.23
CA MET D 276 7.04 -27.76 22.88
C MET D 276 6.99 -26.25 22.78
N GLY D 277 7.78 -25.72 21.86
CA GLY D 277 7.90 -24.30 21.58
C GLY D 277 8.86 -23.54 22.48
N MET D 278 9.32 -24.18 23.56
CA MET D 278 10.17 -23.51 24.54
C MET D 278 11.68 -23.68 24.32
N THR D 279 12.07 -24.44 23.30
CA THR D 279 13.49 -24.70 23.03
C THR D 279 14.14 -23.79 22.00
N LEU D 280 13.54 -22.65 21.72
CA LEU D 280 14.09 -21.70 20.76
C LEU D 280 14.90 -20.62 21.47
N PRO D 281 15.90 -20.00 20.79
CA PRO D 281 16.69 -18.95 21.45
C PRO D 281 15.84 -17.80 21.98
N PRO D 282 16.23 -17.20 23.12
CA PRO D 282 17.46 -17.45 23.89
C PRO D 282 17.46 -18.68 24.79
N PHE D 283 16.36 -19.42 24.82
CA PHE D 283 16.18 -20.53 25.74
C PHE D 283 16.76 -21.85 25.27
N ASP D 284 17.39 -21.90 24.08
CA ASP D 284 18.01 -23.12 23.55
C ASP D 284 19.22 -23.61 24.36
N ARG D 285 19.84 -22.72 25.12
CA ARG D 285 20.93 -23.02 26.04
C ARG D 285 20.66 -22.38 27.43
N ALA D 286 21.52 -22.62 28.43
CA ALA D 286 21.30 -22.04 29.77
C ALA D 286 21.27 -20.52 29.70
N LEU D 287 20.24 -19.91 30.28
CA LEU D 287 20.06 -18.48 30.19
C LEU D 287 20.06 -17.79 31.54
N PRO D 288 21.04 -16.90 31.78
CA PRO D 288 21.04 -16.17 33.06
C PRO D 288 19.92 -15.14 33.12
N VAL D 289 19.08 -15.26 34.14
CA VAL D 289 17.94 -14.37 34.32
C VAL D 289 18.14 -13.35 35.44
N LEU D 290 19.11 -13.54 36.33
CA LEU D 290 19.36 -12.61 37.44
C LEU D 290 20.79 -12.73 37.95
N HIS D 291 21.59 -11.65 37.83
CA HIS D 291 22.95 -11.66 38.33
C HIS D 291 22.95 -11.25 39.81
N ILE D 292 23.48 -12.12 40.67
CA ILE D 292 23.58 -11.85 42.10
C ILE D 292 24.98 -11.39 42.43
N GLN D 293 25.11 -10.16 42.93
CA GLN D 293 26.41 -9.62 43.32
C GLN D 293 26.43 -9.33 44.83
N PRO D 294 27.14 -10.18 45.59
CA PRO D 294 27.18 -9.99 47.04
C PRO D 294 27.95 -8.74 47.47
N THR D 295 27.29 -7.97 48.34
CA THR D 295 27.79 -6.73 48.93
C THR D 295 28.75 -7.03 50.10
N LEU D 296 29.43 -5.99 50.60
CA LEU D 296 30.33 -6.12 51.73
C LEU D 296 29.57 -6.40 53.03
N LYS D 297 28.33 -5.88 53.16
CA LYS D 297 27.48 -6.08 54.33
C LYS D 297 27.08 -7.56 54.51
N SER D 298 26.54 -7.92 55.66
CA SER D 298 26.14 -9.29 55.95
C SER D 298 24.82 -9.37 56.73
N ASN D 299 24.26 -10.57 56.89
CA ASN D 299 23.03 -10.75 57.65
C ASN D 299 23.12 -11.91 58.65
N GLU D 300 22.30 -11.89 59.71
CA GLU D 300 22.29 -12.99 60.68
C GLU D 300 21.34 -14.13 60.30
N ALA D 301 20.96 -14.22 59.02
CA ALA D 301 20.06 -15.24 58.51
C ALA D 301 20.73 -16.61 58.45
N LYS D 302 19.93 -17.65 58.68
CA LYS D 302 20.43 -19.03 58.64
C LYS D 302 19.38 -19.99 58.05
N LEU D 303 19.84 -21.11 57.47
CA LEU D 303 18.99 -22.16 56.90
C LEU D 303 18.61 -23.14 58.02
N PRO D 304 17.39 -23.04 58.58
CA PRO D 304 17.02 -23.92 59.71
C PRO D 304 16.92 -25.38 59.33
N ASP D 305 17.27 -26.30 60.25
CA ASP D 305 17.14 -27.73 59.98
C ASP D 305 15.67 -28.14 59.80
N ALA D 306 14.77 -27.45 60.50
CA ALA D 306 13.34 -27.67 60.38
C ALA D 306 12.68 -26.29 60.22
N LEU D 307 11.76 -26.16 59.26
CA LEU D 307 11.10 -24.88 59.01
C LEU D 307 9.78 -24.77 59.82
N VAL D 308 8.67 -25.34 59.33
CA VAL D 308 7.40 -25.29 60.04
C VAL D 308 6.81 -26.69 60.19
N ASN D 309 5.76 -26.82 61.02
CA ASN D 309 5.10 -28.10 61.19
C ASN D 309 4.35 -28.43 59.90
N MET D 310 4.81 -29.48 59.21
CA MET D 310 4.12 -29.93 58.01
C MET D 310 3.28 -31.12 58.39
N PRO D 311 1.94 -30.95 58.44
CA PRO D 311 1.08 -32.08 58.81
C PRO D 311 1.21 -33.24 57.83
N ALA D 312 0.90 -34.44 58.29
CA ALA D 312 0.93 -35.61 57.42
C ALA D 312 -0.32 -35.58 56.52
N VAL D 313 -0.23 -36.25 55.37
CA VAL D 313 -1.36 -36.31 54.46
C VAL D 313 -2.39 -37.24 55.08
N PRO D 314 -3.57 -36.70 55.45
CA PRO D 314 -4.58 -37.57 56.08
C PRO D 314 -5.02 -38.70 55.17
N ALA D 315 -5.24 -39.89 55.73
CA ALA D 315 -5.69 -41.02 54.96
C ALA D 315 -7.18 -40.85 54.78
N ALA D 316 -7.57 -40.18 53.69
CA ALA D 316 -8.97 -39.93 53.41
C ALA D 316 -9.52 -41.26 52.89
N ASP D 317 -10.24 -41.99 53.75
CA ASP D 317 -10.68 -43.33 53.44
C ASP D 317 -11.82 -43.43 52.43
N ASN D 318 -13.02 -42.90 52.73
CA ASN D 318 -14.13 -43.03 51.80
C ASN D 318 -14.61 -41.71 51.28
N VAL D 319 -13.65 -40.86 50.93
CA VAL D 319 -13.95 -39.54 50.41
C VAL D 319 -14.45 -39.59 48.99
N LYS D 320 -15.19 -38.55 48.58
CA LYS D 320 -15.67 -38.41 47.22
C LYS D 320 -14.46 -38.18 46.31
N THR D 321 -14.49 -38.77 45.12
CA THR D 321 -13.45 -38.57 44.12
C THR D 321 -14.02 -37.72 42.97
N ARG D 322 -13.17 -37.23 42.08
CA ARG D 322 -13.60 -36.45 40.91
C ARG D 322 -12.62 -36.76 39.79
N TRP D 323 -13.11 -37.15 38.61
CA TRP D 323 -12.21 -37.36 37.48
C TRP D 323 -12.30 -36.15 36.57
N LEU D 324 -11.20 -35.42 36.41
CA LEU D 324 -11.17 -34.27 35.52
C LEU D 324 -10.28 -34.61 34.33
N GLN D 325 -10.90 -34.89 33.19
CA GLN D 325 -10.19 -35.26 31.99
C GLN D 325 -9.92 -34.09 31.08
N LEU D 326 -8.67 -33.64 31.06
CA LEU D 326 -8.28 -32.56 30.16
C LEU D 326 -8.23 -33.15 28.75
N MET D 327 -8.78 -32.43 27.77
CA MET D 327 -8.81 -32.90 26.39
C MET D 327 -8.39 -31.79 25.42
N MET D 328 -7.66 -32.16 24.37
CA MET D 328 -7.26 -31.20 23.33
C MET D 328 -7.69 -31.73 21.97
N ASP D 329 -8.16 -30.84 21.07
CA ASP D 329 -8.58 -31.29 19.75
C ASP D 329 -7.36 -31.74 18.99
N PRO D 330 -7.32 -33.01 18.58
CA PRO D 330 -6.14 -33.51 17.87
C PRO D 330 -5.87 -32.81 16.55
N GLN D 331 -6.93 -32.47 15.80
CA GLN D 331 -6.76 -31.78 14.52
C GLN D 331 -6.16 -30.39 14.72
N LEU D 332 -6.71 -29.64 15.69
CA LEU D 332 -6.23 -28.31 16.01
C LEU D 332 -4.81 -28.36 16.56
N ASP D 333 -4.55 -29.32 17.44
CA ASP D 333 -3.28 -29.57 18.11
C ASP D 333 -2.19 -29.86 17.06
N MET D 334 -2.52 -30.71 16.09
CA MET D 334 -1.62 -31.07 15.00
C MET D 334 -1.30 -29.85 14.14
N MET D 335 -2.33 -29.08 13.77
CA MET D 335 -2.13 -27.87 12.96
C MET D 335 -1.27 -26.85 13.65
N GLY D 336 -1.45 -26.69 14.96
CA GLY D 336 -0.65 -25.76 15.73
C GLY D 336 0.82 -26.10 15.67
N MET D 337 1.14 -27.39 15.83
CA MET D 337 2.52 -27.85 15.78
C MET D 337 3.11 -27.74 14.37
N GLN D 338 2.30 -28.03 13.33
CA GLN D 338 2.72 -27.89 11.93
C GLN D 338 3.05 -26.44 11.61
N MET D 339 2.23 -25.52 12.11
CA MET D 339 2.42 -24.09 11.92
C MET D 339 3.61 -23.59 12.71
N MET D 340 3.82 -24.14 13.90
CA MET D 340 4.93 -23.78 14.76
C MET D 340 6.23 -24.22 14.10
N MET D 341 6.27 -25.45 13.55
CA MET D 341 7.42 -26.02 12.85
C MET D 341 7.76 -25.20 11.62
N GLN D 342 6.75 -24.74 10.89
CA GLN D 342 6.97 -23.97 9.69
C GLN D 342 7.51 -22.58 10.03
N ARG D 343 6.93 -21.93 11.04
CA ARG D 343 7.31 -20.57 11.42
C ARG D 343 8.61 -20.49 12.18
N TYR D 344 8.91 -21.46 13.04
CA TYR D 344 10.08 -21.41 13.90
C TYR D 344 11.17 -22.46 13.64
N GLY D 345 10.89 -23.44 12.78
CA GLY D 345 11.85 -24.50 12.51
C GLY D 345 11.62 -25.74 13.35
N MET D 346 12.26 -26.84 12.98
CA MET D 346 12.13 -28.13 13.66
C MET D 346 12.61 -28.14 15.12
N ALA D 347 13.41 -27.16 15.50
CA ALA D 347 13.94 -27.05 16.86
C ALA D 347 12.83 -26.83 17.87
N SER D 348 11.77 -26.11 17.49
CA SER D 348 10.62 -25.81 18.37
C SER D 348 9.98 -27.07 18.96
N MET D 349 10.09 -28.20 18.26
CA MET D 349 9.53 -29.47 18.70
C MET D 349 10.16 -30.10 19.95
N ALA D 350 11.27 -29.55 20.45
CA ALA D 350 11.99 -30.07 21.63
C ALA D 350 12.26 -31.58 21.54
N GLY D 351 12.39 -32.11 20.32
CA GLY D 351 12.64 -33.52 20.08
C GLY D 351 11.43 -34.39 20.31
N MET D 352 10.26 -33.99 19.77
CA MET D 352 9.02 -34.75 19.97
C MET D 352 8.23 -34.97 18.65
N ASP D 353 6.99 -35.54 18.72
CA ASP D 353 6.15 -35.82 17.54
C ASP D 353 4.89 -34.95 17.50
N MET D 393 -13.90 -37.07 20.49
CA MET D 393 -14.65 -36.54 19.35
C MET D 393 -14.07 -35.20 18.83
N SER D 394 -14.07 -35.03 17.49
CA SER D 394 -13.63 -33.84 16.78
C SER D 394 -14.37 -32.63 17.29
N ALA D 395 -13.66 -31.51 17.44
CA ALA D 395 -14.25 -30.27 17.89
C ALA D 395 -14.51 -29.33 16.69
N GLY D 396 -14.79 -29.90 15.50
CA GLY D 396 -14.91 -29.14 14.25
C GLY D 396 -13.54 -28.55 14.00
N TYR D 397 -13.50 -27.25 13.79
CA TYR D 397 -12.21 -26.57 13.78
C TYR D 397 -12.25 -25.33 14.67
N ASP D 398 -13.10 -25.39 15.70
CA ASP D 398 -13.45 -24.35 16.66
C ASP D 398 -12.32 -24.11 17.61
N PHE D 399 -11.34 -23.33 17.19
CA PHE D 399 -10.13 -23.11 17.95
C PHE D 399 -10.38 -22.43 19.30
N MET D 400 -11.42 -21.60 19.40
CA MET D 400 -11.73 -20.95 20.66
C MET D 400 -12.35 -21.86 21.72
N HIS D 401 -12.74 -23.09 21.34
CA HIS D 401 -13.32 -24.09 22.23
C HIS D 401 -12.72 -25.49 21.98
N GLY D 402 -11.47 -25.54 21.49
CA GLY D 402 -10.79 -26.79 21.16
C GLY D 402 -10.29 -27.56 22.36
N ASN D 403 -9.95 -26.85 23.42
CA ASN D 403 -9.44 -27.48 24.62
C ASN D 403 -10.55 -27.55 25.63
N LYS D 404 -10.81 -28.74 26.15
CA LYS D 404 -11.91 -28.97 27.05
C LYS D 404 -11.50 -29.74 28.31
N ILE D 405 -12.45 -29.89 29.25
CA ILE D 405 -12.35 -30.69 30.46
C ILE D 405 -13.66 -31.49 30.51
N ASN D 406 -13.54 -32.83 30.54
CA ASN D 406 -14.69 -33.72 30.58
C ASN D 406 -15.64 -33.53 29.41
N GLY D 407 -15.09 -33.25 28.24
CA GLY D 407 -15.90 -33.07 27.04
C GLY D 407 -16.45 -31.68 26.84
N ILE D 408 -16.38 -30.82 27.86
CA ILE D 408 -16.94 -29.46 27.75
C ILE D 408 -15.88 -28.37 27.76
N ALA D 409 -15.94 -27.46 26.79
CA ALA D 409 -15.06 -26.30 26.78
C ALA D 409 -15.79 -25.31 27.68
N PHE D 410 -15.17 -24.94 28.80
CA PHE D 410 -15.70 -24.06 29.86
C PHE D 410 -17.07 -23.38 29.61
N ASP D 411 -18.10 -23.88 30.29
CA ASP D 411 -19.45 -23.29 30.26
C ASP D 411 -19.66 -22.62 31.63
N MET D 412 -19.60 -21.29 31.69
CA MET D 412 -19.74 -20.54 32.95
C MET D 412 -21.05 -20.79 33.65
N ALA D 413 -22.11 -20.98 32.87
CA ALA D 413 -23.44 -21.22 33.39
C ALA D 413 -23.65 -22.61 33.98
N LYS D 414 -22.76 -23.58 33.66
CA LYS D 414 -22.93 -24.93 34.15
C LYS D 414 -21.76 -25.46 34.97
N PRO D 415 -21.78 -25.22 36.29
CA PRO D 415 -20.73 -25.80 37.14
C PRO D 415 -20.86 -27.33 37.17
N MET D 416 -19.74 -28.03 37.14
CA MET D 416 -19.73 -29.49 37.07
C MET D 416 -20.28 -30.19 38.28
N PHE D 417 -20.07 -29.65 39.49
CA PHE D 417 -20.54 -30.31 40.70
C PHE D 417 -20.50 -29.39 41.93
N ASP D 418 -21.10 -29.85 43.04
CA ASP D 418 -21.11 -29.11 44.28
C ASP D 418 -20.32 -29.92 45.32
N VAL D 419 -19.44 -29.25 46.07
CA VAL D 419 -18.63 -29.87 47.09
C VAL D 419 -19.11 -29.40 48.46
N LYS D 420 -19.22 -30.32 49.42
CA LYS D 420 -19.62 -29.96 50.78
C LYS D 420 -18.42 -29.31 51.45
N ARG D 421 -18.62 -28.11 52.01
CA ARG D 421 -17.55 -27.35 52.66
C ARG D 421 -16.89 -28.14 53.79
N GLY D 422 -15.59 -28.02 53.91
CA GLY D 422 -14.82 -28.68 54.95
C GLY D 422 -14.69 -30.18 54.82
N THR D 423 -14.96 -30.72 53.63
CA THR D 423 -14.82 -32.16 53.39
C THR D 423 -13.65 -32.44 52.48
N TYR D 424 -12.99 -33.57 52.67
CA TYR D 424 -11.87 -33.96 51.83
C TYR D 424 -12.38 -34.63 50.57
N GLU D 425 -11.67 -34.43 49.46
CA GLU D 425 -11.96 -35.06 48.18
C GLU D 425 -10.67 -35.46 47.49
N LYS D 426 -10.71 -36.53 46.73
CA LYS D 426 -9.55 -37.03 46.03
C LYS D 426 -9.77 -36.80 44.52
N TRP D 427 -9.18 -35.71 43.99
CA TRP D 427 -9.35 -35.36 42.58
C TRP D 427 -8.26 -35.91 41.69
N THR D 428 -8.64 -36.64 40.65
CA THR D 428 -7.68 -37.14 39.66
C THR D 428 -7.80 -36.30 38.41
N ILE D 429 -6.73 -35.62 37.99
CA ILE D 429 -6.72 -34.83 36.78
C ILE D 429 -5.85 -35.54 35.76
N SER D 430 -6.41 -35.86 34.60
CA SER D 430 -5.68 -36.61 33.59
C SER D 430 -5.34 -35.82 32.34
N GLY D 431 -4.20 -36.14 31.77
CA GLY D 431 -3.75 -35.51 30.55
C GLY D 431 -3.27 -36.52 29.51
N GLU D 432 -3.83 -37.74 29.55
CA GLU D 432 -3.48 -38.77 28.56
C GLU D 432 -3.98 -38.35 27.18
N GLY D 433 -3.45 -39.01 26.13
CA GLY D 433 -3.82 -38.73 24.74
C GLY D 433 -3.66 -37.26 24.39
N ASP D 434 -2.54 -36.72 24.84
CA ASP D 434 -2.17 -35.33 24.75
C ASP D 434 -0.77 -35.29 25.39
N MET D 435 0.21 -34.70 24.69
CA MET D 435 1.56 -34.62 25.24
C MET D 435 1.90 -33.26 25.85
N MET D 436 0.97 -32.29 25.80
CA MET D 436 1.23 -30.95 26.32
C MET D 436 1.32 -30.91 27.83
N LEU D 437 1.97 -29.85 28.33
CA LEU D 437 2.16 -29.61 29.75
C LEU D 437 0.97 -28.83 30.28
N HIS D 438 0.36 -29.33 31.35
CA HIS D 438 -0.78 -28.69 31.94
C HIS D 438 -0.63 -28.48 33.42
N PRO D 439 -0.16 -27.32 33.85
CA PRO D 439 -0.09 -27.03 35.28
C PRO D 439 -1.51 -26.77 35.81
N PHE D 440 -2.14 -27.77 36.42
CA PHE D 440 -3.51 -27.64 36.88
C PHE D 440 -3.71 -26.84 38.16
N HIS D 441 -4.29 -25.65 38.06
CA HIS D 441 -4.54 -24.81 39.23
C HIS D 441 -5.97 -25.03 39.72
N ILE D 442 -6.19 -24.99 41.05
CA ILE D 442 -7.53 -25.11 41.65
C ILE D 442 -7.76 -23.92 42.56
N HIS D 443 -8.86 -23.19 42.36
CA HIS D 443 -9.15 -22.01 43.16
C HIS D 443 -9.65 -22.33 44.57
N GLY D 444 -9.50 -21.36 45.48
CA GLY D 444 -9.98 -21.41 46.86
C GLY D 444 -9.47 -22.46 47.82
N THR D 445 -8.27 -23.03 47.55
CA THR D 445 -7.71 -24.06 48.43
C THR D 445 -6.20 -24.22 48.23
N GLN D 446 -5.56 -24.92 49.17
CA GLN D 446 -4.19 -25.37 49.11
C GLN D 446 -4.29 -26.86 49.37
N PHE D 447 -3.75 -27.65 48.47
CA PHE D 447 -3.86 -29.09 48.54
C PHE D 447 -2.52 -29.83 48.69
N ARG D 448 -2.58 -31.13 48.90
CA ARG D 448 -1.41 -31.99 48.99
C ARG D 448 -1.46 -32.91 47.79
N ILE D 449 -0.39 -32.96 47.02
CA ILE D 449 -0.34 -33.85 45.86
C ILE D 449 -0.13 -35.29 46.34
N LEU D 450 -0.99 -36.20 45.91
CA LEU D 450 -0.84 -37.62 46.27
C LEU D 450 0.02 -38.30 45.19
N SER D 451 -0.27 -38.01 43.93
CA SER D 451 0.48 -38.54 42.80
C SER D 451 0.67 -37.40 41.81
N GLU D 452 1.89 -37.23 41.30
CA GLU D 452 2.13 -36.21 40.29
C GLU D 452 2.61 -36.89 39.02
N ASN D 453 1.69 -37.07 38.06
CA ASN D 453 1.95 -37.65 36.76
C ASN D 453 2.34 -39.16 36.81
N GLY D 454 1.87 -39.86 37.83
CA GLY D 454 2.18 -41.28 38.04
C GLY D 454 3.03 -41.50 39.27
N LYS D 455 4.25 -40.95 39.26
CA LYS D 455 5.15 -41.06 40.38
C LYS D 455 4.70 -40.15 41.54
N PRO D 456 5.06 -40.48 42.81
CA PRO D 456 4.68 -39.59 43.91
C PRO D 456 5.34 -38.21 43.80
N PRO D 457 4.85 -37.20 44.55
CA PRO D 457 5.46 -35.87 44.45
C PRO D 457 6.90 -35.86 44.93
N ALA D 458 7.73 -35.05 44.30
CA ALA D 458 9.12 -34.90 44.73
C ALA D 458 9.10 -34.13 46.07
N ALA D 459 10.11 -34.38 46.92
CA ALA D 459 10.25 -33.78 48.24
C ALA D 459 9.77 -32.31 48.38
N HIS D 460 10.24 -31.37 47.53
CA HIS D 460 9.85 -29.96 47.59
C HIS D 460 8.40 -29.69 47.14
N ARG D 461 7.87 -30.59 46.29
CA ARG D 461 6.51 -30.52 45.75
C ARG D 461 5.45 -31.24 46.61
N SER D 462 5.88 -31.94 47.66
CA SER D 462 4.97 -32.65 48.55
C SER D 462 4.32 -31.77 49.65
N GLY D 463 4.60 -30.48 49.64
CA GLY D 463 4.04 -29.58 50.64
C GLY D 463 2.67 -29.06 50.26
N TRP D 464 2.43 -27.77 50.53
CA TRP D 464 1.15 -27.15 50.18
C TRP D 464 1.25 -26.56 48.77
N LYS D 465 0.35 -26.95 47.89
CA LYS D 465 0.37 -26.51 46.50
C LYS D 465 -1.04 -26.09 46.01
N ASP D 466 -1.07 -25.29 44.96
CA ASP D 466 -2.32 -24.95 44.27
C ASP D 466 -2.20 -25.19 42.75
N THR D 467 -1.14 -25.88 42.32
CA THR D 467 -0.85 -26.20 40.95
C THR D 467 -0.23 -27.58 40.95
N VAL D 468 -0.64 -28.43 40.02
CA VAL D 468 -0.08 -29.77 39.94
C VAL D 468 0.26 -30.09 38.49
N ARG D 469 1.43 -30.67 38.25
CA ARG D 469 1.86 -31.01 36.89
C ARG D 469 1.04 -32.16 36.31
N VAL D 470 0.45 -31.92 35.13
CA VAL D 470 -0.28 -32.93 34.40
C VAL D 470 0.32 -32.91 32.99
N GLU D 471 1.10 -33.93 32.63
CA GLU D 471 1.77 -33.95 31.34
C GLU D 471 1.82 -35.36 30.78
N GLY D 472 0.89 -35.68 29.89
CA GLY D 472 0.84 -37.00 29.28
C GLY D 472 0.30 -38.12 30.16
N TRP D 473 0.14 -37.86 31.46
CA TRP D 473 -0.39 -38.87 32.37
C TRP D 473 -1.34 -38.23 33.41
N ARG D 474 -1.61 -38.88 34.56
CA ARG D 474 -2.57 -38.38 35.52
C ARG D 474 -1.99 -38.08 36.88
N SER D 475 -2.53 -37.07 37.51
CA SER D 475 -2.13 -36.66 38.83
C SER D 475 -3.33 -36.73 39.78
N GLU D 476 -3.07 -37.00 41.05
CA GLU D 476 -4.11 -37.10 42.06
C GLU D 476 -3.81 -36.14 43.19
N VAL D 477 -4.80 -35.35 43.62
CA VAL D 477 -4.59 -34.42 44.73
C VAL D 477 -5.64 -34.59 45.82
N LEU D 478 -5.28 -34.22 47.06
CA LEU D 478 -6.21 -34.30 48.18
C LEU D 478 -6.66 -32.89 48.51
N VAL D 479 -7.91 -32.55 48.17
CA VAL D 479 -8.42 -31.19 48.37
C VAL D 479 -9.46 -31.08 49.47
N LYS D 480 -9.61 -29.87 50.03
CA LYS D 480 -10.61 -29.57 51.05
C LYS D 480 -10.93 -28.09 50.95
N PHE D 481 -12.20 -27.76 50.72
CA PHE D 481 -12.60 -26.37 50.55
C PHE D 481 -13.25 -25.84 51.81
N ASP D 482 -12.48 -25.08 52.61
CA ASP D 482 -12.97 -24.50 53.86
C ASP D 482 -13.86 -23.27 53.68
N HIS D 483 -14.02 -22.77 52.45
CA HIS D 483 -14.85 -21.60 52.20
C HIS D 483 -15.83 -21.87 51.09
N GLU D 484 -17.05 -21.31 51.20
CA GLU D 484 -18.13 -21.50 50.23
C GLU D 484 -17.91 -20.75 48.91
N ALA D 485 -18.60 -21.18 47.85
CA ALA D 485 -18.58 -20.56 46.53
C ALA D 485 -19.92 -20.86 45.87
N PRO D 486 -20.82 -19.88 45.81
CA PRO D 486 -22.16 -20.14 45.25
C PRO D 486 -22.19 -20.21 43.72
N LYS D 487 -23.34 -20.57 43.12
CA LYS D 487 -23.46 -20.64 41.67
C LYS D 487 -23.09 -19.32 40.98
N GLU D 488 -23.42 -18.21 41.64
CA GLU D 488 -23.22 -16.83 41.19
C GLU D 488 -21.76 -16.38 41.25
N ARG D 489 -20.96 -16.96 42.15
CA ARG D 489 -19.53 -16.65 42.29
C ARG D 489 -18.82 -17.99 42.54
N ALA D 490 -18.89 -18.90 41.56
CA ALA D 490 -18.32 -20.23 41.70
C ALA D 490 -16.80 -20.28 41.57
N TYR D 491 -16.16 -21.31 42.17
CA TYR D 491 -14.72 -21.53 42.07
C TYR D 491 -14.39 -22.10 40.68
N MET D 492 -13.12 -22.08 40.31
CA MET D 492 -12.68 -22.67 39.05
C MET D 492 -11.46 -23.56 39.21
N ALA D 493 -11.22 -24.40 38.25
CA ALA D 493 -10.06 -25.26 38.21
C ALA D 493 -9.74 -25.35 36.74
N HIS D 494 -8.53 -24.96 36.38
CA HIS D 494 -8.16 -24.86 34.98
C HIS D 494 -6.68 -25.12 34.76
N CYS D 495 -6.30 -25.24 33.49
CA CYS D 495 -4.90 -25.38 33.14
C CYS D 495 -4.30 -23.97 33.22
N HIS D 496 -3.09 -23.84 33.79
CA HIS D 496 -2.47 -22.52 33.91
C HIS D 496 -1.62 -22.12 32.70
N LEU D 497 -1.63 -22.94 31.62
CA LEU D 497 -1.03 -22.55 30.35
C LEU D 497 -2.18 -21.74 29.79
N LEU D 498 -2.16 -20.42 30.04
CA LEU D 498 -3.23 -19.46 29.77
C LEU D 498 -3.98 -19.62 28.44
N GLU D 499 -3.28 -20.00 27.38
CA GLU D 499 -3.91 -20.19 26.08
C GLU D 499 -4.83 -21.41 26.07
N HIS D 500 -4.52 -22.43 26.89
CA HIS D 500 -5.35 -23.61 27.03
C HIS D 500 -6.62 -23.19 27.77
N GLU D 501 -6.51 -22.41 28.85
CA GLU D 501 -7.66 -21.93 29.61
C GLU D 501 -8.57 -21.08 28.73
N ASP D 502 -7.97 -20.15 27.96
CA ASP D 502 -8.73 -19.25 27.08
C ASP D 502 -9.45 -19.96 25.95
N THR D 503 -9.00 -21.17 25.59
CA THR D 503 -9.66 -21.94 24.55
C THR D 503 -10.54 -23.10 25.15
N GLY D 504 -10.98 -22.93 26.39
CA GLY D 504 -11.91 -23.83 27.06
C GLY D 504 -11.43 -24.82 28.09
N MET D 505 -10.12 -24.90 28.38
CA MET D 505 -9.63 -25.86 29.38
C MET D 505 -9.79 -25.30 30.79
N MET D 506 -11.04 -25.08 31.18
CA MET D 506 -11.43 -24.56 32.48
C MET D 506 -12.79 -25.15 32.89
N MET D 507 -12.98 -25.36 34.19
CA MET D 507 -14.26 -25.84 34.70
C MET D 507 -14.61 -25.12 35.98
N SER D 508 -15.91 -24.94 36.24
CA SER D 508 -16.33 -24.30 37.48
C SER D 508 -17.04 -25.31 38.40
N PHE D 509 -17.03 -25.02 39.70
CA PHE D 509 -17.68 -25.87 40.68
C PHE D 509 -18.09 -25.04 41.89
N THR D 510 -19.16 -25.45 42.57
CA THR D 510 -19.64 -24.74 43.74
C THR D 510 -19.29 -25.44 45.05
N VAL D 511 -19.26 -24.68 46.14
CA VAL D 511 -19.00 -25.18 47.48
C VAL D 511 -20.10 -24.65 48.39
N SER D 512 -20.71 -25.54 49.18
CA SER D 512 -21.78 -25.11 50.08
C SER D 512 -21.83 -25.89 51.40
N ALA E 1 29.05 -48.74 55.81
CA ALA E 1 28.93 -48.48 54.37
C ALA E 1 28.26 -47.13 54.02
N GLU E 2 27.84 -46.36 55.03
CA GLU E 2 27.20 -45.06 54.79
C GLU E 2 28.08 -43.87 55.20
N HIS E 3 29.37 -43.90 54.81
CA HIS E 3 30.30 -42.80 55.09
C HIS E 3 29.99 -41.66 54.12
N PRO E 4 30.04 -40.40 54.59
CA PRO E 4 29.79 -39.27 53.68
C PRO E 4 30.91 -39.10 52.65
N THR E 5 30.60 -38.51 51.50
CA THR E 5 31.61 -38.32 50.45
C THR E 5 32.66 -37.30 50.90
N LEU E 6 33.94 -37.63 50.66
CA LEU E 6 35.06 -36.76 50.99
C LEU E 6 34.96 -35.48 50.18
N PRO E 7 34.83 -34.33 50.86
CA PRO E 7 34.72 -33.06 50.12
C PRO E 7 36.01 -32.68 49.44
N ILE E 8 35.92 -32.16 48.21
CA ILE E 8 37.11 -31.74 47.48
C ILE E 8 37.16 -30.21 47.38
N PRO E 9 38.24 -29.60 47.90
CA PRO E 9 38.36 -28.14 47.83
C PRO E 9 38.37 -27.65 46.40
N ALA E 10 37.62 -26.58 46.15
CA ALA E 10 37.52 -26.02 44.82
C ALA E 10 38.85 -25.46 44.36
N LEU E 11 39.31 -25.88 43.18
CA LEU E 11 40.56 -25.38 42.61
C LEU E 11 40.37 -23.91 42.26
N LEU E 12 41.39 -23.10 42.57
CA LEU E 12 41.30 -21.68 42.33
C LEU E 12 42.55 -21.14 41.63
N THR E 13 42.44 -20.93 40.32
CA THR E 13 43.54 -20.41 39.50
C THR E 13 43.46 -18.88 39.40
N PRO E 14 44.59 -18.19 39.08
CA PRO E 14 44.53 -16.73 38.96
C PRO E 14 43.67 -16.29 37.79
N ASP E 15 42.93 -15.19 37.97
CA ASP E 15 42.05 -14.62 36.95
C ASP E 15 42.84 -13.99 35.79
N ALA E 16 42.14 -13.34 34.83
CA ALA E 16 42.79 -12.67 33.70
C ALA E 16 43.73 -11.55 34.18
N ALA E 17 43.34 -10.83 35.25
CA ALA E 17 44.18 -9.78 35.82
C ALA E 17 45.38 -10.31 36.64
N GLY E 18 45.50 -11.63 36.79
CA GLY E 18 46.56 -12.29 37.55
C GLY E 18 46.34 -12.15 39.05
N LYS E 19 45.09 -12.33 39.49
CA LYS E 19 44.72 -12.19 40.89
C LYS E 19 43.90 -13.38 41.39
N ILE E 20 43.90 -13.60 42.71
CA ILE E 20 43.11 -14.64 43.35
C ILE E 20 42.38 -13.99 44.51
N ALA E 21 41.05 -14.10 44.55
CA ALA E 21 40.27 -13.48 45.62
C ALA E 21 39.93 -14.48 46.74
N LEU E 22 40.41 -14.20 47.96
CA LEU E 22 40.13 -15.06 49.10
C LEU E 22 39.23 -14.36 50.09
N ASN E 23 38.10 -15.02 50.36
CA ASN E 23 37.05 -14.56 51.26
C ASN E 23 37.07 -15.44 52.50
N VAL E 24 37.64 -14.93 53.57
CA VAL E 24 37.72 -15.66 54.83
C VAL E 24 36.49 -15.26 55.64
N GLN E 25 35.43 -16.07 55.53
CA GLN E 25 34.13 -15.78 56.12
C GLN E 25 33.69 -16.77 57.24
N THR E 26 32.59 -16.42 57.96
CA THR E 26 31.97 -17.25 58.99
C THR E 26 31.07 -18.32 58.33
N GLY E 27 30.75 -19.36 59.08
CA GLY E 27 29.91 -20.44 58.57
C GLY E 27 29.39 -21.34 59.68
N SER E 28 29.08 -22.58 59.31
CA SER E 28 28.60 -23.57 60.26
C SER E 28 28.74 -25.00 59.72
N MET E 29 28.83 -26.00 60.62
CA MET E 29 28.95 -27.40 60.20
C MET E 29 28.10 -28.33 61.06
N LYS E 30 27.58 -29.40 60.45
CA LYS E 30 26.78 -30.38 61.18
C LYS E 30 27.67 -31.53 61.64
N TRP E 31 28.15 -31.48 62.89
CA TRP E 31 28.98 -32.55 63.42
C TRP E 31 28.27 -33.27 64.55
N LYS E 32 27.60 -32.51 65.41
CA LYS E 32 26.87 -33.09 66.53
C LYS E 32 25.42 -33.40 66.12
N ALA E 33 24.82 -34.38 66.77
CA ALA E 33 23.44 -34.76 66.50
C ALA E 33 22.48 -33.59 66.78
N GLY E 34 21.97 -32.96 65.72
CA GLY E 34 21.05 -31.82 65.80
C GLY E 34 21.72 -30.49 66.06
N MET E 35 22.95 -30.51 66.59
CA MET E 35 23.67 -29.31 66.94
C MET E 35 24.59 -28.80 65.83
N GLN E 36 24.26 -27.60 65.32
CA GLN E 36 25.04 -26.98 64.25
C GLN E 36 26.16 -26.12 64.85
N THR E 37 27.42 -26.54 64.63
CA THR E 37 28.62 -25.85 65.14
C THR E 37 28.96 -24.57 64.38
N PRO E 38 29.12 -23.44 65.08
CA PRO E 38 29.54 -22.21 64.39
C PRO E 38 31.02 -22.31 64.00
N THR E 39 31.36 -22.16 62.72
CA THR E 39 32.73 -22.31 62.25
C THR E 39 33.24 -21.09 61.43
N TRP E 40 34.51 -21.15 60.96
CA TRP E 40 35.21 -20.17 60.13
C TRP E 40 35.83 -20.90 58.94
N GLY E 41 35.68 -20.36 57.75
CA GLY E 41 36.24 -20.97 56.54
C GLY E 41 36.71 -19.95 55.52
N ILE E 42 37.29 -20.44 54.44
CA ILE E 42 37.79 -19.64 53.32
C ILE E 42 37.03 -20.10 52.08
N ASN E 43 36.14 -19.24 51.53
CA ASN E 43 35.25 -19.56 50.39
C ASN E 43 34.31 -20.77 50.68
N GLY E 44 34.07 -21.01 51.97
CA GLY E 44 33.25 -22.09 52.50
C GLY E 44 33.01 -21.91 54.00
N PRO E 45 32.33 -22.89 54.62
CA PRO E 45 32.07 -22.77 56.07
C PRO E 45 33.22 -23.27 56.96
N LEU E 46 34.22 -23.95 56.35
CA LEU E 46 35.38 -24.54 57.02
C LEU E 46 36.48 -24.83 55.99
N LEU E 47 37.76 -24.77 56.42
CA LEU E 47 38.94 -25.00 55.59
C LEU E 47 38.96 -23.97 54.42
N GLY E 48 39.33 -24.34 53.20
CA GLY E 48 39.37 -23.38 52.09
C GLY E 48 39.64 -23.94 50.71
N PRO E 49 39.92 -23.05 49.74
CA PRO E 49 40.17 -23.53 48.37
C PRO E 49 41.60 -24.02 48.15
N ALA E 50 41.82 -24.72 47.05
CA ALA E 50 43.15 -25.18 46.69
C ALA E 50 43.65 -24.24 45.60
N MET E 51 44.47 -23.24 45.96
CA MET E 51 45.00 -22.30 44.97
C MET E 51 46.03 -22.98 44.09
N ARG E 52 45.73 -23.20 42.80
CA ARG E 52 46.68 -23.84 41.90
C ARG E 52 47.52 -22.78 41.20
N LEU E 53 48.85 -22.81 41.43
CA LEU E 53 49.77 -21.84 40.85
C LEU E 53 50.85 -22.53 40.01
N GLN E 54 51.29 -21.87 38.93
CA GLN E 54 52.33 -22.43 38.07
C GLN E 54 53.67 -21.75 38.36
N ARG E 55 54.74 -22.54 38.41
CA ARG E 55 56.07 -21.99 38.71
C ARG E 55 56.50 -20.95 37.70
N GLY E 56 56.96 -19.81 38.21
CA GLY E 56 57.41 -18.72 37.37
C GLY E 56 56.39 -17.61 37.22
N LYS E 57 55.11 -17.96 37.30
CA LYS E 57 54.04 -16.98 37.13
C LYS E 57 53.79 -16.12 38.38
N ASP E 58 53.54 -14.82 38.18
CA ASP E 58 53.22 -13.93 39.28
C ASP E 58 51.73 -14.00 39.62
N VAL E 59 51.37 -13.66 40.87
CA VAL E 59 49.98 -13.66 41.33
C VAL E 59 49.82 -12.71 42.53
N ALA E 60 48.68 -12.02 42.62
CA ALA E 60 48.42 -11.14 43.74
C ALA E 60 47.20 -11.69 44.46
N ILE E 61 47.38 -12.17 45.69
CA ILE E 61 46.28 -12.75 46.44
C ILE E 61 45.58 -11.69 47.28
N ASN E 62 44.27 -11.52 47.07
CA ASN E 62 43.47 -10.52 47.75
C ASN E 62 42.63 -11.11 48.87
N VAL E 63 43.17 -11.06 50.09
CA VAL E 63 42.52 -11.60 51.26
C VAL E 63 41.59 -10.59 51.91
N THR E 64 40.30 -10.87 51.77
CA THR E 64 39.13 -10.15 52.25
C THR E 64 38.74 -10.71 53.62
N ASN E 65 38.86 -9.90 54.68
CA ASN E 65 38.52 -10.37 56.03
C ASN E 65 37.05 -10.28 56.38
N ALA E 66 36.28 -11.35 56.12
CA ALA E 66 34.86 -11.36 56.44
C ALA E 66 34.61 -11.97 57.83
N LEU E 67 35.45 -11.57 58.81
CA LEU E 67 35.36 -12.04 60.19
C LEU E 67 35.16 -10.88 61.17
N PRO E 68 34.50 -11.13 62.31
CA PRO E 68 34.29 -10.05 63.28
C PRO E 68 35.58 -9.57 63.96
N GLU E 69 36.63 -10.40 63.93
CA GLU E 69 37.91 -10.03 64.52
C GLU E 69 39.07 -10.13 63.53
N ALA E 70 40.18 -9.42 63.81
CA ALA E 70 41.34 -9.38 62.94
C ALA E 70 42.02 -10.73 62.77
N THR E 71 42.63 -10.93 61.62
CA THR E 71 43.33 -12.16 61.29
C THR E 71 44.50 -11.85 60.35
N THR E 72 45.39 -12.82 60.12
CA THR E 72 46.52 -12.70 59.20
C THR E 72 46.52 -13.95 58.28
N MET E 73 47.46 -14.06 57.33
CA MET E 73 47.50 -15.23 56.44
C MET E 73 48.92 -15.65 56.03
N HIS E 74 49.49 -16.68 56.69
CA HIS E 74 50.84 -17.18 56.39
C HIS E 74 50.77 -18.17 55.24
N TRP E 75 51.68 -18.01 54.27
CA TRP E 75 51.74 -18.92 53.12
C TRP E 75 52.79 -19.95 53.44
N HIS E 76 52.42 -20.95 54.24
CA HIS E 76 53.29 -22.02 54.71
C HIS E 76 53.96 -22.78 53.59
N GLY E 77 55.29 -22.76 53.57
CA GLY E 77 56.09 -23.46 52.57
C GLY E 77 56.53 -22.63 51.38
N MET E 78 56.06 -21.38 51.29
CA MET E 78 56.38 -20.52 50.16
C MET E 78 57.72 -19.79 50.30
N GLU E 79 58.58 -19.96 49.30
CA GLU E 79 59.88 -19.28 49.23
C GLU E 79 59.61 -17.93 48.60
N ILE E 80 59.15 -16.99 49.42
CA ILE E 80 58.77 -15.64 49.03
C ILE E 80 59.42 -14.59 49.95
N PRO E 81 59.47 -13.30 49.57
CA PRO E 81 60.04 -12.29 50.48
C PRO E 81 59.15 -12.09 51.70
N GLY E 82 59.76 -11.61 52.78
CA GLY E 82 59.04 -11.35 54.02
C GLY E 82 57.90 -10.36 53.86
N THR E 83 58.05 -9.45 52.91
CA THR E 83 57.06 -8.43 52.53
C THR E 83 55.82 -8.99 51.80
N SER E 84 55.69 -10.31 51.71
CA SER E 84 54.57 -10.96 51.05
C SER E 84 53.96 -12.11 51.87
N ASP E 85 54.58 -12.48 53.01
CA ASP E 85 54.14 -13.62 53.82
C ASP E 85 52.98 -13.33 54.75
N GLY E 86 52.94 -12.12 55.29
CA GLY E 86 51.87 -11.75 56.21
C GLY E 86 51.73 -12.58 57.48
N GLY E 87 52.25 -12.04 58.57
CA GLY E 87 52.16 -12.63 59.89
C GLY E 87 51.67 -11.58 60.86
N PRO E 88 52.24 -11.52 62.07
CA PRO E 88 51.80 -10.49 63.04
C PRO E 88 52.15 -9.05 62.67
N GLN E 89 53.03 -8.85 61.67
CA GLN E 89 53.37 -7.51 61.20
C GLN E 89 52.51 -7.07 59.99
N ALA E 90 51.51 -7.89 59.58
CA ALA E 90 50.63 -7.62 58.45
C ALA E 90 49.23 -8.07 58.81
N VAL E 91 48.64 -7.39 59.80
CA VAL E 91 47.31 -7.68 60.31
C VAL E 91 46.19 -7.19 59.40
N ILE E 92 45.28 -8.10 59.03
CA ILE E 92 44.12 -7.79 58.19
C ILE E 92 42.96 -7.51 59.14
N GLU E 93 42.63 -6.23 59.35
CA GLU E 93 41.54 -5.84 60.25
C GLU E 93 40.16 -6.26 59.69
N PRO E 94 39.15 -6.47 60.55
CA PRO E 94 37.82 -6.88 60.04
C PRO E 94 37.25 -5.95 58.98
N GLY E 95 36.73 -6.57 57.92
CA GLY E 95 36.15 -5.84 56.79
C GLY E 95 37.14 -5.27 55.81
N LYS E 96 38.44 -5.36 56.11
CA LYS E 96 39.47 -4.82 55.23
C LYS E 96 40.10 -5.91 54.35
N MET E 97 40.84 -5.49 53.33
CA MET E 97 41.47 -6.40 52.39
C MET E 97 42.98 -6.18 52.35
N TRP E 98 43.73 -7.28 52.36
CA TRP E 98 45.19 -7.23 52.30
C TRP E 98 45.65 -7.95 51.04
N THR E 99 46.64 -7.38 50.34
CA THR E 99 47.15 -7.97 49.10
C THR E 99 48.54 -8.54 49.31
N ALA E 100 48.78 -9.73 48.76
CA ALA E 100 50.07 -10.38 48.85
C ALA E 100 50.57 -10.71 47.45
N GLU E 101 51.63 -10.05 46.99
CA GLU E 101 52.19 -10.32 45.67
C GLU E 101 53.27 -11.40 45.73
N ILE E 102 53.01 -12.52 45.07
CA ILE E 102 53.90 -13.68 45.06
C ILE E 102 54.35 -14.05 43.65
N LYS E 103 55.67 -14.24 43.46
CA LYS E 103 56.17 -14.73 42.19
C LYS E 103 56.67 -16.13 42.50
N VAL E 104 55.92 -17.14 42.09
CA VAL E 104 56.26 -18.54 42.38
C VAL E 104 57.66 -18.92 41.89
N ASP E 105 58.54 -19.32 42.81
CA ASP E 105 59.91 -19.71 42.45
C ASP E 105 60.38 -20.88 43.30
N GLN E 106 59.76 -22.04 43.12
CA GLN E 106 60.09 -23.24 43.86
C GLN E 106 59.50 -24.48 43.19
N PRO E 107 60.07 -25.67 43.43
CA PRO E 107 59.53 -26.90 42.80
C PRO E 107 58.04 -27.17 43.02
N ALA E 108 57.48 -28.14 42.28
CA ALA E 108 56.07 -28.51 42.38
C ALA E 108 55.86 -29.13 43.75
N THR E 109 54.86 -28.62 44.49
CA THR E 109 54.66 -29.02 45.88
C THR E 109 53.20 -28.87 46.33
N THR E 110 52.85 -29.52 47.46
CA THR E 110 51.59 -29.29 48.11
C THR E 110 51.91 -28.38 49.30
N ALA E 111 51.83 -27.08 49.11
CA ALA E 111 52.06 -26.11 50.18
C ALA E 111 50.68 -25.80 50.81
N TRP E 112 50.59 -24.96 51.87
CA TRP E 112 49.30 -24.63 52.47
C TRP E 112 49.30 -23.24 53.08
N PHE E 113 48.12 -22.76 53.49
CA PHE E 113 48.01 -21.44 54.10
C PHE E 113 47.11 -21.47 55.30
N HIS E 114 47.38 -20.61 56.27
CA HIS E 114 46.61 -20.55 57.51
C HIS E 114 46.94 -19.25 58.25
N PRO E 115 46.11 -18.82 59.22
CA PRO E 115 46.44 -17.58 59.95
C PRO E 115 47.67 -17.72 60.85
N HIS E 116 48.32 -16.59 61.10
CA HIS E 116 49.51 -16.55 61.94
C HIS E 116 49.36 -15.36 62.91
N THR E 117 48.19 -15.22 63.51
CA THR E 117 47.86 -14.12 64.40
C THR E 117 48.55 -14.25 65.75
N HIS E 118 49.16 -13.16 66.23
CA HIS E 118 49.88 -13.10 67.49
C HIS E 118 49.04 -13.57 68.65
N GLY E 119 49.47 -14.65 69.29
CA GLY E 119 48.80 -15.25 70.44
C GLY E 119 47.43 -15.83 70.19
N LEU E 120 47.01 -15.86 68.90
CA LEU E 120 45.69 -16.38 68.52
C LEU E 120 45.72 -17.41 67.38
N THR E 121 46.92 -17.76 66.88
CA THR E 121 47.08 -18.71 65.78
C THR E 121 46.36 -20.03 66.05
N GLY E 122 46.51 -20.56 67.26
CA GLY E 122 45.85 -21.78 67.66
C GLY E 122 44.34 -21.65 67.61
N ARG E 123 43.81 -20.56 68.19
CA ARG E 123 42.39 -20.30 68.21
C ARG E 123 41.79 -20.22 66.81
N GLN E 124 42.43 -19.46 65.91
CA GLN E 124 41.92 -19.28 64.56
C GLN E 124 42.05 -20.54 63.68
N VAL E 125 43.13 -21.30 63.80
CA VAL E 125 43.26 -22.55 63.04
C VAL E 125 42.17 -23.55 63.51
N ALA E 126 41.90 -23.57 64.84
CA ALA E 126 40.87 -24.43 65.43
C ALA E 126 39.47 -24.04 64.95
N MET E 127 39.25 -22.75 64.67
CA MET E 127 37.98 -22.32 64.12
C MET E 127 37.66 -22.86 62.72
N GLY E 128 38.64 -23.46 62.05
CA GLY E 128 38.44 -24.03 60.74
C GLY E 128 39.31 -23.41 59.65
N LEU E 129 39.82 -22.17 59.88
CA LEU E 129 40.67 -21.45 58.91
C LEU E 129 41.85 -22.26 58.39
N GLY E 130 41.94 -22.35 57.08
CA GLY E 130 43.00 -23.08 56.40
C GLY E 130 42.82 -23.11 54.90
N GLY E 131 43.66 -23.88 54.22
CA GLY E 131 43.59 -23.99 52.77
C GLY E 131 44.86 -24.52 52.14
N LEU E 132 44.79 -24.90 50.86
CA LEU E 132 45.94 -25.48 50.19
C LEU E 132 46.51 -24.63 49.06
N ILE E 133 47.77 -24.87 48.70
CA ILE E 133 48.49 -24.20 47.63
C ILE E 133 49.13 -25.27 46.78
N ILE E 134 48.56 -25.55 45.60
CA ILE E 134 49.11 -26.56 44.71
C ILE E 134 50.03 -25.93 43.68
N ILE E 135 51.34 -26.16 43.81
CA ILE E 135 52.30 -25.61 42.87
C ILE E 135 52.65 -26.66 41.82
N ASP E 136 52.62 -26.26 40.54
CA ASP E 136 52.95 -27.13 39.42
C ASP E 136 54.17 -26.60 38.71
N ASP E 137 55.09 -27.48 38.31
CA ASP E 137 56.26 -27.06 37.54
C ASP E 137 56.38 -27.93 36.26
N GLU E 138 57.33 -27.61 35.38
CA GLU E 138 57.51 -28.36 34.14
C GLU E 138 57.99 -29.80 34.36
N GLU E 139 59.03 -29.98 35.19
CA GLU E 139 59.65 -31.28 35.49
C GLU E 139 58.64 -32.34 36.02
N SER E 140 57.72 -31.92 36.89
CA SER E 140 56.72 -32.80 37.49
C SER E 140 55.61 -33.20 36.52
N THR E 141 55.16 -32.26 35.68
CA THR E 141 54.08 -32.47 34.72
C THR E 141 54.36 -33.66 33.79
N LYS E 142 55.62 -33.85 33.40
CA LYS E 142 56.08 -34.94 32.54
C LYS E 142 55.91 -36.33 33.17
N LEU E 143 55.74 -36.41 34.49
CA LEU E 143 55.61 -37.68 35.19
C LEU E 143 54.23 -38.31 35.07
N PRO E 144 54.17 -39.65 35.03
CA PRO E 144 52.85 -40.32 34.93
C PRO E 144 52.10 -40.45 36.27
N LEU E 145 52.08 -39.38 37.06
CA LEU E 145 51.39 -39.39 38.35
C LEU E 145 49.93 -38.98 38.19
N PRO E 146 49.05 -39.47 39.07
CA PRO E 146 47.63 -39.06 39.00
C PRO E 146 47.45 -37.54 39.02
N LYS E 147 46.80 -36.98 38.01
CA LYS E 147 46.63 -35.52 37.91
C LYS E 147 45.18 -35.05 38.02
N GLU E 148 44.21 -35.97 37.83
CA GLU E 148 42.81 -35.60 37.86
C GLU E 148 42.38 -35.27 39.27
N TRP E 149 42.35 -33.97 39.56
CA TRP E 149 41.98 -33.41 40.86
C TRP E 149 40.64 -33.92 41.35
N GLY E 150 40.59 -34.31 42.60
CA GLY E 150 39.35 -34.83 43.20
C GLY E 150 38.95 -36.20 42.73
N VAL E 151 39.73 -36.82 41.83
CA VAL E 151 39.43 -38.16 41.32
C VAL E 151 40.55 -39.12 41.69
N ASP E 152 41.79 -38.84 41.24
CA ASP E 152 42.95 -39.66 41.57
C ASP E 152 44.08 -38.84 42.26
N ASP E 153 44.02 -37.50 42.19
CA ASP E 153 44.95 -36.57 42.85
C ASP E 153 44.08 -35.89 43.89
N VAL E 154 44.01 -36.47 45.09
CA VAL E 154 43.12 -36.02 46.14
C VAL E 154 43.79 -35.43 47.40
N PRO E 155 43.35 -34.23 47.82
CA PRO E 155 43.90 -33.65 49.06
C PRO E 155 43.25 -34.22 50.34
N VAL E 156 44.05 -34.50 51.36
CA VAL E 156 43.52 -35.02 52.62
C VAL E 156 43.98 -34.17 53.80
N ILE E 157 43.16 -33.20 54.23
CA ILE E 157 43.48 -32.33 55.37
C ILE E 157 42.98 -32.95 56.66
N LEU E 158 43.89 -33.50 57.46
CA LEU E 158 43.55 -34.17 58.70
C LEU E 158 43.65 -33.24 59.91
N GLN E 159 42.51 -32.93 60.52
CA GLN E 159 42.49 -32.07 61.70
C GLN E 159 41.65 -32.71 62.81
N ASP E 160 42.01 -32.48 64.07
CA ASP E 160 41.22 -32.97 65.19
C ASP E 160 40.58 -31.78 65.91
N LYS E 161 39.35 -31.95 66.38
CA LYS E 161 38.65 -30.87 67.08
C LYS E 161 37.93 -31.39 68.32
N ARG E 162 37.62 -30.51 69.28
CA ARG E 162 36.91 -30.90 70.48
C ARG E 162 35.66 -30.04 70.54
N LEU E 163 34.49 -30.66 70.66
CA LEU E 163 33.24 -29.91 70.70
C LEU E 163 32.60 -29.97 72.08
N ASP E 164 32.12 -28.82 72.57
CA ASP E 164 31.48 -28.73 73.89
C ASP E 164 30.05 -29.36 73.87
N ALA E 165 29.34 -29.33 75.02
CA ALA E 165 27.98 -29.88 75.11
C ALA E 165 27.01 -29.16 74.17
N LYS E 166 27.16 -27.83 74.02
CA LYS E 166 26.33 -27.02 73.13
C LYS E 166 26.69 -27.12 71.64
N GLY E 167 27.68 -27.95 71.29
CA GLY E 167 28.13 -28.12 69.92
C GLY E 167 29.28 -27.22 69.47
N HIS E 168 29.50 -26.09 70.17
CA HIS E 168 30.55 -25.11 69.86
C HIS E 168 31.98 -25.72 69.91
N ILE E 169 32.94 -25.07 69.23
CA ILE E 169 34.33 -25.53 69.27
C ILE E 169 34.90 -25.17 70.64
N ASP E 170 35.26 -26.20 71.41
CA ASP E 170 35.81 -26.03 72.75
C ASP E 170 37.29 -25.69 72.70
N TYR E 171 37.63 -24.43 72.36
CA TYR E 171 39.03 -24.03 72.31
C TYR E 171 39.44 -23.33 73.58
N GLN E 172 40.55 -23.79 74.17
CA GLN E 172 41.10 -23.18 75.38
C GLN E 172 42.61 -22.97 75.26
N LEU E 173 43.10 -21.80 75.68
CA LEU E 173 44.54 -21.57 75.77
C LEU E 173 44.77 -21.44 77.26
N ASP E 174 44.78 -22.60 77.93
CA ASP E 174 44.89 -22.68 79.37
C ASP E 174 46.20 -23.35 79.84
N ILE E 175 46.34 -23.62 81.14
CA ILE E 175 47.53 -24.25 81.67
C ILE E 175 47.81 -25.62 81.02
N ILE E 176 46.76 -26.33 80.60
CA ILE E 176 46.93 -27.63 79.97
C ILE E 176 47.40 -27.51 78.52
N THR E 177 46.67 -26.75 77.70
CA THR E 177 47.01 -26.59 76.29
C THR E 177 48.30 -25.82 76.09
N ALA E 178 48.72 -24.95 77.02
CA ALA E 178 49.99 -24.25 76.86
C ALA E 178 51.18 -25.25 76.93
N ALA E 179 51.01 -26.37 77.65
CA ALA E 179 52.08 -27.35 77.79
C ALA E 179 52.00 -28.48 76.74
N VAL E 180 50.83 -29.11 76.58
CA VAL E 180 50.68 -30.25 75.66
C VAL E 180 49.99 -29.92 74.35
N GLY E 181 49.34 -28.78 74.26
CA GLY E 181 48.62 -28.38 73.07
C GLY E 181 47.13 -28.64 73.14
N TRP E 182 46.39 -28.14 72.15
CA TRP E 182 44.95 -28.32 72.09
C TRP E 182 44.61 -29.57 71.31
N PHE E 183 44.16 -30.60 72.02
CA PHE E 183 43.77 -31.86 71.38
C PHE E 183 42.26 -32.06 71.52
N GLY E 184 41.69 -32.86 70.63
CA GLY E 184 40.25 -33.11 70.64
C GLY E 184 39.89 -34.58 70.59
N ASP E 185 38.58 -34.85 70.56
CA ASP E 185 38.03 -36.20 70.50
C ASP E 185 37.26 -36.49 69.20
N MET E 186 37.36 -35.61 68.20
CA MET E 186 36.67 -35.76 66.93
C MET E 186 37.71 -35.66 65.81
N MET E 187 37.71 -36.63 64.88
CA MET E 187 38.69 -36.63 63.80
C MET E 187 38.12 -36.25 62.44
N LEU E 188 38.42 -35.02 62.01
CA LEU E 188 37.96 -34.52 60.72
C LEU E 188 38.96 -34.77 59.60
N THR E 189 38.45 -35.18 58.45
CA THR E 189 39.21 -35.43 57.23
C THR E 189 38.54 -34.52 56.23
N ASN E 190 39.15 -33.38 55.92
CA ASN E 190 38.54 -32.35 55.08
C ASN E 190 37.25 -31.80 55.72
N GLY E 191 37.22 -31.74 57.05
CA GLY E 191 36.07 -31.28 57.82
C GLY E 191 34.94 -32.28 57.96
N THR E 192 35.21 -33.54 57.64
CA THR E 192 34.19 -34.58 57.68
C THR E 192 34.63 -35.76 58.54
N VAL E 193 33.73 -36.29 59.37
CA VAL E 193 34.08 -37.44 60.20
C VAL E 193 34.03 -38.72 59.37
N TYR E 194 35.20 -39.34 59.19
CA TYR E 194 35.39 -40.59 58.44
C TYR E 194 34.75 -40.57 57.05
N PRO E 195 35.27 -39.74 56.11
CA PRO E 195 34.69 -39.70 54.77
C PRO E 195 35.05 -40.92 53.90
N GLN E 196 34.50 -40.95 52.71
CA GLN E 196 34.74 -42.02 51.75
C GLN E 196 35.11 -41.39 50.40
N HIS E 197 36.02 -42.01 49.67
CA HIS E 197 36.41 -41.53 48.35
C HIS E 197 36.39 -42.65 47.31
N LEU E 198 35.75 -42.38 46.16
CA LEU E 198 35.67 -43.33 45.06
C LEU E 198 36.76 -43.04 44.05
N ALA E 199 37.76 -43.92 43.98
CA ALA E 199 38.90 -43.70 43.09
C ALA E 199 39.06 -44.76 42.00
N PRO E 200 39.55 -44.38 40.81
CA PRO E 200 39.77 -45.39 39.75
C PRO E 200 40.89 -46.38 40.11
N ARG E 201 40.84 -47.60 39.54
CA ARG E 201 41.84 -48.63 39.81
C ARG E 201 43.14 -48.38 39.06
N GLY E 202 44.23 -48.38 39.79
CA GLY E 202 45.56 -48.09 39.29
C GLY E 202 46.39 -47.51 40.41
N TRP E 203 46.65 -46.20 40.34
CA TRP E 203 47.38 -45.51 41.40
C TRP E 203 46.58 -44.33 41.93
N LEU E 204 46.54 -44.17 43.26
CA LEU E 204 45.82 -43.08 43.91
C LEU E 204 46.82 -42.16 44.62
N ARG E 205 46.81 -40.87 44.26
CA ARG E 205 47.69 -39.85 44.82
C ARG E 205 46.98 -39.08 45.93
N LEU E 206 47.52 -39.15 47.14
CA LEU E 206 46.93 -38.46 48.28
C LEU E 206 47.85 -37.38 48.82
N ARG E 207 47.42 -36.12 48.71
CA ARG E 207 48.20 -35.00 49.21
C ARG E 207 47.79 -34.76 50.66
N PHE E 208 48.48 -35.42 51.60
CA PHE E 208 48.21 -35.31 53.03
C PHE E 208 48.67 -33.99 53.61
N LEU E 209 48.00 -33.55 54.69
CA LEU E 209 48.33 -32.33 55.43
C LEU E 209 47.87 -32.55 56.87
N ASN E 210 48.76 -32.37 57.86
CA ASN E 210 48.37 -32.49 59.25
C ASN E 210 47.97 -31.11 59.71
N GLY E 211 46.69 -30.80 59.66
CA GLY E 211 46.18 -29.51 60.09
C GLY E 211 45.80 -29.43 61.55
N CYS E 212 46.32 -30.35 62.39
CA CYS E 212 46.03 -30.32 63.82
C CYS E 212 46.83 -29.20 64.48
N ASN E 213 46.30 -28.67 65.58
CA ASN E 213 47.02 -27.64 66.33
C ASN E 213 48.21 -28.26 67.05
N ALA E 214 48.01 -29.45 67.65
CA ALA E 214 49.05 -30.09 68.43
C ALA E 214 49.17 -31.58 68.23
N ARG E 215 48.25 -32.21 67.49
CA ARG E 215 48.27 -33.66 67.31
C ARG E 215 49.17 -34.17 66.19
N SER E 216 50.08 -35.07 66.50
CA SER E 216 50.91 -35.70 65.47
C SER E 216 50.21 -36.98 65.05
N LEU E 217 50.27 -37.30 63.75
CA LEU E 217 49.58 -38.48 63.24
C LEU E 217 50.56 -39.53 62.70
N ASN E 218 50.09 -40.77 62.52
CA ASN E 218 50.92 -41.83 61.98
C ASN E 218 50.05 -42.63 61.03
N LEU E 219 50.02 -42.19 59.77
CA LEU E 219 49.21 -42.77 58.71
C LEU E 219 49.68 -44.13 58.23
N ALA E 220 48.72 -45.01 57.91
CA ALA E 220 48.96 -46.39 57.47
C ALA E 220 47.67 -46.94 56.78
N THR E 221 47.68 -48.18 56.21
CA THR E 221 46.48 -48.74 55.60
C THR E 221 45.90 -49.85 56.48
N SER E 222 44.58 -50.08 56.36
CA SER E 222 43.86 -51.08 57.15
C SER E 222 44.34 -52.50 56.87
N ASP E 223 44.64 -52.82 55.61
CA ASP E 223 45.09 -54.16 55.22
C ASP E 223 46.61 -54.35 55.22
N GLY E 224 47.38 -53.30 55.49
CA GLY E 224 48.83 -53.39 55.52
C GLY E 224 49.53 -53.09 54.21
N ARG E 225 48.76 -52.70 53.18
CA ARG E 225 49.35 -52.35 51.88
C ARG E 225 50.24 -51.11 52.02
N PRO E 226 51.42 -51.15 51.38
CA PRO E 226 52.35 -50.02 51.54
C PRO E 226 51.87 -48.71 50.94
N LEU E 227 52.43 -47.63 51.48
CA LEU E 227 52.23 -46.25 51.05
C LEU E 227 53.54 -45.83 50.40
N TYR E 228 53.46 -45.33 49.17
CA TYR E 228 54.65 -44.93 48.43
C TYR E 228 54.80 -43.43 48.49
N VAL E 229 55.66 -42.95 49.39
CA VAL E 229 55.86 -41.52 49.54
C VAL E 229 56.61 -40.98 48.35
N VAL E 230 55.95 -40.07 47.61
CA VAL E 230 56.53 -39.46 46.41
C VAL E 230 56.85 -37.98 46.57
N GLY E 231 56.30 -37.31 47.59
CA GLY E 231 56.55 -35.89 47.80
C GLY E 231 56.64 -35.47 49.25
N SER E 232 57.62 -34.61 49.59
CA SER E 232 57.79 -34.10 50.95
C SER E 232 57.23 -32.65 51.08
N ASP E 233 57.47 -31.96 52.21
CA ASP E 233 56.97 -30.62 52.49
C ASP E 233 57.02 -29.65 51.35
N GLY E 234 58.11 -29.66 50.59
CA GLY E 234 58.31 -28.73 49.50
C GLY E 234 58.85 -29.29 48.21
N GLY E 235 58.21 -30.33 47.71
CA GLY E 235 58.61 -30.92 46.43
C GLY E 235 58.71 -32.42 46.42
N LEU E 236 58.72 -33.01 45.22
CA LEU E 236 58.83 -34.44 45.08
C LEU E 236 60.20 -34.95 45.50
N LEU E 237 60.27 -36.21 45.90
CA LEU E 237 61.53 -36.84 46.26
C LEU E 237 62.30 -37.24 44.98
N GLY E 238 63.54 -37.70 45.14
CA GLY E 238 64.32 -38.17 44.01
C GLY E 238 63.77 -39.45 43.43
N GLU E 239 63.23 -40.30 44.31
CA GLU E 239 62.63 -41.59 43.99
C GLU E 239 61.64 -41.95 45.11
N PRO E 240 60.58 -42.72 44.80
CA PRO E 240 59.58 -43.04 45.85
C PRO E 240 60.11 -43.87 47.00
N VAL E 241 59.48 -43.73 48.18
CA VAL E 241 59.88 -44.46 49.38
C VAL E 241 58.74 -45.38 49.83
N LYS E 242 59.02 -46.69 49.89
CA LYS E 242 58.01 -47.67 50.31
C LYS E 242 57.94 -47.72 51.84
N LEU E 243 56.75 -47.43 52.40
CA LEU E 243 56.55 -47.40 53.85
C LEU E 243 55.29 -48.12 54.25
N THR E 244 55.29 -48.72 55.45
CA THR E 244 54.08 -49.31 56.00
C THR E 244 53.39 -48.26 56.90
N GLU E 245 54.20 -47.47 57.67
CA GLU E 245 53.75 -46.40 58.55
C GLU E 245 54.35 -45.06 58.10
N LEU E 246 53.55 -43.99 58.15
CA LEU E 246 53.99 -42.66 57.78
C LEU E 246 53.63 -41.64 58.85
N PRO E 247 54.59 -41.30 59.73
CA PRO E 247 54.32 -40.25 60.72
C PRO E 247 54.32 -38.88 60.05
N ILE E 248 53.35 -38.04 60.39
CA ILE E 248 53.25 -36.68 59.86
C ILE E 248 53.05 -35.66 60.99
N LEU E 249 53.93 -34.65 61.09
CA LEU E 249 53.84 -33.63 62.13
C LEU E 249 52.94 -32.45 61.74
N MET E 250 52.54 -31.64 62.73
CA MET E 250 51.67 -30.48 62.52
C MET E 250 52.25 -29.51 61.49
N GLY E 251 51.48 -29.21 60.46
CA GLY E 251 51.93 -28.31 59.41
C GLY E 251 52.65 -28.99 58.27
N GLU E 252 52.98 -30.30 58.42
CA GLU E 252 53.68 -31.04 57.38
C GLU E 252 52.74 -31.51 56.27
N ARG E 253 53.30 -31.77 55.07
CA ARG E 253 52.55 -32.27 53.92
C ARG E 253 53.31 -33.41 53.26
N PHE E 254 52.62 -34.50 52.93
CA PHE E 254 53.25 -35.62 52.25
C PHE E 254 52.37 -36.10 51.11
N GLU E 255 52.94 -36.26 49.91
CA GLU E 255 52.20 -36.76 48.76
C GLU E 255 52.52 -38.24 48.64
N VAL E 256 51.49 -39.09 48.63
CA VAL E 256 51.72 -40.53 48.57
C VAL E 256 50.97 -41.21 47.42
N LEU E 257 51.41 -42.42 47.03
CA LEU E 257 50.76 -43.22 45.99
C LEU E 257 50.30 -44.56 46.59
N VAL E 258 49.03 -44.94 46.31
CA VAL E 258 48.43 -46.20 46.78
C VAL E 258 47.99 -47.07 45.60
N ASP E 259 48.31 -48.37 45.67
CA ASP E 259 47.95 -49.32 44.62
C ASP E 259 46.49 -49.78 44.68
N THR E 260 45.61 -49.13 43.90
CA THR E 260 44.21 -49.51 43.87
C THR E 260 43.87 -50.51 42.75
N ARG E 261 44.90 -51.06 42.06
CA ARG E 261 44.75 -52.00 40.95
C ARG E 261 43.88 -53.22 41.28
N ASP E 262 44.03 -53.79 42.48
CA ASP E 262 43.25 -54.95 42.91
C ASP E 262 41.74 -54.66 43.15
N GLY E 263 41.35 -53.39 43.12
CA GLY E 263 39.96 -52.98 43.31
C GLY E 263 39.36 -53.20 44.69
N LYS E 264 40.16 -53.71 45.64
CA LYS E 264 39.70 -53.97 47.00
C LYS E 264 39.60 -52.68 47.78
N ALA E 265 38.51 -52.50 48.54
CA ALA E 265 38.34 -51.31 49.38
C ALA E 265 39.23 -51.43 50.63
N PHE E 266 39.73 -50.29 51.12
CA PHE E 266 40.61 -50.24 52.29
C PHE E 266 40.53 -48.88 52.99
N ASP E 267 41.05 -48.80 54.22
CA ASP E 267 41.03 -47.56 54.99
C ASP E 267 42.40 -46.95 55.18
N ILE E 268 42.45 -45.62 55.25
CA ILE E 268 43.65 -44.91 55.61
C ILE E 268 43.44 -44.71 57.11
N ILE E 269 44.29 -45.33 57.92
CA ILE E 269 44.16 -45.25 59.36
C ILE E 269 45.29 -44.45 60.01
N THR E 270 45.06 -43.98 61.23
CA THR E 270 46.09 -43.29 62.00
C THR E 270 46.34 -44.14 63.24
N LEU E 271 47.60 -44.49 63.43
CA LEU E 271 47.99 -45.32 64.55
C LEU E 271 48.28 -44.46 65.78
N PRO E 272 47.98 -44.98 66.99
CA PRO E 272 48.24 -44.19 68.19
C PRO E 272 49.72 -43.82 68.32
N VAL E 273 49.98 -42.53 68.56
CA VAL E 273 51.33 -42.01 68.68
C VAL E 273 51.74 -41.84 70.14
N LYS E 274 53.05 -41.83 70.43
CA LYS E 274 53.53 -41.65 71.79
C LYS E 274 53.79 -40.17 72.02
N GLN E 275 52.70 -39.41 72.15
CA GLN E 275 52.74 -37.98 72.39
C GLN E 275 51.75 -37.65 73.50
N MET E 276 52.18 -36.83 74.44
CA MET E 276 51.37 -36.43 75.58
C MET E 276 50.05 -35.80 75.17
N GLY E 277 48.97 -36.30 75.74
CA GLY E 277 47.60 -35.86 75.50
C GLY E 277 46.93 -36.47 74.29
N MET E 278 47.71 -37.13 73.43
CA MET E 278 47.19 -37.67 72.19
C MET E 278 46.74 -39.14 72.25
N THR E 279 46.88 -39.79 73.40
CA THR E 279 46.53 -41.20 73.54
C THR E 279 45.15 -41.47 74.10
N LEU E 280 44.27 -40.48 74.05
CA LEU E 280 42.91 -40.64 74.56
C LEU E 280 41.96 -41.00 73.39
N PRO E 281 40.84 -41.70 73.67
CA PRO E 281 39.90 -42.05 72.59
C PRO E 281 39.40 -40.83 71.83
N PRO E 282 39.15 -40.98 70.52
CA PRO E 282 39.23 -42.22 69.70
C PRO E 282 40.62 -42.65 69.27
N PHE E 283 41.65 -41.91 69.67
CA PHE E 283 43.01 -42.14 69.22
C PHE E 283 43.78 -43.17 70.01
N ASP E 284 43.18 -43.78 71.04
CA ASP E 284 43.81 -44.82 71.85
C ASP E 284 44.10 -46.12 71.07
N ARG E 285 43.39 -46.34 69.97
CA ARG E 285 43.59 -47.47 69.06
C ARG E 285 43.65 -46.98 67.58
N ALA E 286 43.94 -47.88 66.61
CA ALA E 286 44.02 -47.48 65.19
C ALA E 286 42.69 -46.89 64.74
N LEU E 287 42.74 -45.70 64.12
CA LEU E 287 41.52 -45.00 63.75
C LEU E 287 41.42 -44.74 62.26
N PRO E 288 40.40 -45.30 61.59
CA PRO E 288 40.24 -45.04 60.16
C PRO E 288 39.76 -43.61 59.92
N VAL E 289 40.52 -42.88 59.11
CA VAL E 289 40.20 -41.49 58.80
C VAL E 289 39.67 -41.29 57.38
N LEU E 290 39.85 -42.29 56.48
CA LEU E 290 39.37 -42.17 55.10
C LEU E 290 39.12 -43.54 54.46
N HIS E 291 37.89 -43.77 53.99
CA HIS E 291 37.57 -45.03 53.33
C HIS E 291 37.76 -44.94 51.83
N ILE E 292 38.67 -45.73 51.28
CA ILE E 292 38.92 -45.73 49.84
C ILE E 292 38.18 -46.86 49.17
N GLN E 293 37.24 -46.53 48.27
CA GLN E 293 36.48 -47.53 47.54
C GLN E 293 36.77 -47.42 46.04
N PRO E 294 37.53 -48.39 45.51
CA PRO E 294 37.86 -48.34 44.08
C PRO E 294 36.66 -48.60 43.15
N THR E 295 36.44 -47.69 42.18
CA THR E 295 35.35 -47.85 41.20
C THR E 295 35.84 -48.71 40.00
N LEU E 296 34.91 -49.12 39.12
CA LEU E 296 35.21 -49.96 37.97
C LEU E 296 36.14 -49.30 36.96
N LYS E 297 36.14 -47.95 36.89
CA LYS E 297 37.02 -47.23 35.96
C LYS E 297 38.49 -47.36 36.36
N SER E 298 39.40 -47.01 35.44
CA SER E 298 40.82 -47.11 35.70
C SER E 298 41.59 -45.86 35.17
N ASN E 299 42.86 -45.73 35.55
CA ASN E 299 43.70 -44.63 35.11
C ASN E 299 45.08 -45.18 34.75
N GLU E 300 45.73 -44.57 33.74
CA GLU E 300 47.03 -45.02 33.26
C GLU E 300 48.20 -44.44 34.04
N ALA E 301 47.97 -44.08 35.30
CA ALA E 301 49.02 -43.54 36.17
C ALA E 301 49.93 -44.68 36.62
N LYS E 302 51.21 -44.36 36.82
CA LYS E 302 52.20 -45.34 37.26
C LYS E 302 53.19 -44.72 38.26
N LEU E 303 53.80 -45.56 39.12
CA LEU E 303 54.79 -45.18 40.13
C LEU E 303 56.17 -45.14 39.47
N PRO E 304 56.67 -43.93 39.17
CA PRO E 304 57.96 -43.82 38.47
C PRO E 304 59.13 -44.39 39.25
N ASP E 305 60.13 -44.96 38.56
CA ASP E 305 61.32 -45.47 39.24
C ASP E 305 62.13 -44.30 39.84
N ALA E 306 62.16 -43.16 39.13
CA ALA E 306 62.81 -41.94 39.57
C ALA E 306 61.79 -40.83 39.36
N LEU E 307 61.55 -40.03 40.41
CA LEU E 307 60.57 -38.96 40.32
C LEU E 307 61.21 -37.71 39.71
N VAL E 308 61.99 -36.94 40.48
CA VAL E 308 62.64 -35.74 39.97
C VAL E 308 64.16 -35.73 40.33
N ASN E 309 64.91 -34.71 39.86
CA ASN E 309 66.32 -34.60 40.21
C ASN E 309 66.39 -34.07 41.64
N MET E 310 66.91 -34.88 42.57
CA MET E 310 67.08 -34.43 43.94
C MET E 310 68.54 -34.09 44.12
N PRO E 311 68.87 -32.80 44.21
CA PRO E 311 70.28 -32.42 44.40
C PRO E 311 70.86 -32.99 45.70
N ALA E 312 72.18 -33.19 45.74
CA ALA E 312 72.82 -33.64 46.97
C ALA E 312 72.91 -32.44 47.93
N VAL E 313 73.03 -32.73 49.23
CA VAL E 313 73.17 -31.67 50.23
C VAL E 313 74.56 -31.07 50.06
N PRO E 314 74.63 -29.78 49.69
CA PRO E 314 75.94 -29.17 49.49
C PRO E 314 76.80 -29.14 50.74
N ALA E 315 78.10 -29.30 50.55
CA ALA E 315 79.06 -29.28 51.63
C ALA E 315 79.33 -27.84 51.99
N ALA E 316 78.51 -27.29 52.87
CA ALA E 316 78.67 -25.93 53.33
C ALA E 316 79.84 -25.94 54.30
N ASP E 317 81.01 -25.47 53.85
CA ASP E 317 82.21 -25.61 54.66
C ASP E 317 82.32 -24.68 55.88
N ASN E 318 82.37 -23.36 55.68
CA ASN E 318 82.52 -22.46 56.80
C ASN E 318 81.34 -21.58 57.02
N VAL E 319 80.15 -22.14 56.81
CA VAL E 319 78.92 -21.39 56.93
C VAL E 319 78.61 -21.01 58.34
N LYS E 320 77.84 -19.92 58.49
CA LYS E 320 77.38 -19.45 59.77
C LYS E 320 76.44 -20.49 60.35
N THR E 321 76.52 -20.70 61.65
CA THR E 321 75.62 -21.59 62.36
C THR E 321 74.70 -20.73 63.23
N ARG E 322 73.63 -21.33 63.76
CA ARG E 322 72.70 -20.63 64.64
C ARG E 322 72.23 -21.63 65.66
N TRP E 323 72.31 -21.30 66.97
CA TRP E 323 71.77 -22.19 67.98
C TRP E 323 70.44 -21.66 68.40
N LEU E 324 69.37 -22.40 68.17
CA LEU E 324 68.05 -22.00 68.60
C LEU E 324 67.59 -22.92 69.70
N GLN E 325 67.64 -22.43 70.94
CA GLN E 325 67.27 -23.24 72.09
C GLN E 325 65.83 -23.04 72.50
N LEU E 326 64.99 -24.02 72.19
CA LEU E 326 63.59 -23.97 72.60
C LEU E 326 63.56 -24.24 74.10
N MET E 327 62.78 -23.46 74.83
CA MET E 327 62.69 -23.59 76.29
C MET E 327 61.25 -23.58 76.77
N MET E 328 60.94 -24.41 77.76
CA MET E 328 59.61 -24.41 78.36
C MET E 328 59.73 -24.17 79.86
N ASP E 329 58.80 -23.38 80.45
CA ASP E 329 58.92 -23.10 81.89
C ASP E 329 58.64 -24.37 82.65
N PRO E 330 59.62 -24.88 83.40
CA PRO E 330 59.41 -26.16 84.08
C PRO E 330 58.24 -26.15 85.03
N GLN E 331 58.03 -25.05 85.74
CA GLN E 331 56.92 -24.93 86.68
C GLN E 331 55.59 -24.98 85.92
N LEU E 332 55.46 -24.19 84.84
CA LEU E 332 54.21 -24.16 84.08
C LEU E 332 53.97 -25.49 83.36
N ASP E 333 55.04 -26.10 82.85
CA ASP E 333 55.02 -27.36 82.13
C ASP E 333 54.52 -28.46 83.08
N MET E 334 55.07 -28.50 84.31
CA MET E 334 54.70 -29.46 85.33
C MET E 334 53.22 -29.30 85.70
N MET E 335 52.76 -28.07 85.94
CA MET E 335 51.36 -27.82 86.28
C MET E 335 50.43 -28.26 85.18
N GLY E 336 50.83 -28.10 83.94
CA GLY E 336 50.02 -28.49 82.80
C GLY E 336 49.79 -29.98 82.75
N MET E 337 50.84 -30.75 83.01
CA MET E 337 50.77 -32.20 83.00
C MET E 337 49.97 -32.69 84.19
N GLN E 338 50.13 -32.05 85.35
CA GLN E 338 49.36 -32.40 86.54
C GLN E 338 47.86 -32.16 86.28
N MET E 339 47.53 -31.04 85.66
CA MET E 339 46.17 -30.69 85.34
C MET E 339 45.59 -31.57 84.24
N MET E 340 46.43 -31.98 83.29
CA MET E 340 46.01 -32.86 82.21
C MET E 340 45.67 -34.23 82.79
N MET E 341 46.56 -34.76 83.65
CA MET E 341 46.37 -36.05 84.31
C MET E 341 45.11 -36.06 85.16
N GLN E 342 44.83 -34.95 85.84
CA GLN E 342 43.68 -34.85 86.70
C GLN E 342 42.38 -34.81 85.87
N ARG E 343 42.37 -34.01 84.79
CA ARG E 343 41.18 -33.84 83.95
C ARG E 343 40.89 -35.01 83.03
N TYR E 344 41.94 -35.66 82.49
CA TYR E 344 41.76 -36.73 81.51
C TYR E 344 42.19 -38.13 81.93
N GLY E 345 42.84 -38.24 83.08
CA GLY E 345 43.31 -39.54 83.54
C GLY E 345 44.75 -39.83 83.18
N MET E 346 45.33 -40.86 83.79
CA MET E 346 46.72 -41.24 83.57
C MET E 346 47.05 -41.69 82.15
N ALA E 347 46.03 -42.05 81.37
CA ALA E 347 46.21 -42.47 79.98
C ALA E 347 46.79 -41.32 79.13
N SER E 348 46.40 -40.08 79.47
CA SER E 348 46.83 -38.85 78.81
C SER E 348 48.35 -38.74 78.75
N MET E 349 49.08 -39.21 79.76
CA MET E 349 50.53 -39.14 79.79
C MET E 349 51.26 -40.04 78.81
N ALA E 350 50.53 -40.87 78.03
CA ALA E 350 51.13 -41.78 77.05
C ALA E 350 52.37 -42.57 77.56
N GLY E 351 52.37 -42.94 78.85
CA GLY E 351 53.45 -43.71 79.45
C GLY E 351 54.75 -42.95 79.62
N MET E 352 54.68 -41.73 80.18
CA MET E 352 55.84 -40.87 80.32
C MET E 352 55.97 -40.21 81.74
N ASP E 353 56.98 -39.32 81.93
CA ASP E 353 57.25 -38.63 83.20
C ASP E 353 56.94 -37.12 83.10
N MET E 393 65.57 -17.14 84.21
CA MET E 393 65.57 -18.44 84.87
C MET E 393 64.14 -19.05 84.93
N SER E 394 63.26 -18.57 85.84
CA SER E 394 61.87 -18.99 85.95
C SER E 394 61.03 -18.00 85.18
N ALA E 395 60.08 -18.48 84.37
CA ALA E 395 59.21 -17.58 83.59
C ALA E 395 58.09 -17.00 84.45
N GLY E 396 58.34 -16.81 85.75
CA GLY E 396 57.35 -16.39 86.74
C GLY E 396 56.23 -17.41 86.73
N TYR E 397 55.01 -16.94 86.63
CA TYR E 397 53.92 -17.88 86.35
C TYR E 397 53.12 -17.43 85.13
N ASP E 398 53.79 -16.67 84.21
CA ASP E 398 53.29 -16.05 83.00
C ASP E 398 53.01 -17.10 81.96
N PHE E 399 51.88 -17.78 82.06
CA PHE E 399 51.56 -18.87 81.15
C PHE E 399 51.53 -18.46 79.66
N MET E 400 51.19 -17.22 79.37
CA MET E 400 51.20 -16.74 77.99
C MET E 400 52.60 -16.43 77.45
N HIS E 401 53.61 -16.38 78.31
CA HIS E 401 54.99 -16.11 77.91
C HIS E 401 55.98 -17.06 78.61
N GLY E 402 55.56 -18.30 78.84
CA GLY E 402 56.39 -19.28 79.51
C GLY E 402 57.25 -20.12 78.59
N ASN E 403 56.88 -20.18 77.32
CA ASN E 403 57.65 -20.95 76.33
C ASN E 403 58.44 -19.96 75.53
N LYS E 404 59.72 -20.20 75.38
CA LYS E 404 60.64 -19.25 74.77
C LYS E 404 61.62 -19.92 73.80
N ILE E 405 62.43 -19.10 73.12
CA ILE E 405 63.52 -19.51 72.25
C ILE E 405 64.68 -18.61 72.66
N ASN E 406 65.81 -19.20 73.08
CA ASN E 406 67.01 -18.49 73.49
C ASN E 406 66.76 -17.52 74.62
N GLY E 407 65.89 -17.90 75.55
CA GLY E 407 65.58 -17.08 76.70
C GLY E 407 64.50 -16.03 76.50
N ILE E 408 64.10 -15.79 75.25
CA ILE E 408 63.09 -14.79 74.95
C ILE E 408 61.77 -15.36 74.45
N ALA E 409 60.65 -14.95 75.06
CA ALA E 409 59.33 -15.34 74.59
C ALA E 409 59.04 -14.32 73.52
N PHE E 410 58.90 -14.75 72.26
CA PHE E 410 58.71 -13.93 71.06
C PHE E 410 58.50 -12.41 71.24
N ASP E 411 59.53 -11.63 70.92
CA ASP E 411 59.48 -10.18 70.96
C ASP E 411 59.49 -9.74 69.48
N MET E 412 58.35 -9.30 68.94
CA MET E 412 58.22 -8.88 67.55
C MET E 412 59.16 -7.76 67.16
N ALA E 413 59.42 -6.86 68.11
CA ALA E 413 60.30 -5.71 67.91
C ALA E 413 61.79 -6.05 67.88
N LYS E 414 62.17 -7.24 68.37
CA LYS E 414 63.58 -7.60 68.40
C LYS E 414 63.92 -8.89 67.66
N PRO E 415 64.21 -8.78 66.35
CA PRO E 415 64.65 -9.97 65.60
C PRO E 415 66.02 -10.41 66.10
N MET E 416 66.22 -11.73 66.20
CA MET E 416 67.45 -12.27 66.75
C MET E 416 68.69 -12.05 65.94
N PHE E 417 68.60 -12.05 64.62
CA PHE E 417 69.78 -11.88 63.78
C PHE E 417 69.41 -11.55 62.33
N ASP E 418 70.43 -11.16 61.54
CA ASP E 418 70.26 -10.89 60.13
C ASP E 418 71.05 -11.90 59.34
N VAL E 419 70.45 -12.45 58.29
CA VAL E 419 71.10 -13.43 57.43
C VAL E 419 71.36 -12.79 56.08
N LYS E 420 72.54 -13.02 55.51
CA LYS E 420 72.86 -12.50 54.19
C LYS E 420 72.10 -13.36 53.17
N ARG E 421 71.32 -12.71 52.28
CA ARG E 421 70.54 -13.40 51.26
C ARG E 421 71.41 -14.31 50.38
N GLY E 422 70.87 -15.46 50.03
CA GLY E 422 71.54 -16.40 49.17
C GLY E 422 72.74 -17.11 49.77
N THR E 423 72.88 -17.07 51.10
CA THR E 423 73.97 -17.76 51.77
C THR E 423 73.46 -18.96 52.55
N TYR E 424 74.27 -19.99 52.64
CA TYR E 424 73.89 -21.18 53.39
C TYR E 424 74.18 -21.00 54.88
N GLU E 425 73.35 -21.58 55.72
CA GLU E 425 73.53 -21.56 57.16
C GLU E 425 73.15 -22.92 57.75
N LYS E 426 73.82 -23.29 58.83
CA LYS E 426 73.60 -24.57 59.48
C LYS E 426 72.94 -24.30 60.84
N TRP E 427 71.61 -24.42 60.90
CA TRP E 427 70.86 -24.12 62.12
C TRP E 427 70.64 -25.35 63.00
N THR E 428 71.02 -25.26 64.27
CA THR E 428 70.76 -26.34 65.23
C THR E 428 69.62 -25.88 66.15
N ILE E 429 68.51 -26.61 66.15
CA ILE E 429 67.38 -26.31 67.01
C ILE E 429 67.32 -27.38 68.08
N SER E 430 67.38 -26.98 69.34
CA SER E 430 67.41 -27.93 70.43
C SER E 430 66.16 -27.93 71.29
N GLY E 431 65.81 -29.11 71.76
CA GLY E 431 64.66 -29.30 72.62
C GLY E 431 64.97 -30.10 73.85
N GLU E 432 66.25 -30.08 74.30
CA GLU E 432 66.67 -30.78 75.52
C GLU E 432 66.00 -30.11 76.74
N GLY E 433 66.00 -30.77 77.87
CA GLY E 433 65.40 -30.22 79.09
C GLY E 433 63.94 -29.84 78.90
N ASP E 434 63.24 -30.74 78.21
CA ASP E 434 61.88 -30.61 77.78
C ASP E 434 61.57 -31.92 77.02
N MET E 435 60.44 -32.57 77.34
CA MET E 435 60.08 -33.80 76.62
C MET E 435 58.99 -33.63 75.54
N MET E 436 58.44 -32.41 75.42
CA MET E 436 57.38 -32.13 74.45
C MET E 436 57.85 -32.22 72.99
N LEU E 437 56.89 -32.37 72.05
CA LEU E 437 57.13 -32.47 70.62
C LEU E 437 57.09 -31.08 70.01
N HIS E 438 58.13 -30.73 69.27
CA HIS E 438 58.23 -29.42 68.65
C HIS E 438 58.51 -29.50 67.17
N PRO E 439 57.49 -29.50 66.31
CA PRO E 439 57.75 -29.48 64.86
C PRO E 439 58.21 -28.06 64.48
N PHE E 440 59.51 -27.84 64.34
CA PHE E 440 60.05 -26.51 64.06
C PHE E 440 59.88 -26.04 62.63
N HIS E 441 59.02 -25.04 62.41
CA HIS E 441 58.79 -24.47 61.09
C HIS E 441 59.63 -23.20 60.88
N ILE E 442 60.26 -23.06 59.68
CA ILE E 442 61.05 -21.89 59.30
C ILE E 442 60.43 -21.21 58.07
N HIS E 443 60.14 -19.92 58.17
CA HIS E 443 59.50 -19.20 57.07
C HIS E 443 60.46 -18.85 55.94
N GLY E 444 59.90 -18.62 54.74
CA GLY E 444 60.61 -18.18 53.54
C GLY E 444 61.68 -19.06 52.93
N THR E 445 61.65 -20.37 53.21
CA THR E 445 62.65 -21.28 52.65
C THR E 445 62.16 -22.73 52.66
N GLN E 446 62.88 -23.58 51.94
CA GLN E 446 62.73 -25.02 51.96
C GLN E 446 64.14 -25.50 52.26
N PHE E 447 64.29 -26.31 53.29
CA PHE E 447 65.61 -26.74 53.71
C PHE E 447 65.82 -28.25 53.62
N ARG E 448 67.07 -28.68 53.86
CA ARG E 448 67.42 -30.09 53.88
C ARG E 448 67.78 -30.41 55.32
N ILE E 449 67.17 -31.44 55.89
CA ILE E 449 67.47 -31.82 57.26
C ILE E 449 68.80 -32.56 57.26
N LEU E 450 69.75 -32.14 58.09
CA LEU E 450 71.03 -32.83 58.20
C LEU E 450 70.91 -33.89 59.30
N SER E 451 70.30 -33.51 60.43
CA SER E 451 70.08 -34.42 61.54
C SER E 451 68.69 -34.14 62.07
N GLU E 452 67.90 -35.20 62.30
CA GLU E 452 66.58 -35.03 62.87
C GLU E 452 66.54 -35.73 64.21
N ASN E 453 66.68 -34.96 65.28
CA ASN E 453 66.64 -35.46 66.64
C ASN E 453 67.74 -36.48 66.93
N GLY E 454 68.94 -36.22 66.43
CA GLY E 454 70.08 -37.11 66.66
C GLY E 454 70.39 -37.98 65.46
N LYS E 455 69.46 -38.85 65.09
CA LYS E 455 69.62 -39.74 63.95
C LYS E 455 69.45 -38.94 62.64
N PRO E 456 70.05 -39.41 61.51
CA PRO E 456 69.85 -38.71 60.23
C PRO E 456 68.40 -38.77 59.76
N PRO E 457 67.99 -37.92 58.81
CA PRO E 457 66.59 -37.94 58.38
C PRO E 457 66.20 -39.26 57.73
N ALA E 458 64.93 -39.62 57.88
CA ALA E 458 64.39 -40.81 57.24
C ALA E 458 64.39 -40.59 55.71
N ALA E 459 64.41 -41.67 54.92
CA ALA E 459 64.43 -41.60 53.46
C ALA E 459 63.51 -40.52 52.84
N HIS E 460 62.23 -40.47 53.24
CA HIS E 460 61.28 -39.49 52.71
C HIS E 460 61.40 -38.10 53.34
N ARG E 461 61.97 -38.04 54.53
CA ARG E 461 62.16 -36.78 55.23
C ARG E 461 63.48 -36.06 54.83
N SER E 462 64.32 -36.70 54.02
CA SER E 462 65.59 -36.12 53.58
C SER E 462 65.50 -35.21 52.32
N GLY E 463 64.28 -34.94 51.86
CA GLY E 463 64.09 -34.09 50.69
C GLY E 463 63.97 -32.64 51.05
N TRP E 464 62.95 -31.97 50.49
CA TRP E 464 62.69 -30.57 50.75
C TRP E 464 61.63 -30.41 51.83
N LYS E 465 62.01 -29.88 52.99
CA LYS E 465 61.09 -29.73 54.12
C LYS E 465 61.07 -28.30 54.63
N ASP E 466 60.01 -27.92 55.35
CA ASP E 466 59.89 -26.62 56.02
C ASP E 466 59.66 -26.77 57.55
N THR E 467 59.42 -28.00 58.02
CA THR E 467 59.20 -28.37 59.41
C THR E 467 60.18 -29.52 59.76
N VAL E 468 60.80 -29.48 60.96
CA VAL E 468 61.74 -30.50 61.42
C VAL E 468 61.41 -30.95 62.85
N ARG E 469 61.42 -32.26 63.11
CA ARG E 469 61.08 -32.78 64.44
C ARG E 469 62.14 -32.46 65.47
N VAL E 470 61.72 -31.84 66.57
CA VAL E 470 62.59 -31.53 67.71
C VAL E 470 61.82 -32.05 68.94
N GLU E 471 62.27 -33.17 69.52
CA GLU E 471 61.58 -33.79 70.63
C GLU E 471 62.58 -34.37 71.62
N GLY E 472 62.89 -33.62 72.67
CA GLY E 472 63.82 -34.07 73.69
C GLY E 472 65.29 -34.02 73.32
N TRP E 473 65.59 -33.80 72.04
CA TRP E 473 66.97 -33.70 71.57
C TRP E 473 67.15 -32.56 70.54
N ARG E 474 68.27 -32.52 69.80
CA ARG E 474 68.54 -31.45 68.86
C ARG E 474 68.58 -31.91 67.40
N SER E 475 68.07 -31.05 66.53
CA SER E 475 68.04 -31.26 65.08
C SER E 475 68.88 -30.19 64.36
N GLU E 476 69.45 -30.54 63.22
CA GLU E 476 70.27 -29.61 62.45
C GLU E 476 69.75 -29.52 61.01
N VAL E 477 69.58 -28.31 60.49
CA VAL E 477 69.10 -28.12 59.13
C VAL E 477 70.01 -27.22 58.31
N LEU E 478 70.03 -27.40 56.98
CA LEU E 478 70.83 -26.55 56.11
C LEU E 478 69.88 -25.61 55.38
N VAL E 479 69.93 -24.32 55.75
CA VAL E 479 69.01 -23.33 55.19
C VAL E 479 69.69 -22.31 54.27
N LYS E 480 68.92 -21.71 53.37
CA LYS E 480 69.39 -20.66 52.46
C LYS E 480 68.19 -19.80 52.10
N PHE E 481 68.28 -18.51 52.39
CA PHE E 481 67.16 -17.61 52.15
C PHE E 481 67.40 -16.81 50.89
N ASP E 482 66.77 -17.21 49.77
CA ASP E 482 66.91 -16.54 48.48
C ASP E 482 66.09 -15.24 48.35
N HIS E 483 65.26 -14.92 49.36
CA HIS E 483 64.43 -13.72 49.31
C HIS E 483 64.62 -12.91 50.58
N GLU E 484 64.62 -11.58 50.45
CA GLU E 484 64.80 -10.67 51.57
C GLU E 484 63.59 -10.60 52.52
N ALA E 485 63.84 -10.14 53.75
CA ALA E 485 62.82 -9.94 54.77
C ALA E 485 63.32 -8.83 55.67
N PRO E 486 62.77 -7.62 55.53
CA PRO E 486 63.25 -6.49 56.33
C PRO E 486 62.77 -6.49 57.79
N LYS E 487 63.26 -5.57 58.62
CA LYS E 487 62.83 -5.50 60.02
C LYS E 487 61.31 -5.34 60.16
N GLU E 488 60.71 -4.60 59.22
CA GLU E 488 59.29 -4.26 59.13
C GLU E 488 58.41 -5.43 58.70
N ARG E 489 58.96 -6.39 57.95
CA ARG E 489 58.24 -7.59 57.51
C ARG E 489 59.22 -8.75 57.64
N ALA E 490 59.68 -9.04 58.86
CA ALA E 490 60.66 -10.08 59.11
C ALA E 490 60.12 -11.50 59.02
N TYR E 491 61.02 -12.47 58.73
CA TYR E 491 60.66 -13.88 58.70
C TYR E 491 60.50 -14.41 60.14
N MET E 492 59.82 -15.54 60.29
CA MET E 492 59.63 -16.15 61.60
C MET E 492 60.06 -17.60 61.56
N ALA E 493 60.45 -18.13 62.71
CA ALA E 493 60.78 -19.53 62.90
C ALA E 493 60.16 -19.87 64.24
N HIS E 494 59.31 -20.90 64.27
CA HIS E 494 58.57 -21.20 65.49
C HIS E 494 58.20 -22.67 65.62
N CYS E 495 57.68 -23.04 66.78
CA CYS E 495 57.18 -24.39 66.98
C CYS E 495 55.80 -24.44 66.35
N HIS E 496 55.51 -25.49 65.54
CA HIS E 496 54.20 -25.60 64.91
C HIS E 496 53.13 -26.24 65.79
N LEU E 497 53.47 -26.55 67.06
CA LEU E 497 52.49 -26.96 68.06
C LEU E 497 51.95 -25.57 68.46
N LEU E 498 50.88 -25.13 67.78
CA LEU E 498 50.33 -23.79 67.86
C LEU E 498 50.24 -23.16 69.25
N GLU E 499 49.95 -23.96 70.28
CA GLU E 499 49.85 -23.42 71.65
C GLU E 499 51.22 -23.02 72.20
N HIS E 500 52.29 -23.72 71.78
CA HIS E 500 53.65 -23.36 72.17
C HIS E 500 54.01 -22.05 71.48
N GLU E 501 53.63 -21.90 70.20
CA GLU E 501 53.87 -20.70 69.42
C GLU E 501 53.17 -19.51 70.07
N ASP E 502 51.88 -19.66 70.39
CA ASP E 502 51.08 -18.62 71.01
C ASP E 502 51.52 -18.21 72.40
N THR E 503 52.18 -19.14 73.10
CA THR E 503 52.65 -18.86 74.43
C THR E 503 54.13 -18.45 74.46
N GLY E 504 54.73 -18.15 73.30
CA GLY E 504 56.07 -17.61 73.25
C GLY E 504 57.16 -18.31 72.48
N MET E 505 56.93 -19.54 71.97
CA MET E 505 57.99 -20.27 71.25
C MET E 505 58.13 -19.82 69.80
N MET E 506 58.53 -18.57 69.59
CA MET E 506 58.70 -18.01 68.26
C MET E 506 59.82 -16.99 68.28
N MET E 507 60.51 -16.89 67.15
CA MET E 507 61.55 -15.89 66.98
C MET E 507 61.49 -15.33 65.58
N SER E 508 61.87 -14.08 65.43
CA SER E 508 61.92 -13.45 64.13
C SER E 508 63.38 -13.17 63.72
N PHE E 509 63.60 -13.07 62.42
CA PHE E 509 64.93 -12.80 61.89
C PHE E 509 64.81 -12.11 60.54
N THR E 510 65.80 -11.28 60.19
CA THR E 510 65.78 -10.56 58.92
C THR E 510 66.75 -11.16 57.90
N VAL E 511 66.48 -10.94 56.60
CA VAL E 511 67.36 -11.41 55.54
C VAL E 511 67.58 -10.23 54.60
N SER E 512 68.85 -9.85 54.36
CA SER E 512 69.17 -8.69 53.53
C SER E 512 70.35 -8.91 52.56
CU CU F . -17.80 42.59 -24.28
CU CU G . -26.81 51.21 -20.64
C1 EDO H . -1.64 59.09 -40.51
O1 EDO H . -0.66 60.06 -40.86
C2 EDO H . -1.36 58.56 -39.13
O2 EDO H . -1.39 57.14 -39.13
CU CU I . -16.81 -17.25 -7.90
CU CU J . -4.88 -18.32 -2.78
C1 EDO K . -27.12 -11.91 4.59
O1 EDO K . -28.19 -11.11 4.09
C2 EDO K . -27.51 -12.67 5.87
O2 EDO K . -26.88 -13.95 5.96
C1 EDO L . -32.45 -28.63 12.06
O1 EDO L . -32.37 -27.77 10.92
C2 EDO L . -31.25 -28.50 12.95
O2 EDO L . -31.63 -28.10 14.27
CU CU M . -15.58 16.01 -71.08
CU CU N . -23.14 8.68 -78.43
C1 EDO O . 1.38 25.92 -89.29
O1 EDO O . 1.41 26.70 -88.10
C2 EDO O . 2.80 25.57 -89.76
O2 EDO O . 3.25 24.32 -89.27
CU CU P . -3.26 -17.85 38.44
CU CU Q . -3.05 -26.89 29.55
C1 EDO R . -25.13 -27.80 55.55
O1 EDO R . -26.50 -27.46 55.75
C2 EDO R . -24.50 -26.96 54.44
O2 EDO R . -23.13 -26.67 54.71
CU CU S . 52.26 -23.15 59.02
CU CU T . 56.68 -26.85 70.72
C1 EDO U . 72.70 -9.21 49.47
O1 EDO U . 73.24 -10.53 49.46
C2 EDO U . 73.60 -8.26 50.25
O2 EDO U . 72.83 -7.22 50.83
#